data_4Y8V
#
_entry.id   4Y8V
#
_cell.length_a   106.470
_cell.length_b   110.990
_cell.length_c   126.720
_cell.angle_alpha   90.00
_cell.angle_beta   90.00
_cell.angle_gamma   90.00
#
_symmetry.space_group_name_H-M   'P 21 21 21'
#
loop_
_entity.id
_entity.type
_entity.pdbx_description
1 polymer 'alpha subunit of acetyl-CoA synthetase (NDP forming)'
2 polymer 'beta subunit of acetyl-CoA synthetase (NDP forming)'
3 non-polymer "ADENOSINE-5'-DIPHOSPHATE"
4 non-polymer 'MAGNESIUM ION'
5 water water
#
loop_
_entity_poly.entity_id
_entity_poly.type
_entity_poly.pdbx_seq_one_letter_code
_entity_poly.pdbx_strand_id
1 'polypeptide(L)'
;MNDLERLFNPSAIAVVGASKDPSKIGSQILRNLLSYGFKGKVYPINPTADELMGLKCYPKVSDVPDKVDVAVISVPSDKV
LGVIDDCGKAGVKFAVVITSGFKEVGNEELEEELVRRAHSYGMRVLGPNIFGYLYAPARLNATFGPKDVLSGNVAFISQS
GALGIALMGYTVVENIGISSIVSVGNKADLDDVDLLDFFDKDPNTGVIMIYLEGIAPGRGRMFIDVASRVSLRKPIIVIK
AGRTEVGARAAASHTGSIAGSVAIYESAFKQSGILMAKSVEDAFDWTKALSWNPIPEGERLIVLTNGGGAGVQSTDTFAD
NGIYLSKPPESLIQEIKKFVPPFASFANPIDITGMAPDDWYYMGTLAALKNPDVDALTVLYCQTAVTTPIGVAKGIVDAI
KEAGNSKPVTVGMVGGPEVAEAVSFLNKQRIAAYPTPERASSAMSALYAYARARSYVMKSLAVR
;
A,C
2 'polypeptide(L)'
;MSSRDLLLKAKENGRKSLLEHEAKYFISSYGIPVTNIRLAKSEEEAVNFSREIGFPVVLKIVSPQVVHKSDVGGVKVNLR
SEEEVRKAYREIIENVKRNVPNAEIEGILVQEFAPPGVELIIGLLRDPQFGPTVMFGLGGVFVELFRDVSFRVAPLSEQD
AESMIKEVKAYKLLTGFRGMEPVDIEAIKDALIRAGRIGVENEEIAEMDLNPVIAYPKGIKVVDARIILR
;
B,D
#
loop_
_chem_comp.id
_chem_comp.type
_chem_comp.name
_chem_comp.formula
ADP non-polymer ADENOSINE-5'-DIPHOSPHATE 'C10 H15 N5 O10 P2'
MG non-polymer 'MAGNESIUM ION' 'Mg 2'
#
# COMPACT_ATOMS: atom_id res chain seq x y z
N MET A 1 18.31 -14.07 37.26
CA MET A 1 18.13 -12.69 36.72
C MET A 1 17.52 -12.71 35.32
N ASN A 2 17.44 -13.89 34.71
CA ASN A 2 16.92 -14.03 33.35
C ASN A 2 15.57 -14.72 33.31
N ASP A 3 15.15 -15.26 34.44
CA ASP A 3 13.85 -15.93 34.56
C ASP A 3 12.80 -14.94 35.08
N LEU A 4 11.71 -14.77 34.33
CA LEU A 4 10.69 -13.79 34.67
C LEU A 4 9.44 -14.42 35.29
N GLU A 5 9.55 -15.68 35.67
CA GLU A 5 8.42 -16.42 36.23
C GLU A 5 7.83 -15.69 37.43
N ARG A 6 8.69 -15.14 38.29
CA ARG A 6 8.23 -14.53 39.53
C ARG A 6 7.94 -13.05 39.38
N LEU A 7 8.16 -12.50 38.19
CA LEU A 7 7.64 -11.19 37.85
C LEU A 7 6.16 -11.32 37.54
N PHE A 8 5.82 -12.29 36.69
CA PHE A 8 4.43 -12.45 36.25
C PHE A 8 3.60 -13.25 37.24
N ASN A 9 4.28 -14.08 38.04
CA ASN A 9 3.63 -14.94 39.03
C ASN A 9 4.29 -14.81 40.40
N PRO A 10 4.23 -13.61 41.00
CA PRO A 10 4.86 -13.33 42.29
C PRO A 10 4.04 -13.85 43.46
N SER A 11 4.69 -14.12 44.59
CA SER A 11 4.00 -14.47 45.83
C SER A 11 3.68 -13.21 46.61
N ALA A 12 4.51 -12.19 46.44
CA ALA A 12 4.39 -10.95 47.20
C ALA A 12 4.76 -9.74 46.35
N ILE A 13 3.93 -8.71 46.44
CA ILE A 13 4.15 -7.47 45.70
C ILE A 13 4.06 -6.29 46.65
N ALA A 14 5.02 -5.38 46.55
CA ALA A 14 5.01 -4.14 47.31
C ALA A 14 4.62 -3.01 46.38
N VAL A 15 3.82 -2.08 46.87
CA VAL A 15 3.46 -0.88 46.11
C VAL A 15 4.00 0.34 46.84
N VAL A 16 5.03 0.95 46.27
CA VAL A 16 5.68 2.11 46.87
C VAL A 16 5.15 3.38 46.22
N GLY A 17 4.50 4.24 47.02
CA GLY A 17 3.96 5.49 46.52
C GLY A 17 2.45 5.60 46.68
N ALA A 18 1.84 4.58 47.28
CA ALA A 18 0.41 4.60 47.56
C ALA A 18 0.13 5.44 48.79
N SER A 19 -1.04 6.07 48.84
CA SER A 19 -1.41 6.90 49.99
C SER A 19 -2.92 6.97 50.17
N LYS A 20 -3.35 7.72 51.17
CA LYS A 20 -4.76 7.91 51.44
C LYS A 20 -5.38 8.77 50.35
N ASP A 21 -4.54 9.44 49.58
CA ASP A 21 -5.00 10.22 48.45
C ASP A 21 -5.33 9.27 47.30
N PRO A 22 -6.62 9.12 46.94
CA PRO A 22 -6.96 8.17 45.88
C PRO A 22 -6.47 8.57 44.49
N SER A 23 -6.06 9.83 44.33
CA SER A 23 -5.67 10.36 43.02
C SER A 23 -4.20 10.10 42.66
N LYS A 24 -3.38 9.75 43.64
CA LYS A 24 -1.98 9.43 43.36
C LYS A 24 -1.88 8.13 42.58
N ILE A 25 -0.93 8.08 41.66
CA ILE A 25 -0.73 6.92 40.79
C ILE A 25 -0.54 5.64 41.59
N GLY A 26 0.29 5.69 42.62
CA GLY A 26 0.53 4.54 43.48
C GLY A 26 -0.76 4.00 44.04
N SER A 27 -1.66 4.90 44.40
CA SER A 27 -2.96 4.50 44.96
C SER A 27 -3.84 3.86 43.89
N GLN A 28 -3.77 4.38 42.67
CA GLN A 28 -4.52 3.81 41.56
C GLN A 28 -4.06 2.38 41.28
N ILE A 29 -2.75 2.17 41.34
CA ILE A 29 -2.17 0.84 41.11
C ILE A 29 -2.63 -0.13 42.20
N LEU A 30 -2.54 0.29 43.45
CA LEU A 30 -2.96 -0.54 44.56
C LEU A 30 -4.44 -0.93 44.44
N ARG A 31 -5.26 0.04 44.03
CA ARG A 31 -6.69 -0.17 43.87
C ARG A 31 -6.96 -1.21 42.78
N ASN A 32 -6.27 -1.09 41.65
CA ASN A 32 -6.41 -2.08 40.58
C ASN A 32 -5.98 -3.48 41.03
N LEU A 33 -4.90 -3.55 41.80
CA LEU A 33 -4.40 -4.84 42.28
C LEU A 33 -5.45 -5.57 43.12
N LEU A 34 -6.12 -4.85 44.02
CA LEU A 34 -7.17 -5.46 44.83
C LEU A 34 -8.42 -5.72 44.01
N SER A 35 -8.79 -4.77 43.15
CA SER A 35 -10.00 -4.90 42.36
C SER A 35 -9.96 -6.11 41.43
N TYR A 36 -8.81 -6.32 40.79
CA TYR A 36 -8.65 -7.37 39.79
C TYR A 36 -8.51 -8.75 40.42
N GLY A 37 -8.15 -8.80 41.70
CA GLY A 37 -8.27 -10.02 42.49
C GLY A 37 -6.98 -10.77 42.77
N PHE A 38 -5.88 -10.06 42.97
CA PHE A 38 -4.60 -10.73 43.26
C PHE A 38 -4.69 -11.54 44.56
N LYS A 39 -4.23 -12.79 44.51
CA LYS A 39 -4.39 -13.71 45.62
C LYS A 39 -3.16 -13.83 46.53
N GLY A 40 -2.02 -13.35 46.07
CA GLY A 40 -0.82 -13.34 46.89
C GLY A 40 -0.86 -12.17 47.88
N LYS A 41 0.28 -11.88 48.50
CA LYS A 41 0.35 -10.79 49.47
C LYS A 41 0.65 -9.45 48.81
N VAL A 42 -0.07 -8.42 49.25
CA VAL A 42 0.16 -7.05 48.78
C VAL A 42 0.61 -6.19 49.95
N TYR A 43 1.72 -5.48 49.77
CA TYR A 43 2.31 -4.67 50.83
C TYR A 43 2.40 -3.19 50.46
N PRO A 44 1.38 -2.41 50.82
CA PRO A 44 1.49 -0.95 50.61
C PRO A 44 2.67 -0.37 51.39
N ILE A 45 3.48 0.44 50.72
CA ILE A 45 4.61 1.11 51.37
C ILE A 45 4.36 2.62 51.41
N ASN A 46 4.39 3.17 52.62
CA ASN A 46 4.09 4.57 52.86
C ASN A 46 4.67 4.97 54.22
N PRO A 47 5.27 6.18 54.30
CA PRO A 47 5.97 6.57 55.54
C PRO A 47 5.09 6.66 56.79
N THR A 48 3.86 7.13 56.66
CA THR A 48 3.01 7.45 57.81
C THR A 48 1.81 6.51 58.00
N ALA A 49 1.18 6.12 56.90
CA ALA A 49 -0.02 5.30 56.97
C ALA A 49 0.22 4.01 57.73
N ASP A 50 -0.69 3.68 58.64
CA ASP A 50 -0.67 2.41 59.34
C ASP A 50 -1.43 1.36 58.52
N GLU A 51 -2.29 1.87 57.64
CA GLU A 51 -3.20 1.05 56.85
C GLU A 51 -3.58 1.73 55.54
N LEU A 52 -3.58 0.96 54.46
CA LEU A 52 -4.15 1.42 53.20
C LEU A 52 -5.03 0.34 52.59
N MET A 53 -6.28 0.71 52.33
CA MET A 53 -7.29 -0.19 51.76
C MET A 53 -7.41 -1.48 52.56
N GLY A 54 -7.26 -1.37 53.88
CA GLY A 54 -7.43 -2.49 54.78
C GLY A 54 -6.24 -3.41 54.87
N LEU A 55 -5.12 -3.01 54.28
CA LEU A 55 -3.90 -3.81 54.31
C LEU A 55 -2.84 -3.15 55.16
N LYS A 56 -2.14 -3.95 55.97
CA LYS A 56 -1.09 -3.41 56.81
C LYS A 56 -0.04 -2.72 55.93
N CYS A 57 0.31 -1.49 56.31
CA CYS A 57 1.26 -0.70 55.54
C CYS A 57 2.61 -0.65 56.26
N TYR A 58 3.69 -0.49 55.51
CA TYR A 58 5.03 -0.38 56.09
C TYR A 58 5.78 0.85 55.56
N PRO A 59 6.71 1.40 56.34
CA PRO A 59 7.47 2.55 55.85
C PRO A 59 8.50 2.15 54.78
N LYS A 60 9.02 0.94 54.88
CA LYS A 60 10.01 0.43 53.93
C LYS A 60 9.72 -0.99 53.49
N VAL A 61 10.10 -1.32 52.26
CA VAL A 61 10.01 -2.68 51.76
C VAL A 61 10.81 -3.62 52.66
N SER A 62 11.95 -3.14 53.15
CA SER A 62 12.82 -3.97 53.98
C SER A 62 12.18 -4.28 55.34
N ASP A 63 11.17 -3.50 55.72
CA ASP A 63 10.45 -3.73 56.98
C ASP A 63 9.47 -4.88 56.84
N VAL A 64 9.10 -5.22 55.61
CA VAL A 64 8.08 -6.24 55.38
C VAL A 64 8.58 -7.60 55.87
N PRO A 65 7.82 -8.26 56.77
CA PRO A 65 8.27 -9.59 57.20
C PRO A 65 7.91 -10.66 56.19
N ASP A 66 8.53 -10.60 55.02
CA ASP A 66 8.24 -11.50 53.92
C ASP A 66 9.27 -11.29 52.84
N LYS A 67 9.36 -12.23 51.90
CA LYS A 67 10.19 -12.05 50.72
C LYS A 67 9.35 -11.42 49.62
N VAL A 68 9.67 -10.17 49.29
CA VAL A 68 8.96 -9.43 48.26
C VAL A 68 9.59 -9.71 46.90
N ASP A 69 8.81 -10.29 45.99
CA ASP A 69 9.31 -10.59 44.66
C ASP A 69 9.39 -9.33 43.82
N VAL A 70 8.32 -8.54 43.87
CA VAL A 70 8.16 -7.38 42.99
C VAL A 70 7.83 -6.11 43.77
N ALA A 71 8.54 -5.04 43.46
CA ALA A 71 8.26 -3.72 44.03
C ALA A 71 7.84 -2.76 42.92
N VAL A 72 6.60 -2.30 42.98
CA VAL A 72 6.09 -1.33 42.02
C VAL A 72 6.33 0.06 42.59
N ILE A 73 7.21 0.82 41.94
CA ILE A 73 7.75 2.06 42.51
C ILE A 73 7.22 3.31 41.80
N SER A 74 6.54 4.16 42.56
CA SER A 74 5.81 5.30 42.01
C SER A 74 6.16 6.63 42.69
N VAL A 75 7.37 6.72 43.23
CA VAL A 75 7.80 7.90 43.98
C VAL A 75 8.54 8.87 43.06
N PRO A 76 8.72 10.13 43.48
CA PRO A 76 9.43 11.09 42.62
C PRO A 76 10.82 10.57 42.20
N SER A 77 11.28 10.99 41.04
CA SER A 77 12.51 10.48 40.45
C SER A 77 13.70 10.66 41.38
N ASP A 78 13.67 11.72 42.17
CA ASP A 78 14.79 12.02 43.07
C ASP A 78 14.79 11.11 44.29
N LYS A 79 13.73 10.31 44.46
CA LYS A 79 13.61 9.37 45.57
C LYS A 79 13.80 7.92 45.13
N VAL A 80 13.82 7.67 43.82
CA VAL A 80 13.80 6.30 43.32
C VAL A 80 15.04 5.50 43.75
N LEU A 81 16.23 6.09 43.62
CA LEU A 81 17.47 5.37 43.95
C LEU A 81 17.48 4.89 45.39
N GLY A 82 16.98 5.72 46.30
CA GLY A 82 16.87 5.35 47.70
C GLY A 82 16.00 4.11 47.86
N VAL A 83 14.84 4.12 47.21
CA VAL A 83 13.93 2.99 47.26
C VAL A 83 14.60 1.75 46.68
N ILE A 84 15.39 1.93 45.62
CA ILE A 84 16.10 0.81 45.01
C ILE A 84 17.05 0.18 46.02
N ASP A 85 17.80 1.02 46.74
CA ASP A 85 18.73 0.52 47.75
C ASP A 85 17.99 -0.31 48.80
N ASP A 86 16.87 0.21 49.28
CA ASP A 86 16.09 -0.51 50.28
C ASP A 86 15.56 -1.83 49.73
N CYS A 87 15.11 -1.82 48.48
CA CYS A 87 14.60 -3.03 47.84
C CYS A 87 15.73 -4.06 47.68
N GLY A 88 16.92 -3.54 47.40
CA GLY A 88 18.11 -4.38 47.30
C GLY A 88 18.35 -5.05 48.63
N LYS A 89 18.31 -4.24 49.69
CA LYS A 89 18.49 -4.75 51.05
C LYS A 89 17.44 -5.80 51.40
N ALA A 90 16.25 -5.67 50.81
CA ALA A 90 15.16 -6.61 51.07
C ALA A 90 15.22 -7.85 50.17
N GLY A 91 16.12 -7.85 49.19
CA GLY A 91 16.28 -9.00 48.30
C GLY A 91 15.28 -9.07 47.16
N VAL A 92 14.69 -7.93 46.82
CA VAL A 92 13.70 -7.84 45.75
C VAL A 92 14.26 -8.23 44.38
N LYS A 93 13.52 -9.06 43.65
CA LYS A 93 13.95 -9.54 42.32
C LYS A 93 13.65 -8.58 41.19
N PHE A 94 12.53 -7.86 41.28
CA PHE A 94 12.09 -6.99 40.19
C PHE A 94 11.62 -5.63 40.67
N ALA A 95 12.20 -4.58 40.09
CA ALA A 95 11.77 -3.22 40.35
C ALA A 95 10.97 -2.71 39.16
N VAL A 96 9.67 -2.52 39.37
CA VAL A 96 8.78 -1.99 38.34
C VAL A 96 8.67 -0.49 38.53
N VAL A 97 9.54 0.26 37.86
CA VAL A 97 9.65 1.69 38.11
C VAL A 97 8.69 2.49 37.24
N ILE A 98 7.54 2.82 37.81
CA ILE A 98 6.50 3.59 37.15
C ILE A 98 7.02 4.96 36.75
N THR A 99 7.78 5.55 37.68
CA THR A 99 8.14 6.96 37.67
C THR A 99 8.80 7.47 36.39
N SER A 100 8.34 8.64 35.94
CA SER A 100 8.86 9.30 34.76
C SER A 100 10.02 10.23 35.11
N GLY A 101 10.62 10.84 34.10
CA GLY A 101 11.67 11.83 34.32
C GLY A 101 13.08 11.26 34.33
N PHE A 102 13.35 10.31 33.43
CA PHE A 102 14.68 9.73 33.30
C PHE A 102 15.24 10.07 31.91
N LYS A 103 15.73 9.09 31.18
CA LYS A 103 16.38 9.38 29.91
C LYS A 103 15.45 10.04 28.91
N GLU A 104 14.16 9.76 29.02
CA GLU A 104 13.20 10.29 28.04
C GLU A 104 13.10 11.82 28.10
N VAL A 105 13.55 12.41 29.21
CA VAL A 105 13.57 13.86 29.36
C VAL A 105 14.99 14.43 29.37
N GLY A 106 15.97 13.57 29.12
CA GLY A 106 17.36 13.99 28.98
C GLY A 106 18.27 13.53 30.10
N ASN A 107 17.68 13.03 31.20
CA ASN A 107 18.50 12.63 32.34
C ASN A 107 18.99 11.19 32.17
N GLU A 108 19.97 11.02 31.28
CA GLU A 108 20.48 9.69 30.95
C GLU A 108 21.28 9.07 32.08
N GLU A 109 22.09 9.87 32.78
CA GLU A 109 22.96 9.34 33.81
C GLU A 109 22.14 8.71 34.93
N LEU A 110 21.04 9.35 35.29
CA LEU A 110 20.18 8.85 36.35
C LEU A 110 19.63 7.47 35.97
N GLU A 111 19.19 7.33 34.73
CA GLU A 111 18.66 6.05 34.24
C GLU A 111 19.74 4.97 34.32
N GLU A 112 20.94 5.30 33.89
CA GLU A 112 22.04 4.34 33.89
C GLU A 112 22.43 3.96 35.32
N GLU A 113 22.37 4.93 36.24
CA GLU A 113 22.68 4.67 37.64
C GLU A 113 21.61 3.77 38.26
N LEU A 114 20.35 4.01 37.89
CA LEU A 114 19.23 3.20 38.37
C LEU A 114 19.45 1.73 38.04
N VAL A 115 19.82 1.46 36.79
CA VAL A 115 20.05 0.10 36.36
C VAL A 115 21.29 -0.48 37.02
N ARG A 116 22.35 0.33 37.13
CA ARG A 116 23.58 -0.11 37.77
C ARG A 116 23.32 -0.60 39.19
N ARG A 117 22.57 0.19 39.96
CA ARG A 117 22.31 -0.14 41.35
C ARG A 117 21.45 -1.40 41.46
N ALA A 118 20.43 -1.48 40.63
CA ALA A 118 19.55 -2.64 40.64
C ALA A 118 20.36 -3.89 40.34
N HIS A 119 21.28 -3.82 39.38
CA HIS A 119 22.09 -4.98 39.04
C HIS A 119 23.03 -5.37 40.17
N SER A 120 23.51 -4.38 40.91
CA SER A 120 24.41 -4.65 42.03
C SER A 120 23.71 -5.49 43.10
N TYR A 121 22.38 -5.51 43.07
CA TYR A 121 21.61 -6.32 44.01
C TYR A 121 21.00 -7.58 43.37
N GLY A 122 21.35 -7.86 42.13
CA GLY A 122 20.76 -8.99 41.44
C GLY A 122 19.30 -8.73 41.13
N MET A 123 18.97 -7.45 41.00
CA MET A 123 17.59 -6.99 40.76
C MET A 123 17.44 -6.51 39.32
N ARG A 124 16.33 -6.89 38.67
CA ARG A 124 16.04 -6.40 37.32
C ARG A 124 15.08 -5.21 37.37
N VAL A 125 15.13 -4.38 36.34
CA VAL A 125 14.28 -3.19 36.24
C VAL A 125 13.36 -3.29 35.03
N LEU A 126 12.09 -2.98 35.24
CA LEU A 126 11.14 -2.80 34.16
C LEU A 126 10.87 -1.31 34.03
N GLY A 127 11.09 -0.76 32.84
CA GLY A 127 10.95 0.67 32.62
C GLY A 127 12.31 1.38 32.62
N PRO A 128 12.38 2.57 33.23
CA PRO A 128 11.33 3.31 33.94
C PRO A 128 10.32 3.97 33.00
N ASN A 129 9.52 4.89 33.54
CA ASN A 129 8.57 5.64 32.72
C ASN A 129 7.57 4.69 32.05
N ILE A 130 6.82 3.96 32.88
CA ILE A 130 5.84 2.99 32.42
C ILE A 130 4.53 3.14 33.19
N PHE A 131 3.47 2.47 32.73
CA PHE A 131 2.20 2.47 33.44
C PHE A 131 1.93 1.13 34.13
N GLY A 132 2.95 0.26 34.15
CA GLY A 132 2.88 -0.99 34.89
C GLY A 132 2.78 -2.23 34.02
N TYR A 133 2.15 -3.27 34.55
CA TYR A 133 1.93 -4.49 33.81
C TYR A 133 0.79 -5.29 34.42
N LEU A 134 0.16 -6.12 33.59
CA LEU A 134 -0.95 -6.96 33.99
C LEU A 134 -0.69 -8.38 33.53
N TYR A 135 -1.00 -9.36 34.38
CA TYR A 135 -0.95 -10.77 34.01
C TYR A 135 -2.22 -11.45 34.50
N ALA A 136 -3.08 -11.79 33.55
CA ALA A 136 -4.41 -12.32 33.85
C ALA A 136 -4.41 -13.68 34.52
N PRO A 137 -3.50 -14.59 34.12
CA PRO A 137 -3.50 -15.91 34.78
C PRO A 137 -3.13 -15.85 36.26
N ALA A 138 -2.52 -14.75 36.68
CA ALA A 138 -2.20 -14.53 38.09
C ALA A 138 -3.15 -13.51 38.72
N ARG A 139 -4.21 -13.17 37.99
CA ARG A 139 -5.16 -12.15 38.42
C ARG A 139 -4.42 -10.95 38.98
N LEU A 140 -3.46 -10.46 38.20
CA LEU A 140 -2.53 -9.42 38.63
C LEU A 140 -2.67 -8.19 37.72
N ASN A 141 -3.22 -7.11 38.27
CA ASN A 141 -3.31 -5.84 37.54
C ASN A 141 -2.51 -4.78 38.27
N ALA A 142 -1.22 -4.71 37.93
CA ALA A 142 -0.31 -3.74 38.53
C ALA A 142 -0.10 -2.56 37.59
N THR A 143 -1.21 -2.01 37.10
CA THR A 143 -1.18 -0.80 36.30
C THR A 143 -2.10 0.25 36.91
N PHE A 144 -1.99 1.49 36.44
CA PHE A 144 -3.00 2.50 36.75
C PHE A 144 -3.88 2.76 35.52
N GLY A 145 -4.03 1.74 34.69
CA GLY A 145 -4.91 1.80 33.53
C GLY A 145 -6.29 1.29 33.90
N PRO A 146 -7.08 0.86 32.90
CA PRO A 146 -8.40 0.27 33.17
C PRO A 146 -8.31 -0.84 34.21
N LYS A 147 -9.37 -1.05 34.98
CA LYS A 147 -9.32 -2.00 36.08
C LYS A 147 -9.47 -3.43 35.58
N ASP A 148 -9.96 -3.60 34.36
CA ASP A 148 -10.29 -4.92 33.84
C ASP A 148 -9.94 -5.06 32.36
N VAL A 149 -9.67 -6.29 31.94
CA VAL A 149 -9.57 -6.63 30.51
C VAL A 149 -10.30 -7.95 30.30
N LEU A 150 -10.68 -8.22 29.06
CA LEU A 150 -11.24 -9.52 28.71
C LEU A 150 -10.12 -10.56 28.78
N SER A 151 -10.39 -11.71 29.37
CA SER A 151 -9.38 -12.75 29.48
C SER A 151 -9.18 -13.51 28.17
N GLY A 152 -7.93 -13.83 27.85
CA GLY A 152 -7.62 -14.56 26.63
C GLY A 152 -6.15 -14.90 26.54
N ASN A 153 -5.66 -15.08 25.32
CA ASN A 153 -4.32 -15.61 25.08
C ASN A 153 -3.36 -14.63 24.39
N VAL A 154 -3.74 -13.36 24.36
CA VAL A 154 -2.92 -12.33 23.71
C VAL A 154 -2.10 -11.54 24.71
N ALA A 155 -0.78 -11.52 24.49
CA ALA A 155 0.13 -10.69 25.27
C ALA A 155 0.46 -9.43 24.49
N PHE A 156 0.20 -8.27 25.09
CA PHE A 156 0.44 -6.99 24.44
C PHE A 156 1.53 -6.20 25.14
N ILE A 157 2.58 -5.86 24.38
CA ILE A 157 3.73 -5.14 24.88
C ILE A 157 3.78 -3.76 24.20
N SER A 158 4.01 -2.71 24.98
CA SER A 158 4.06 -1.36 24.42
C SER A 158 5.25 -0.55 24.92
N GLN A 159 6.02 -0.03 23.97
CA GLN A 159 7.10 0.90 24.26
C GLN A 159 6.52 2.27 24.60
N SER A 160 5.32 2.55 24.09
CA SER A 160 4.65 3.83 24.37
C SER A 160 3.71 3.76 25.57
N GLY A 161 3.78 4.77 26.42
CA GLY A 161 2.96 4.83 27.62
C GLY A 161 1.53 5.23 27.34
N ALA A 162 1.36 6.42 26.73
CA ALA A 162 0.02 6.93 26.45
C ALA A 162 -0.73 6.05 25.46
N LEU A 163 -0.10 5.70 24.33
CA LEU A 163 -0.77 4.87 23.35
C LEU A 163 -0.99 3.47 23.92
N GLY A 164 -0.03 2.99 24.69
CA GLY A 164 -0.13 1.67 25.31
C GLY A 164 -1.31 1.55 26.25
N ILE A 165 -1.46 2.53 27.14
CA ILE A 165 -2.53 2.49 28.14
C ILE A 165 -3.88 2.69 27.47
N ALA A 166 -3.90 3.47 26.40
CA ALA A 166 -5.11 3.66 25.62
C ALA A 166 -5.52 2.36 24.92
N LEU A 167 -4.54 1.71 24.30
CA LEU A 167 -4.80 0.46 23.59
C LEU A 167 -5.23 -0.64 24.55
N MET A 168 -4.73 -0.61 25.77
CA MET A 168 -5.18 -1.53 26.81
C MET A 168 -6.70 -1.45 26.94
N GLY A 169 -7.22 -0.22 26.94
CA GLY A 169 -8.65 -0.02 27.00
C GLY A 169 -9.36 -0.43 25.72
N TYR A 170 -8.71 -0.17 24.60
CA TYR A 170 -9.29 -0.47 23.28
C TYR A 170 -9.48 -1.97 23.03
N THR A 171 -8.67 -2.81 23.68
CA THR A 171 -8.82 -4.26 23.52
C THR A 171 -10.22 -4.71 23.94
N VAL A 172 -10.79 -4.03 24.93
CA VAL A 172 -12.11 -4.37 25.41
C VAL A 172 -13.15 -4.08 24.32
N VAL A 173 -13.10 -2.87 23.77
CA VAL A 173 -14.00 -2.49 22.69
C VAL A 173 -13.88 -3.44 21.51
N GLU A 174 -12.67 -3.93 21.23
CA GLU A 174 -12.43 -4.81 20.09
C GLU A 174 -12.54 -6.29 20.47
N ASN A 175 -12.99 -6.57 21.70
CA ASN A 175 -13.26 -7.93 22.16
C ASN A 175 -12.04 -8.86 22.14
N ILE A 176 -10.85 -8.29 22.25
CA ILE A 176 -9.62 -9.09 22.26
C ILE A 176 -9.30 -9.60 23.66
N GLY A 177 -9.27 -10.92 23.79
CA GLY A 177 -8.90 -11.55 25.05
C GLY A 177 -7.40 -11.46 25.32
N ILE A 178 -7.08 -11.00 26.53
CA ILE A 178 -5.71 -10.67 26.92
C ILE A 178 -5.18 -11.63 27.98
N SER A 179 -3.93 -12.05 27.81
CA SER A 179 -3.22 -12.82 28.83
C SER A 179 -2.27 -11.91 29.60
N SER A 180 -1.74 -10.89 28.93
CA SER A 180 -0.83 -9.97 29.58
C SER A 180 -0.75 -8.60 28.89
N ILE A 181 -0.60 -7.57 29.72
CA ILE A 181 -0.22 -6.24 29.25
C ILE A 181 1.12 -5.90 29.90
N VAL A 182 2.10 -5.49 29.11
CA VAL A 182 3.37 -5.05 29.67
C VAL A 182 3.82 -3.72 29.08
N SER A 183 3.88 -2.71 29.94
CA SER A 183 4.45 -1.43 29.58
C SER A 183 5.96 -1.48 29.80
N VAL A 184 6.73 -1.33 28.74
CA VAL A 184 8.18 -1.44 28.83
C VAL A 184 8.88 -0.08 28.75
N GLY A 185 8.18 0.92 28.21
CA GLY A 185 8.64 2.30 28.23
C GLY A 185 10.09 2.48 27.79
N ASN A 186 10.88 3.13 28.66
CA ASN A 186 12.26 3.46 28.35
C ASN A 186 13.17 2.25 28.10
N LYS A 187 12.74 1.07 28.53
CA LYS A 187 13.47 -0.18 28.28
C LYS A 187 14.93 -0.10 28.74
N ALA A 188 15.17 0.48 29.90
CA ALA A 188 16.54 0.64 30.39
C ALA A 188 17.21 -0.71 30.64
N ASP A 189 16.44 -1.70 31.08
CA ASP A 189 16.98 -3.01 31.42
C ASP A 189 16.21 -4.11 30.67
N LEU A 190 15.16 -4.64 31.29
CA LEU A 190 14.31 -5.65 30.62
C LEU A 190 13.68 -5.07 29.36
N ASP A 191 13.76 -5.84 28.27
CA ASP A 191 13.24 -5.38 26.98
C ASP A 191 12.43 -6.47 26.27
N ASP A 192 12.14 -6.24 25.00
CA ASP A 192 11.28 -7.12 24.21
C ASP A 192 11.80 -8.55 24.16
N VAL A 193 13.11 -8.68 24.04
CA VAL A 193 13.74 -10.00 23.95
C VAL A 193 13.50 -10.81 25.22
N ASP A 194 13.67 -10.17 26.37
CA ASP A 194 13.44 -10.82 27.65
C ASP A 194 11.99 -11.27 27.78
N LEU A 195 11.07 -10.41 27.37
CA LEU A 195 9.64 -10.72 27.47
C LEU A 195 9.23 -11.84 26.52
N LEU A 196 9.79 -11.84 25.31
CA LEU A 196 9.49 -12.87 24.33
C LEU A 196 9.95 -14.23 24.84
N ASP A 197 11.05 -14.24 25.58
CA ASP A 197 11.54 -15.47 26.18
C ASP A 197 10.52 -16.04 27.16
N PHE A 198 9.92 -15.17 27.97
CA PHE A 198 8.90 -15.62 28.91
C PHE A 198 7.63 -16.11 28.21
N PHE A 199 7.16 -15.36 27.23
CA PHE A 199 5.89 -15.69 26.59
C PHE A 199 6.00 -16.93 25.71
N ASP A 200 7.21 -17.18 25.21
CA ASP A 200 7.54 -18.44 24.54
C ASP A 200 7.11 -19.63 25.39
N LYS A 201 7.51 -19.61 26.66
CA LYS A 201 7.27 -20.73 27.57
C LYS A 201 5.91 -20.66 28.26
N ASP A 202 5.17 -19.58 28.06
CA ASP A 202 3.90 -19.38 28.75
C ASP A 202 2.73 -20.07 28.03
N PRO A 203 2.19 -21.16 28.60
CA PRO A 203 1.07 -21.84 27.93
C PRO A 203 -0.21 -21.01 27.85
N ASN A 204 -0.26 -19.91 28.60
CA ASN A 204 -1.45 -19.05 28.59
C ASN A 204 -1.45 -18.10 27.39
N THR A 205 -0.28 -17.93 26.78
CA THR A 205 -0.10 -16.97 25.69
C THR A 205 0.05 -17.66 24.34
N GLY A 206 -0.81 -17.30 23.38
CA GLY A 206 -0.78 -17.89 22.06
C GLY A 206 -0.42 -16.88 20.98
N VAL A 207 -0.53 -15.60 21.31
CA VAL A 207 -0.25 -14.53 20.36
C VAL A 207 0.42 -13.37 21.08
N ILE A 208 1.38 -12.74 20.42
CA ILE A 208 2.09 -11.60 20.99
C ILE A 208 2.03 -10.41 20.05
N MET A 209 1.50 -9.29 20.56
CA MET A 209 1.42 -8.04 19.81
C MET A 209 2.31 -6.99 20.48
N ILE A 210 3.19 -6.37 19.70
CA ILE A 210 4.15 -5.41 20.24
C ILE A 210 4.09 -4.07 19.53
N TYR A 211 3.85 -3.00 20.30
CA TYR A 211 4.12 -1.65 19.80
C TYR A 211 5.58 -1.31 20.07
N LEU A 212 6.34 -1.18 18.98
CA LEU A 212 7.78 -1.02 19.05
C LEU A 212 8.25 0.17 18.22
N GLU A 213 9.06 1.02 18.82
CA GLU A 213 9.69 2.13 18.09
C GLU A 213 11.10 1.72 17.67
N GLY A 214 11.84 1.13 18.60
CA GLY A 214 13.18 0.69 18.31
C GLY A 214 13.72 -0.26 19.37
N ILE A 215 14.83 -0.91 19.06
CA ILE A 215 15.53 -1.75 20.01
C ILE A 215 16.96 -1.22 20.18
N ALA A 216 17.59 -1.62 21.28
CA ALA A 216 18.89 -1.07 21.65
C ALA A 216 20.01 -1.51 20.68
N PRO A 217 21.03 -0.67 20.50
CA PRO A 217 22.20 -1.09 19.72
C PRO A 217 22.78 -2.42 20.22
N GLY A 218 23.13 -3.30 19.29
CA GLY A 218 23.73 -4.57 19.63
C GLY A 218 22.75 -5.61 20.15
N ARG A 219 21.46 -5.28 20.14
CA ARG A 219 20.43 -6.16 20.68
C ARG A 219 19.67 -6.90 19.56
N GLY A 220 19.87 -6.46 18.32
CA GLY A 220 19.13 -6.97 17.19
C GLY A 220 19.32 -8.44 16.84
N ARG A 221 20.57 -8.90 16.90
CA ARG A 221 20.86 -10.30 16.55
C ARG A 221 20.09 -11.25 17.47
N MET A 222 20.16 -10.96 18.75
CA MET A 222 19.46 -11.72 19.77
C MET A 222 17.95 -11.62 19.57
N PHE A 223 17.47 -10.44 19.18
CA PHE A 223 16.05 -10.24 18.90
C PHE A 223 15.57 -11.22 17.82
N ILE A 224 16.34 -11.34 16.75
CA ILE A 224 16.00 -12.26 15.67
C ILE A 224 16.05 -13.72 16.13
N ASP A 225 17.10 -14.08 16.86
CA ASP A 225 17.25 -15.47 17.32
C ASP A 225 16.04 -15.90 18.14
N VAL A 226 15.60 -15.03 19.04
CA VAL A 226 14.53 -15.36 19.97
C VAL A 226 13.17 -15.29 19.28
N ALA A 227 12.94 -14.23 18.50
CA ALA A 227 11.66 -14.03 17.83
C ALA A 227 11.37 -15.10 16.79
N SER A 228 12.39 -15.56 16.08
CA SER A 228 12.17 -16.55 15.04
C SER A 228 11.75 -17.88 15.67
N ARG A 229 12.37 -18.22 16.80
CA ARG A 229 12.01 -19.47 17.48
C ARG A 229 10.58 -19.38 18.03
N VAL A 230 10.23 -18.24 18.62
CA VAL A 230 8.86 -18.03 19.09
C VAL A 230 7.88 -18.17 17.93
N SER A 231 8.23 -17.56 16.80
CA SER A 231 7.36 -17.56 15.63
C SER A 231 7.02 -18.96 15.14
N LEU A 232 7.85 -19.95 15.46
CA LEU A 232 7.56 -21.31 15.05
C LEU A 232 6.24 -21.83 15.65
N ARG A 233 5.86 -21.32 16.81
CA ARG A 233 4.68 -21.80 17.52
C ARG A 233 3.63 -20.71 17.84
N LYS A 234 4.07 -19.45 17.88
CA LYS A 234 3.17 -18.36 18.25
C LYS A 234 3.39 -17.13 17.37
N PRO A 235 2.32 -16.61 16.74
CA PRO A 235 2.53 -15.43 15.89
C PRO A 235 2.90 -14.17 16.67
N ILE A 236 3.77 -13.37 16.06
CA ILE A 236 4.18 -12.09 16.61
C ILE A 236 3.80 -10.98 15.64
N ILE A 237 3.03 -10.02 16.13
CA ILE A 237 2.64 -8.85 15.36
C ILE A 237 3.33 -7.63 15.95
N VAL A 238 4.05 -6.90 15.11
CA VAL A 238 4.70 -5.66 15.54
C VAL A 238 4.06 -4.45 14.86
N ILE A 239 3.54 -3.54 15.67
CA ILE A 239 3.17 -2.21 15.19
C ILE A 239 4.43 -1.36 15.24
N LYS A 240 5.09 -1.21 14.10
CA LYS A 240 6.37 -0.51 14.05
C LYS A 240 6.20 0.99 13.88
N ALA A 241 6.65 1.73 14.89
CA ALA A 241 6.70 3.19 14.82
C ALA A 241 8.02 3.63 14.19
N GLY A 242 7.95 4.64 13.34
CA GLY A 242 9.10 5.12 12.59
C GLY A 242 9.42 4.19 11.44
N ARG A 243 8.39 3.63 10.84
CA ARG A 243 8.53 2.70 9.72
C ARG A 243 8.79 3.39 8.38
N THR A 244 8.58 4.71 8.33
CA THR A 244 8.87 5.48 7.12
C THR A 244 10.16 6.24 7.38
N GLU A 245 10.84 6.68 6.33
CA GLU A 245 12.07 7.45 6.50
C GLU A 245 11.81 8.72 7.32
N VAL A 246 10.73 9.41 6.97
CA VAL A 246 10.31 10.61 7.68
C VAL A 246 10.05 10.33 9.15
N GLY A 247 9.31 9.26 9.42
CA GLY A 247 8.97 8.91 10.79
C GLY A 247 10.17 8.47 11.61
N ALA A 248 11.07 7.71 11.00
CA ALA A 248 12.28 7.28 11.69
C ALA A 248 13.15 8.49 12.03
N ARG A 249 13.29 9.40 11.07
CA ARG A 249 14.05 10.63 11.28
C ARG A 249 13.38 11.50 12.35
N ALA A 250 12.05 11.51 12.36
CA ALA A 250 11.30 12.23 13.38
C ALA A 250 11.58 11.66 14.77
N ALA A 251 11.52 10.34 14.89
CA ALA A 251 11.77 9.67 16.17
C ALA A 251 13.23 9.80 16.59
N ALA A 252 14.12 9.93 15.62
CA ALA A 252 15.55 10.06 15.91
C ALA A 252 15.85 11.44 16.49
N SER A 253 15.23 12.46 15.91
CA SER A 253 15.41 13.84 16.39
C SER A 253 14.92 13.96 17.82
N HIS A 254 13.73 13.43 18.09
CA HIS A 254 13.10 13.56 19.38
C HIS A 254 13.97 13.02 20.51
N THR A 255 14.64 11.90 20.23
CA THR A 255 15.49 11.24 21.21
C THR A 255 16.97 11.60 21.06
N GLY A 256 17.30 12.32 19.98
CA GLY A 256 18.68 12.63 19.66
C GLY A 256 19.46 11.42 19.14
N SER A 257 18.78 10.29 19.01
CA SER A 257 19.41 9.05 18.55
C SER A 257 19.71 9.06 17.04
N ILE A 258 20.44 8.04 16.56
CA ILE A 258 20.61 7.82 15.12
C ILE A 258 19.36 7.14 14.56
N ALA A 259 18.94 7.55 13.37
CA ALA A 259 17.72 7.02 12.79
C ALA A 259 17.89 5.55 12.41
N GLY A 260 17.02 4.70 12.95
CA GLY A 260 17.02 3.28 12.60
C GLY A 260 16.80 3.03 11.11
N SER A 261 17.46 2.01 10.58
CA SER A 261 17.30 1.69 9.16
C SER A 261 15.96 1.04 8.91
N VAL A 262 15.13 1.71 8.11
CA VAL A 262 13.81 1.19 7.77
C VAL A 262 13.93 -0.17 7.08
N ALA A 263 14.77 -0.22 6.05
CA ALA A 263 14.90 -1.43 5.24
C ALA A 263 15.41 -2.61 6.05
N ILE A 264 16.35 -2.36 6.96
CA ILE A 264 16.98 -3.45 7.69
C ILE A 264 16.07 -3.96 8.80
N TYR A 265 15.33 -3.08 9.45
CA TYR A 265 14.29 -3.52 10.39
C TYR A 265 13.30 -4.44 9.67
N GLU A 266 12.89 -4.05 8.46
CA GLU A 266 11.93 -4.83 7.70
C GLU A 266 12.48 -6.24 7.44
N SER A 267 13.76 -6.30 7.08
CA SER A 267 14.40 -7.59 6.83
C SER A 267 14.52 -8.42 8.11
N ALA A 268 14.87 -7.77 9.21
CA ALA A 268 14.95 -8.46 10.50
C ALA A 268 13.61 -9.07 10.89
N PHE A 269 12.53 -8.35 10.66
CA PHE A 269 11.21 -8.87 10.99
C PHE A 269 10.86 -10.06 10.10
N LYS A 270 11.21 -9.97 8.82
CA LYS A 270 11.00 -11.07 7.89
C LYS A 270 11.77 -12.31 8.34
N GLN A 271 13.02 -12.13 8.74
CA GLN A 271 13.84 -13.25 9.20
C GLN A 271 13.33 -13.76 10.54
N SER A 272 12.57 -12.94 11.25
CA SER A 272 11.98 -13.34 12.53
C SER A 272 10.61 -13.99 12.39
N GLY A 273 10.05 -13.95 11.18
CA GLY A 273 8.72 -14.48 10.93
C GLY A 273 7.64 -13.57 11.48
N ILE A 274 8.01 -12.32 11.75
CA ILE A 274 7.11 -11.34 12.36
C ILE A 274 6.21 -10.68 11.31
N LEU A 275 4.96 -10.42 11.69
CA LEU A 275 4.05 -9.65 10.84
C LEU A 275 4.07 -8.19 11.26
N MET A 276 4.45 -7.30 10.35
CA MET A 276 4.49 -5.89 10.64
C MET A 276 3.19 -5.20 10.27
N ALA A 277 2.57 -4.55 11.25
CA ALA A 277 1.34 -3.81 11.06
C ALA A 277 1.65 -2.33 10.87
N LYS A 278 1.00 -1.74 9.88
CA LYS A 278 1.15 -0.33 9.54
C LYS A 278 0.18 0.54 10.32
N SER A 279 -0.68 -0.09 11.12
CA SER A 279 -1.70 0.64 11.85
C SER A 279 -2.28 -0.16 13.00
N VAL A 280 -2.85 0.54 13.97
CA VAL A 280 -3.56 -0.06 15.07
C VAL A 280 -4.67 -0.99 14.57
N GLU A 281 -5.45 -0.53 13.59
CA GLU A 281 -6.59 -1.32 13.11
C GLU A 281 -6.15 -2.65 12.55
N ASP A 282 -5.11 -2.61 11.72
CA ASP A 282 -4.59 -3.83 11.11
C ASP A 282 -4.09 -4.78 12.17
N ALA A 283 -3.31 -4.26 13.11
CA ALA A 283 -2.75 -5.08 14.18
C ALA A 283 -3.86 -5.76 14.99
N PHE A 284 -4.89 -5.00 15.34
CA PHE A 284 -5.98 -5.55 16.14
C PHE A 284 -6.82 -6.54 15.35
N ASP A 285 -7.11 -6.22 14.09
CA ASP A 285 -7.87 -7.11 13.23
C ASP A 285 -7.12 -8.44 13.06
N TRP A 286 -5.83 -8.37 12.83
CA TRP A 286 -5.02 -9.57 12.64
C TRP A 286 -4.93 -10.39 13.93
N THR A 287 -4.81 -9.69 15.05
CA THR A 287 -4.65 -10.34 16.35
C THR A 287 -5.89 -11.17 16.68
N LYS A 288 -7.07 -10.63 16.37
CA LYS A 288 -8.31 -11.36 16.57
C LYS A 288 -8.30 -12.68 15.81
N ALA A 289 -8.01 -12.59 14.52
CA ALA A 289 -8.01 -13.75 13.63
C ALA A 289 -7.00 -14.80 14.09
N LEU A 290 -5.79 -14.35 14.44
CA LEU A 290 -4.72 -15.26 14.84
C LEU A 290 -5.00 -15.84 16.22
N SER A 291 -5.72 -15.09 17.05
CA SER A 291 -6.04 -15.56 18.39
C SER A 291 -7.07 -16.66 18.40
N TRP A 292 -8.04 -16.57 17.49
CA TRP A 292 -9.23 -17.41 17.53
C TRP A 292 -9.29 -18.49 16.44
N ASN A 293 -8.20 -18.67 15.72
CA ASN A 293 -8.16 -19.61 14.61
C ASN A 293 -6.81 -20.30 14.54
N PRO A 294 -6.79 -21.57 14.09
CA PRO A 294 -5.52 -22.20 13.73
C PRO A 294 -5.08 -21.75 12.36
N ILE A 295 -3.82 -22.03 12.04
CA ILE A 295 -3.31 -21.74 10.71
C ILE A 295 -3.93 -22.66 9.66
N PRO A 296 -4.28 -22.10 8.48
CA PRO A 296 -4.79 -22.97 7.42
C PRO A 296 -3.73 -23.98 7.00
N GLU A 297 -4.14 -25.19 6.66
CA GLU A 297 -3.20 -26.25 6.33
C GLU A 297 -2.93 -26.35 4.83
N GLY A 298 -3.60 -25.52 4.03
CA GLY A 298 -3.38 -25.48 2.60
C GLY A 298 -3.99 -24.23 1.98
N GLU A 299 -3.99 -24.17 0.65
CA GLU A 299 -4.37 -22.95 -0.06
C GLU A 299 -5.84 -22.94 -0.48
N ARG A 300 -6.60 -23.96 -0.10
CA ARG A 300 -7.99 -24.04 -0.54
C ARG A 300 -8.91 -23.13 0.29
N LEU A 301 -8.75 -21.83 0.06
CA LEU A 301 -9.57 -20.81 0.69
C LEU A 301 -10.84 -20.58 -0.12
N ILE A 302 -11.98 -20.70 0.55
CA ILE A 302 -13.27 -20.44 -0.06
C ILE A 302 -13.83 -19.12 0.43
N VAL A 303 -14.37 -18.33 -0.49
CA VAL A 303 -15.13 -17.14 -0.14
C VAL A 303 -16.58 -17.42 -0.48
N LEU A 304 -17.45 -17.13 0.48
CA LEU A 304 -18.89 -17.35 0.33
C LEU A 304 -19.58 -16.01 0.48
N THR A 305 -20.41 -15.63 -0.48
CA THR A 305 -21.01 -14.30 -0.51
C THR A 305 -22.42 -14.28 -1.11
N ASN A 306 -23.28 -13.41 -0.57
CA ASN A 306 -24.60 -13.18 -1.16
C ASN A 306 -24.63 -11.96 -2.06
N GLY A 307 -23.45 -11.56 -2.55
CA GLY A 307 -23.36 -10.41 -3.43
C GLY A 307 -22.05 -10.39 -4.20
N GLY A 308 -22.13 -10.23 -5.52
CA GLY A 308 -20.95 -10.17 -6.36
C GLY A 308 -20.00 -9.05 -5.93
N GLY A 309 -20.56 -7.88 -5.65
CA GLY A 309 -19.79 -6.71 -5.30
C GLY A 309 -18.86 -6.91 -4.12
N ALA A 310 -19.40 -7.43 -3.03
CA ALA A 310 -18.61 -7.73 -1.83
C ALA A 310 -17.52 -8.75 -2.16
N GLY A 311 -17.87 -9.70 -3.02
CA GLY A 311 -16.93 -10.73 -3.44
C GLY A 311 -15.75 -10.19 -4.23
N VAL A 312 -16.00 -9.17 -5.06
CA VAL A 312 -14.93 -8.57 -5.83
C VAL A 312 -14.00 -7.72 -4.95
N GLN A 313 -14.58 -7.01 -3.99
CA GLN A 313 -13.79 -6.26 -3.01
C GLN A 313 -12.85 -7.22 -2.29
N SER A 314 -13.38 -8.38 -1.95
CA SER A 314 -12.64 -9.43 -1.28
C SER A 314 -11.51 -9.98 -2.16
N THR A 315 -11.83 -10.28 -3.41
CA THR A 315 -10.85 -10.80 -4.36
C THR A 315 -9.69 -9.82 -4.54
N ASP A 316 -10.01 -8.54 -4.73
CA ASP A 316 -8.99 -7.52 -4.87
C ASP A 316 -8.10 -7.44 -3.62
N THR A 317 -8.72 -7.48 -2.45
CA THR A 317 -7.98 -7.37 -1.20
C THR A 317 -7.06 -8.57 -0.97
N PHE A 318 -7.55 -9.77 -1.26
CA PHE A 318 -6.71 -10.95 -1.14
C PHE A 318 -5.52 -10.83 -2.09
N ALA A 319 -5.79 -10.37 -3.31
CA ALA A 319 -4.75 -10.19 -4.32
C ALA A 319 -3.66 -9.23 -3.85
N ASP A 320 -4.07 -8.12 -3.23
CA ASP A 320 -3.11 -7.17 -2.66
C ASP A 320 -2.19 -7.83 -1.63
N ASN A 321 -2.63 -8.97 -1.09
CA ASN A 321 -1.86 -9.69 -0.08
C ASN A 321 -1.25 -10.98 -0.62
N GLY A 322 -1.24 -11.14 -1.94
CA GLY A 322 -0.60 -12.30 -2.56
C GLY A 322 -1.42 -13.57 -2.34
N ILE A 323 -2.73 -13.42 -2.27
CA ILE A 323 -3.62 -14.56 -2.07
C ILE A 323 -4.58 -14.66 -3.24
N TYR A 324 -4.55 -15.82 -3.90
CA TYR A 324 -5.32 -16.03 -5.12
C TYR A 324 -6.25 -17.23 -4.96
N LEU A 325 -7.49 -17.06 -5.39
CA LEU A 325 -8.53 -18.06 -5.19
C LEU A 325 -8.55 -19.10 -6.31
N SER A 326 -8.87 -20.33 -5.94
CA SER A 326 -8.99 -21.44 -6.88
C SER A 326 -10.42 -21.94 -6.96
N LYS A 327 -10.74 -22.69 -8.01
CA LYS A 327 -12.06 -23.25 -8.19
C LYS A 327 -12.44 -24.09 -6.96
N PRO A 328 -13.69 -24.00 -6.49
CA PRO A 328 -14.08 -24.86 -5.35
C PRO A 328 -14.12 -26.32 -5.76
N PRO A 329 -14.10 -27.24 -4.77
CA PRO A 329 -14.27 -28.66 -5.13
C PRO A 329 -15.65 -28.93 -5.73
N GLU A 330 -15.71 -29.82 -6.72
CA GLU A 330 -16.97 -30.15 -7.38
C GLU A 330 -18.01 -30.64 -6.38
N SER A 331 -17.55 -31.39 -5.37
CA SER A 331 -18.43 -31.89 -4.33
C SER A 331 -19.15 -30.74 -3.62
N LEU A 332 -18.40 -29.70 -3.30
CA LEU A 332 -18.98 -28.54 -2.63
C LEU A 332 -19.99 -27.85 -3.55
N ILE A 333 -19.62 -27.70 -4.82
CA ILE A 333 -20.51 -27.05 -5.78
C ILE A 333 -21.84 -27.79 -5.87
N GLN A 334 -21.80 -29.11 -5.98
CA GLN A 334 -23.03 -29.89 -6.13
C GLN A 334 -23.89 -29.79 -4.87
N GLU A 335 -23.22 -29.87 -3.71
CA GLU A 335 -23.89 -29.72 -2.43
C GLU A 335 -24.70 -28.42 -2.42
N ILE A 336 -24.06 -27.34 -2.84
CA ILE A 336 -24.68 -26.02 -2.78
C ILE A 336 -25.72 -25.83 -3.88
N LYS A 337 -25.54 -26.52 -5.01
CA LYS A 337 -26.50 -26.46 -6.10
C LYS A 337 -27.86 -27.03 -5.70
N LYS A 338 -27.91 -27.79 -4.61
CA LYS A 338 -29.18 -28.35 -4.16
C LYS A 338 -30.23 -27.31 -3.75
N PHE A 339 -29.78 -26.14 -3.29
CA PHE A 339 -30.72 -25.11 -2.83
C PHE A 339 -30.51 -23.78 -3.57
N VAL A 340 -29.39 -23.65 -4.27
CA VAL A 340 -29.04 -22.40 -4.91
C VAL A 340 -29.69 -22.26 -6.31
N PRO A 341 -30.01 -21.02 -6.74
CA PRO A 341 -30.59 -20.81 -8.07
C PRO A 341 -29.58 -21.00 -9.21
N PRO A 342 -30.09 -21.14 -10.46
CA PRO A 342 -29.24 -21.44 -11.62
C PRO A 342 -28.23 -20.35 -11.95
N PHE A 343 -28.55 -19.10 -11.59
CA PHE A 343 -27.69 -17.97 -11.94
C PHE A 343 -26.70 -17.66 -10.82
N ALA A 344 -26.55 -18.58 -9.89
CA ALA A 344 -25.45 -18.48 -8.92
C ALA A 344 -24.11 -18.68 -9.62
N SER A 345 -23.04 -18.25 -8.95
CA SER A 345 -21.71 -18.32 -9.53
C SER A 345 -20.81 -19.15 -8.60
N PHE A 346 -20.00 -20.03 -9.19
CA PHE A 346 -19.18 -20.95 -8.42
C PHE A 346 -17.69 -20.85 -8.79
N ALA A 347 -17.28 -19.69 -9.27
CA ALA A 347 -15.89 -19.49 -9.65
C ALA A 347 -14.96 -19.46 -8.43
N ASN A 348 -15.54 -19.15 -7.26
CA ASN A 348 -14.81 -18.74 -6.05
C ASN A 348 -14.38 -17.29 -6.23
N PRO A 349 -15.06 -16.35 -5.56
CA PRO A 349 -16.09 -16.56 -4.54
C PRO A 349 -17.32 -17.31 -5.04
N ILE A 350 -17.90 -18.12 -4.17
CA ILE A 350 -19.17 -18.76 -4.42
C ILE A 350 -20.27 -17.75 -4.10
N ASP A 351 -21.02 -17.37 -5.12
CA ASP A 351 -22.06 -16.35 -5.01
C ASP A 351 -23.42 -17.02 -4.92
N ILE A 352 -24.00 -17.03 -3.71
CA ILE A 352 -25.30 -17.64 -3.49
C ILE A 352 -26.43 -16.65 -3.75
N THR A 353 -26.06 -15.50 -4.32
CA THR A 353 -26.97 -14.44 -4.77
C THR A 353 -27.64 -13.67 -3.64
N GLY A 354 -28.10 -12.48 -3.99
CA GLY A 354 -28.76 -11.57 -3.08
C GLY A 354 -30.11 -12.07 -2.60
N MET A 355 -30.66 -13.10 -3.23
CA MET A 355 -31.98 -13.58 -2.79
C MET A 355 -31.83 -14.55 -1.62
N ALA A 356 -30.59 -14.82 -1.22
CA ALA A 356 -30.34 -15.85 -0.21
C ALA A 356 -30.98 -15.56 1.15
N PRO A 357 -31.83 -16.48 1.65
CA PRO A 357 -32.31 -16.32 3.03
C PRO A 357 -31.27 -16.77 4.07
N ASP A 358 -31.57 -16.50 5.33
CA ASP A 358 -30.69 -16.81 6.44
C ASP A 358 -30.13 -18.24 6.43
N ASP A 359 -31.00 -19.22 6.19
CA ASP A 359 -30.60 -20.60 6.37
C ASP A 359 -29.60 -21.06 5.29
N TRP A 360 -29.58 -20.39 4.14
CA TRP A 360 -28.57 -20.75 3.13
C TRP A 360 -27.17 -20.46 3.66
N TYR A 361 -27.06 -19.51 4.57
CA TYR A 361 -25.76 -19.22 5.18
C TYR A 361 -25.36 -20.36 6.11
N TYR A 362 -26.33 -20.91 6.83
CA TYR A 362 -26.07 -22.09 7.65
C TYR A 362 -25.61 -23.25 6.77
N MET A 363 -26.39 -23.54 5.73
CA MET A 363 -26.13 -24.70 4.87
C MET A 363 -24.83 -24.54 4.08
N GLY A 364 -24.60 -23.36 3.51
CA GLY A 364 -23.39 -23.10 2.76
C GLY A 364 -22.14 -23.17 3.60
N THR A 365 -22.18 -22.56 4.79
CA THR A 365 -21.02 -22.56 5.67
C THR A 365 -20.71 -23.98 6.14
N LEU A 366 -21.74 -24.73 6.53
CA LEU A 366 -21.57 -26.10 6.99
C LEU A 366 -20.98 -26.97 5.88
N ALA A 367 -21.53 -26.85 4.68
CA ALA A 367 -21.05 -27.60 3.52
C ALA A 367 -19.58 -27.32 3.25
N ALA A 368 -19.22 -26.04 3.26
CA ALA A 368 -17.83 -25.65 2.98
C ALA A 368 -16.89 -26.22 4.03
N LEU A 369 -17.22 -26.01 5.29
CA LEU A 369 -16.35 -26.41 6.39
C LEU A 369 -16.15 -27.92 6.47
N LYS A 370 -17.20 -28.68 6.21
CA LYS A 370 -17.10 -30.15 6.28
C LYS A 370 -16.32 -30.73 5.11
N ASN A 371 -16.24 -29.99 4.01
CA ASN A 371 -15.60 -30.52 2.81
C ASN A 371 -14.10 -30.75 3.05
N PRO A 372 -13.60 -31.98 2.78
CA PRO A 372 -12.18 -32.25 3.06
C PRO A 372 -11.18 -31.50 2.16
N ASP A 373 -11.66 -30.91 1.07
CA ASP A 373 -10.79 -30.14 0.18
C ASP A 373 -10.97 -28.63 0.34
N VAL A 374 -11.51 -28.21 1.48
CA VAL A 374 -11.58 -26.80 1.85
C VAL A 374 -10.71 -26.57 3.08
N ASP A 375 -9.81 -25.60 3.00
CA ASP A 375 -8.86 -25.32 4.10
C ASP A 375 -9.24 -24.09 4.92
N ALA A 376 -10.05 -23.20 4.35
CA ALA A 376 -10.39 -21.96 5.03
C ALA A 376 -11.62 -21.30 4.42
N LEU A 377 -12.30 -20.48 5.20
CA LEU A 377 -13.56 -19.88 4.77
C LEU A 377 -13.70 -18.42 5.20
N THR A 378 -13.92 -17.54 4.22
CA THR A 378 -14.32 -16.17 4.51
C THR A 378 -15.76 -15.97 4.07
N VAL A 379 -16.62 -15.61 5.03
CA VAL A 379 -18.06 -15.46 4.76
C VAL A 379 -18.43 -13.98 4.69
N LEU A 380 -19.03 -13.59 3.56
CA LEU A 380 -19.41 -12.21 3.32
C LEU A 380 -20.92 -12.06 3.26
N TYR A 381 -21.44 -11.05 3.94
CA TYR A 381 -22.88 -10.81 4.00
C TYR A 381 -23.21 -9.34 3.77
N CYS A 382 -24.15 -9.11 2.85
CA CYS A 382 -24.73 -7.79 2.63
C CYS A 382 -26.18 -7.78 3.11
N GLN A 383 -26.52 -6.87 4.02
CA GLN A 383 -27.86 -6.85 4.58
C GLN A 383 -28.93 -6.52 3.55
N THR A 384 -29.86 -7.47 3.39
CA THR A 384 -31.02 -7.30 2.53
C THR A 384 -32.29 -7.41 3.37
N ALA A 385 -33.43 -7.01 2.80
CA ALA A 385 -34.73 -7.17 3.47
C ALA A 385 -35.01 -8.65 3.66
N VAL A 386 -34.43 -9.45 2.77
CA VAL A 386 -34.73 -10.87 2.64
C VAL A 386 -34.07 -11.69 3.74
N THR A 387 -33.18 -11.06 4.51
CA THR A 387 -32.43 -11.72 5.59
C THR A 387 -32.54 -11.00 6.93
N THR A 388 -32.04 -11.63 7.99
CA THR A 388 -31.76 -10.94 9.24
C THR A 388 -30.28 -11.12 9.59
N PRO A 389 -29.59 -10.03 9.95
CA PRO A 389 -28.18 -10.16 10.32
C PRO A 389 -27.94 -11.15 11.46
N ILE A 390 -28.76 -11.10 12.50
CA ILE A 390 -28.54 -11.99 13.63
C ILE A 390 -28.83 -13.43 13.23
N GLY A 391 -29.79 -13.63 12.32
CA GLY A 391 -30.11 -14.96 11.83
C GLY A 391 -28.95 -15.55 11.07
N VAL A 392 -28.34 -14.72 10.22
CA VAL A 392 -27.16 -15.15 9.48
C VAL A 392 -26.01 -15.49 10.42
N ALA A 393 -25.79 -14.65 11.41
CA ALA A 393 -24.73 -14.87 12.38
C ALA A 393 -24.93 -16.19 13.14
N LYS A 394 -26.15 -16.42 13.60
CA LYS A 394 -26.47 -17.64 14.34
C LYS A 394 -26.35 -18.87 13.46
N GLY A 395 -26.67 -18.71 12.17
CA GLY A 395 -26.48 -19.79 11.21
C GLY A 395 -25.01 -20.13 11.07
N ILE A 396 -24.17 -19.11 11.03
CA ILE A 396 -22.73 -19.29 10.94
C ILE A 396 -22.20 -20.02 12.18
N VAL A 397 -22.67 -19.60 13.34
CA VAL A 397 -22.27 -20.24 14.60
C VAL A 397 -22.66 -21.72 14.60
N ASP A 398 -23.90 -22.00 14.22
CA ASP A 398 -24.39 -23.38 14.18
C ASP A 398 -23.56 -24.24 13.23
N ALA A 399 -23.22 -23.69 12.07
CA ALA A 399 -22.43 -24.40 11.08
C ALA A 399 -21.05 -24.76 11.63
N ILE A 400 -20.42 -23.81 12.31
CA ILE A 400 -19.08 -24.01 12.86
C ILE A 400 -19.10 -25.11 13.92
N LYS A 401 -20.10 -25.08 14.79
CA LYS A 401 -20.26 -26.12 15.81
C LYS A 401 -20.39 -27.50 15.17
N GLU A 402 -21.36 -27.62 14.26
CA GLU A 402 -21.69 -28.90 13.66
C GLU A 402 -20.58 -29.47 12.80
N ALA A 403 -19.85 -28.61 12.10
CA ALA A 403 -18.69 -29.05 11.30
C ALA A 403 -17.68 -29.74 12.21
N GLY A 404 -17.61 -29.28 13.46
CA GLY A 404 -16.83 -29.94 14.49
C GLY A 404 -15.32 -29.86 14.36
N ASN A 405 -14.84 -29.33 13.24
CA ASN A 405 -13.41 -29.09 13.06
C ASN A 405 -13.11 -27.64 13.46
N SER A 406 -11.87 -27.21 13.32
CA SER A 406 -11.53 -25.82 13.60
C SER A 406 -10.81 -25.19 12.42
N LYS A 407 -11.45 -25.17 11.26
CA LYS A 407 -10.83 -24.53 10.11
C LYS A 407 -10.98 -23.02 10.26
N PRO A 408 -9.95 -22.26 9.84
CA PRO A 408 -10.04 -20.80 10.02
C PRO A 408 -11.24 -20.20 9.30
N VAL A 409 -11.92 -19.28 10.00
CA VAL A 409 -13.07 -18.57 9.46
C VAL A 409 -12.98 -17.09 9.78
N THR A 410 -13.28 -16.25 8.81
CA THR A 410 -13.51 -14.83 9.06
C THR A 410 -14.82 -14.43 8.42
N VAL A 411 -15.44 -13.38 8.95
CA VAL A 411 -16.75 -12.94 8.50
C VAL A 411 -16.75 -11.43 8.26
N GLY A 412 -17.29 -11.02 7.12
CA GLY A 412 -17.51 -9.62 6.82
C GLY A 412 -19.00 -9.36 6.61
N MET A 413 -19.54 -8.43 7.40
CA MET A 413 -20.96 -8.10 7.32
C MET A 413 -21.13 -6.60 7.10
N VAL A 414 -21.89 -6.25 6.07
CA VAL A 414 -22.19 -4.86 5.75
C VAL A 414 -23.67 -4.57 5.95
N GLY A 415 -23.96 -3.49 6.66
CA GLY A 415 -25.34 -3.08 6.87
C GLY A 415 -25.49 -2.01 7.93
N GLY A 416 -26.73 -1.85 8.37
CA GLY A 416 -27.06 -0.85 9.37
C GLY A 416 -26.79 -1.33 10.79
N PRO A 417 -27.47 -0.70 11.77
CA PRO A 417 -27.26 -1.01 13.19
C PRO A 417 -27.44 -2.49 13.53
N GLU A 418 -28.32 -3.19 12.82
CA GLU A 418 -28.54 -4.61 13.07
C GLU A 418 -27.30 -5.43 12.70
N VAL A 419 -26.56 -4.98 11.69
CA VAL A 419 -25.30 -5.64 11.35
C VAL A 419 -24.24 -5.34 12.41
N ALA A 420 -24.23 -4.11 12.91
CA ALA A 420 -23.29 -3.76 13.96
C ALA A 420 -23.47 -4.71 15.14
N GLU A 421 -24.72 -4.96 15.51
CA GLU A 421 -25.00 -5.84 16.63
C GLU A 421 -24.62 -7.29 16.33
N ALA A 422 -24.89 -7.75 15.12
CA ALA A 422 -24.58 -9.13 14.74
C ALA A 422 -23.08 -9.37 14.72
N VAL A 423 -22.33 -8.38 14.24
CA VAL A 423 -20.87 -8.48 14.22
C VAL A 423 -20.33 -8.56 15.64
N SER A 424 -20.91 -7.77 16.53
CA SER A 424 -20.54 -7.76 17.94
C SER A 424 -20.79 -9.12 18.57
N PHE A 425 -21.97 -9.66 18.28
CA PHE A 425 -22.37 -10.99 18.70
C PHE A 425 -21.34 -12.05 18.30
N LEU A 426 -20.94 -12.04 17.03
CA LEU A 426 -19.95 -12.99 16.54
C LEU A 426 -18.59 -12.87 17.22
N ASN A 427 -18.11 -11.65 17.40
CA ASN A 427 -16.81 -11.42 18.02
C ASN A 427 -16.82 -11.83 19.49
N LYS A 428 -17.97 -11.68 20.12
CA LYS A 428 -18.11 -12.06 21.53
C LYS A 428 -18.05 -13.57 21.72
N GLN A 429 -18.21 -14.33 20.64
CA GLN A 429 -18.01 -15.77 20.66
C GLN A 429 -16.70 -16.18 20.03
N ARG A 430 -15.79 -15.22 19.88
CA ARG A 430 -14.47 -15.53 19.34
C ARG A 430 -14.58 -16.06 17.91
N ILE A 431 -15.51 -15.49 17.15
CA ILE A 431 -15.55 -15.65 15.70
C ILE A 431 -15.22 -14.31 15.07
N ALA A 432 -14.13 -14.27 14.30
CA ALA A 432 -13.58 -13.01 13.82
C ALA A 432 -14.47 -12.34 12.79
N ALA A 433 -15.17 -11.29 13.21
CA ALA A 433 -16.14 -10.60 12.37
C ALA A 433 -15.82 -9.11 12.20
N TYR A 434 -16.11 -8.57 11.02
CA TYR A 434 -15.76 -7.20 10.69
C TYR A 434 -16.88 -6.54 9.89
N PRO A 435 -16.98 -5.20 9.97
CA PRO A 435 -18.08 -4.52 9.27
C PRO A 435 -17.83 -4.26 7.78
N THR A 436 -16.75 -4.79 7.22
CA THR A 436 -16.54 -4.69 5.79
C THR A 436 -15.87 -5.94 5.19
N PRO A 437 -16.10 -6.18 3.89
CA PRO A 437 -15.49 -7.35 3.24
C PRO A 437 -13.97 -7.26 3.16
N GLU A 438 -13.42 -6.07 3.01
CA GLU A 438 -11.97 -5.92 2.91
C GLU A 438 -11.28 -6.28 4.23
N ARG A 439 -11.83 -5.83 5.35
CA ARG A 439 -11.24 -6.12 6.65
C ARG A 439 -11.33 -7.61 6.98
N ALA A 440 -12.46 -8.25 6.67
CA ALA A 440 -12.58 -9.69 6.86
C ALA A 440 -11.52 -10.42 6.04
N SER A 441 -11.26 -9.91 4.84
CA SER A 441 -10.25 -10.51 3.96
C SER A 441 -8.83 -10.24 4.42
N SER A 442 -8.58 -9.05 4.95
CA SER A 442 -7.27 -8.74 5.49
C SER A 442 -6.96 -9.59 6.70
N ALA A 443 -7.99 -9.89 7.48
CA ALA A 443 -7.84 -10.73 8.66
C ALA A 443 -7.49 -12.15 8.25
N MET A 444 -8.23 -12.69 7.27
CA MET A 444 -7.93 -14.02 6.76
C MET A 444 -6.53 -14.04 6.14
N SER A 445 -6.16 -12.95 5.47
CA SER A 445 -4.82 -12.83 4.90
C SER A 445 -3.73 -12.91 5.96
N ALA A 446 -4.03 -12.43 7.17
CA ALA A 446 -3.04 -12.46 8.25
C ALA A 446 -2.73 -13.90 8.65
N LEU A 447 -3.74 -14.75 8.62
CA LEU A 447 -3.56 -16.16 8.93
C LEU A 447 -2.61 -16.81 7.91
N TYR A 448 -2.81 -16.49 6.64
CA TYR A 448 -1.92 -17.03 5.60
C TYR A 448 -0.54 -16.40 5.67
N ALA A 449 -0.47 -15.12 6.02
CA ALA A 449 0.80 -14.41 6.12
C ALA A 449 1.66 -15.05 7.20
N TYR A 450 1.04 -15.40 8.32
CA TYR A 450 1.75 -16.07 9.40
C TYR A 450 2.23 -17.47 8.99
N ALA A 451 1.39 -18.22 8.29
CA ALA A 451 1.78 -19.54 7.77
C ALA A 451 3.03 -19.41 6.91
N ARG A 452 3.04 -18.41 6.04
CA ARG A 452 4.15 -18.19 5.14
C ARG A 452 5.40 -17.70 5.89
N ALA A 453 5.18 -16.90 6.94
CA ALA A 453 6.27 -16.41 7.75
C ALA A 453 6.94 -17.55 8.53
N ARG A 454 6.11 -18.40 9.11
CA ARG A 454 6.58 -19.57 9.84
C ARG A 454 7.41 -20.45 8.92
N SER A 455 6.93 -20.62 7.69
CA SER A 455 7.63 -21.40 6.69
C SER A 455 8.97 -20.79 6.31
N TYR A 456 9.02 -19.45 6.23
CA TYR A 456 10.27 -18.76 5.94
C TYR A 456 11.31 -19.12 6.99
N VAL A 457 10.90 -19.04 8.25
CA VAL A 457 11.80 -19.34 9.36
C VAL A 457 12.26 -20.80 9.33
N MET A 458 11.33 -21.72 9.13
CA MET A 458 11.67 -23.14 9.10
C MET A 458 12.70 -23.43 8.01
N LYS A 459 12.45 -22.90 6.82
CA LYS A 459 13.39 -23.05 5.72
C LYS A 459 14.76 -22.51 6.08
N SER A 460 14.79 -21.33 6.69
CA SER A 460 16.06 -20.68 7.05
C SER A 460 16.80 -21.46 8.14
N LEU A 461 16.09 -22.34 8.84
CA LEU A 461 16.71 -23.16 9.89
C LEU A 461 17.08 -24.56 9.38
N ALA A 462 16.77 -24.85 8.12
CA ALA A 462 17.09 -26.15 7.55
C ALA A 462 18.55 -26.53 7.74
N VAL A 463 18.78 -27.80 8.08
CA VAL A 463 20.13 -28.33 8.28
C VAL A 463 20.82 -28.61 6.94
N ARG A 464 22.09 -28.25 6.84
CA ARG A 464 22.87 -28.50 5.63
C ARG A 464 23.25 -29.97 5.49
N SER B 2 47.72 -17.51 7.29
CA SER B 2 46.32 -17.09 7.34
C SER B 2 46.07 -15.81 6.56
N SER B 3 44.93 -15.74 5.90
CA SER B 3 44.52 -14.51 5.22
C SER B 3 44.32 -13.38 6.23
N ARG B 4 44.14 -13.74 7.49
CA ARG B 4 44.03 -12.74 8.55
C ARG B 4 45.28 -11.87 8.63
N ASP B 5 46.41 -12.43 8.21
CA ASP B 5 47.67 -11.67 8.19
C ASP B 5 47.51 -10.39 7.37
N LEU B 6 46.69 -10.45 6.33
CA LEU B 6 46.42 -9.27 5.50
C LEU B 6 45.75 -8.17 6.33
N LEU B 7 44.83 -8.55 7.20
CA LEU B 7 44.16 -7.57 8.05
C LEU B 7 45.13 -7.02 9.12
N LEU B 8 45.90 -7.91 9.74
CA LEU B 8 46.86 -7.48 10.76
C LEU B 8 47.97 -6.60 10.22
N LYS B 9 48.48 -6.93 9.04
CA LYS B 9 49.54 -6.14 8.43
C LYS B 9 49.06 -4.70 8.20
N ALA B 10 47.89 -4.59 7.57
CA ALA B 10 47.29 -3.28 7.28
C ALA B 10 47.10 -2.48 8.56
N LYS B 11 46.58 -3.14 9.59
CA LYS B 11 46.40 -2.52 10.89
C LYS B 11 47.73 -2.03 11.45
N GLU B 12 48.77 -2.85 11.29
CA GLU B 12 50.09 -2.54 11.82
C GLU B 12 50.64 -1.29 11.13
N ASN B 13 50.23 -1.07 9.88
CA ASN B 13 50.70 0.08 9.11
C ASN B 13 49.75 1.28 9.22
N GLY B 14 48.81 1.22 10.16
CA GLY B 14 47.85 2.29 10.34
C GLY B 14 46.97 2.54 9.13
N ARG B 15 46.86 1.55 8.25
CA ARG B 15 46.02 1.67 7.05
C ARG B 15 44.59 1.23 7.38
N LYS B 16 43.62 2.00 6.91
CA LYS B 16 42.23 1.80 7.27
C LYS B 16 41.44 1.07 6.19
N SER B 17 42.17 0.48 5.24
CA SER B 17 41.56 -0.30 4.17
C SER B 17 42.59 -1.17 3.50
N LEU B 18 42.12 -2.18 2.76
CA LEU B 18 43.00 -3.06 2.01
C LEU B 18 43.21 -2.54 0.59
N LEU B 19 44.41 -2.73 0.06
CA LEU B 19 44.65 -2.47 -1.37
C LEU B 19 43.90 -3.54 -2.17
N GLU B 20 43.67 -3.24 -3.45
CA GLU B 20 42.85 -4.09 -4.31
C GLU B 20 43.24 -5.56 -4.27
N HIS B 21 44.53 -5.84 -4.38
CA HIS B 21 44.98 -7.23 -4.46
C HIS B 21 44.81 -7.90 -3.10
N GLU B 22 45.00 -7.15 -2.02
CA GLU B 22 44.79 -7.68 -0.68
C GLU B 22 43.33 -8.06 -0.46
N ALA B 23 42.41 -7.19 -0.89
CA ALA B 23 40.99 -7.44 -0.74
C ALA B 23 40.57 -8.68 -1.51
N LYS B 24 41.05 -8.80 -2.75
CA LYS B 24 40.70 -9.93 -3.60
C LYS B 24 41.29 -11.24 -3.07
N TYR B 25 42.53 -11.20 -2.60
CA TYR B 25 43.14 -12.36 -1.95
C TYR B 25 42.26 -12.80 -0.80
N PHE B 26 41.82 -11.82 -0.01
CA PHE B 26 41.09 -12.12 1.21
C PHE B 26 39.74 -12.79 0.92
N ILE B 27 38.94 -12.21 0.04
CA ILE B 27 37.63 -12.78 -0.25
C ILE B 27 37.76 -14.09 -1.02
N SER B 28 38.86 -14.24 -1.77
CA SER B 28 39.12 -15.49 -2.47
C SER B 28 39.35 -16.62 -1.47
N SER B 29 39.97 -16.30 -0.34
CA SER B 29 40.27 -17.31 0.68
C SER B 29 38.99 -17.81 1.35
N TYR B 30 37.88 -17.13 1.10
CA TYR B 30 36.57 -17.52 1.63
C TYR B 30 35.72 -18.21 0.57
N GLY B 31 36.28 -18.40 -0.62
CA GLY B 31 35.59 -19.11 -1.68
C GLY B 31 34.77 -18.22 -2.60
N ILE B 32 35.02 -16.92 -2.55
CA ILE B 32 34.35 -15.99 -3.48
C ILE B 32 35.24 -15.80 -4.73
N PRO B 33 34.68 -16.09 -5.93
CA PRO B 33 35.52 -16.00 -7.13
C PRO B 33 35.95 -14.58 -7.47
N VAL B 34 37.24 -14.37 -7.74
CA VAL B 34 37.75 -13.06 -8.14
C VAL B 34 38.50 -13.16 -9.47
N THR B 35 38.81 -12.02 -10.06
CA THR B 35 39.63 -12.05 -11.26
C THR B 35 41.00 -12.58 -10.87
N ASN B 36 41.59 -13.39 -11.73
CA ASN B 36 42.97 -13.80 -11.49
C ASN B 36 43.87 -12.58 -11.45
N ILE B 37 44.76 -12.52 -10.45
CA ILE B 37 45.64 -11.37 -10.30
C ILE B 37 47.08 -11.73 -9.91
N ARG B 38 48.00 -10.86 -10.34
CA ARG B 38 49.43 -10.95 -9.99
C ARG B 38 49.97 -9.55 -9.73
N LEU B 39 50.73 -9.37 -8.65
CA LEU B 39 51.29 -8.05 -8.36
C LEU B 39 52.65 -7.90 -9.04
N ALA B 40 52.72 -6.96 -9.99
CA ALA B 40 53.93 -6.75 -10.77
C ALA B 40 54.75 -5.60 -10.20
N LYS B 41 56.05 -5.82 -10.09
CA LYS B 41 56.98 -4.83 -9.56
C LYS B 41 57.87 -4.23 -10.64
N SER B 42 57.91 -4.86 -11.82
CA SER B 42 58.65 -4.30 -12.95
C SER B 42 57.85 -4.51 -14.23
N GLU B 43 58.16 -3.71 -15.25
CA GLU B 43 57.56 -3.88 -16.57
C GLU B 43 57.74 -5.33 -17.03
N GLU B 44 58.90 -5.90 -16.68
CA GLU B 44 59.24 -7.26 -17.08
C GLU B 44 58.37 -8.29 -16.38
N GLU B 45 58.24 -8.19 -15.05
CA GLU B 45 57.36 -9.09 -14.32
C GLU B 45 55.92 -8.96 -14.81
N ALA B 46 55.55 -7.74 -15.19
CA ALA B 46 54.21 -7.45 -15.68
C ALA B 46 53.86 -8.23 -16.94
N VAL B 47 54.84 -8.39 -17.83
CA VAL B 47 54.60 -9.10 -19.08
C VAL B 47 54.53 -10.62 -18.87
N ASN B 48 55.42 -11.13 -18.03
CA ASN B 48 55.43 -12.56 -17.72
C ASN B 48 54.14 -13.00 -17.05
N PHE B 49 53.69 -12.21 -16.08
CA PHE B 49 52.43 -12.47 -15.39
C PHE B 49 51.26 -12.40 -16.37
N SER B 50 51.31 -11.44 -17.29
CA SER B 50 50.27 -11.28 -18.29
C SER B 50 50.17 -12.53 -19.17
N ARG B 51 51.30 -13.07 -19.59
CA ARG B 51 51.30 -14.28 -20.41
C ARG B 51 50.71 -15.44 -19.61
N GLU B 52 51.14 -15.57 -18.36
CA GLU B 52 50.66 -16.64 -17.49
C GLU B 52 49.14 -16.59 -17.30
N ILE B 53 48.63 -15.40 -17.02
CA ILE B 53 47.21 -15.20 -16.78
C ILE B 53 46.45 -15.41 -18.10
N GLY B 54 47.08 -15.02 -19.20
CA GLY B 54 46.46 -15.11 -20.51
C GLY B 54 45.80 -13.81 -20.90
N PHE B 55 45.95 -13.43 -22.16
CA PHE B 55 45.39 -12.18 -22.65
C PHE B 55 43.89 -12.35 -22.93
N PRO B 56 43.12 -11.26 -22.89
CA PRO B 56 43.56 -9.90 -22.52
C PRO B 56 43.72 -9.69 -21.02
N VAL B 57 44.44 -8.65 -20.65
CA VAL B 57 44.65 -8.30 -19.25
C VAL B 57 44.29 -6.84 -19.01
N VAL B 58 44.29 -6.44 -17.75
CA VAL B 58 44.13 -5.06 -17.36
C VAL B 58 45.20 -4.74 -16.33
N LEU B 59 45.73 -3.53 -16.38
CA LEU B 59 46.72 -3.06 -15.41
C LEU B 59 46.13 -1.97 -14.53
N LYS B 60 46.42 -2.03 -13.23
CA LYS B 60 45.96 -1.00 -12.30
C LYS B 60 47.11 -0.55 -11.43
N ILE B 61 47.09 0.71 -11.03
CA ILE B 61 48.11 1.23 -10.13
C ILE B 61 47.83 0.70 -8.72
N VAL B 62 48.87 0.27 -8.01
CA VAL B 62 48.75 -0.11 -6.61
C VAL B 62 49.46 0.90 -5.70
N SER B 63 48.69 1.75 -5.02
CA SER B 63 49.25 2.72 -4.09
C SER B 63 48.24 3.09 -3.00
N PRO B 64 48.68 3.09 -1.72
CA PRO B 64 47.81 3.54 -0.63
C PRO B 64 47.24 4.93 -0.84
N GLN B 65 47.91 5.76 -1.64
CA GLN B 65 47.51 7.15 -1.82
C GLN B 65 46.43 7.31 -2.89
N VAL B 66 46.38 6.38 -3.85
CA VAL B 66 45.35 6.41 -4.87
C VAL B 66 44.22 5.46 -4.49
N VAL B 67 43.04 6.03 -4.23
CA VAL B 67 41.88 5.22 -3.87
C VAL B 67 40.89 5.19 -5.05
N HIS B 68 40.96 6.18 -5.93
CA HIS B 68 40.15 6.15 -7.16
C HIS B 68 41.08 6.09 -8.36
N LYS B 69 41.38 4.86 -8.75
CA LYS B 69 42.47 4.55 -9.66
C LYS B 69 42.24 5.10 -11.06
N SER B 70 40.98 5.03 -11.50
CA SER B 70 40.59 5.48 -12.83
C SER B 70 40.67 6.99 -13.04
N ASP B 71 40.24 7.76 -12.04
CA ASP B 71 40.17 9.21 -12.16
C ASP B 71 41.53 9.89 -12.22
N VAL B 72 42.60 9.10 -12.21
CA VAL B 72 43.96 9.63 -12.30
C VAL B 72 44.72 9.00 -13.50
N GLY B 73 44.03 8.16 -14.26
CA GLY B 73 44.67 7.45 -15.37
C GLY B 73 45.56 6.32 -14.91
N GLY B 74 45.10 5.61 -13.87
CA GLY B 74 45.85 4.51 -13.29
C GLY B 74 45.33 3.14 -13.72
N VAL B 75 44.27 3.12 -14.53
CA VAL B 75 43.67 1.87 -14.99
C VAL B 75 43.66 1.76 -16.52
N LYS B 76 44.23 0.67 -17.02
CA LYS B 76 44.25 0.36 -18.45
C LYS B 76 43.68 -1.03 -18.74
N VAL B 77 42.61 -1.10 -19.53
CA VAL B 77 41.91 -2.37 -19.77
C VAL B 77 42.12 -2.93 -21.18
N ASN B 78 41.67 -4.18 -21.35
CA ASN B 78 41.73 -4.91 -22.61
C ASN B 78 43.07 -4.78 -23.33
N LEU B 79 44.11 -5.31 -22.70
CA LEU B 79 45.45 -5.34 -23.28
C LEU B 79 45.74 -6.75 -23.79
N ARG B 80 45.96 -6.87 -25.10
CA ARG B 80 45.96 -8.16 -25.77
C ARG B 80 47.32 -8.59 -26.31
N SER B 81 48.36 -7.80 -26.04
CA SER B 81 49.71 -8.12 -26.51
C SER B 81 50.77 -7.70 -25.51
N GLU B 82 51.96 -8.28 -25.64
CA GLU B 82 53.09 -7.89 -24.81
C GLU B 82 53.38 -6.40 -24.99
N GLU B 83 53.29 -5.94 -26.24
CA GLU B 83 53.51 -4.55 -26.59
C GLU B 83 52.50 -3.65 -25.89
N GLU B 84 51.23 -4.05 -25.94
CA GLU B 84 50.15 -3.28 -25.34
C GLU B 84 50.34 -3.22 -23.82
N VAL B 85 50.93 -4.27 -23.25
CA VAL B 85 51.18 -4.32 -21.81
C VAL B 85 52.27 -3.33 -21.40
N ARG B 86 53.40 -3.34 -22.12
CA ARG B 86 54.47 -2.40 -21.82
C ARG B 86 54.02 -0.97 -22.05
N LYS B 87 53.14 -0.79 -23.03
CA LYS B 87 52.63 0.54 -23.36
C LYS B 87 51.80 1.09 -22.21
N ALA B 88 50.92 0.25 -21.65
CA ALA B 88 50.04 0.69 -20.56
C ALA B 88 50.82 0.82 -19.25
N TYR B 89 51.83 -0.04 -19.07
CA TYR B 89 52.65 -0.02 -17.86
C TYR B 89 53.28 1.35 -17.64
N ARG B 90 54.03 1.81 -18.64
CA ARG B 90 54.75 3.06 -18.53
C ARG B 90 53.85 4.29 -18.46
N GLU B 91 52.73 4.30 -19.20
CA GLU B 91 51.85 5.47 -19.14
C GLU B 91 51.12 5.52 -17.79
N ILE B 92 50.86 4.38 -17.16
CA ILE B 92 50.29 4.41 -15.82
C ILE B 92 51.30 5.00 -14.85
N ILE B 93 52.56 4.55 -14.92
CA ILE B 93 53.59 5.08 -14.02
C ILE B 93 53.64 6.59 -14.15
N GLU B 94 53.60 7.07 -15.39
CA GLU B 94 53.65 8.50 -15.67
C GLU B 94 52.35 9.25 -15.33
N ASN B 95 51.20 8.65 -15.63
CA ASN B 95 49.91 9.30 -15.34
C ASN B 95 49.72 9.55 -13.86
N VAL B 96 50.22 8.63 -13.04
CA VAL B 96 50.14 8.74 -11.59
C VAL B 96 51.25 9.62 -11.02
N LYS B 97 52.46 9.50 -11.55
CA LYS B 97 53.56 10.36 -11.13
C LYS B 97 53.25 11.83 -11.41
N ARG B 98 52.43 12.07 -12.43
CA ARG B 98 52.02 13.41 -12.81
C ARG B 98 50.96 14.00 -11.87
N ASN B 99 49.95 13.19 -11.55
CA ASN B 99 48.78 13.67 -10.81
C ASN B 99 48.90 13.46 -9.30
N VAL B 100 49.64 12.43 -8.90
CA VAL B 100 49.99 12.20 -7.51
C VAL B 100 51.49 11.97 -7.40
N PRO B 101 52.27 13.06 -7.34
CA PRO B 101 53.74 12.97 -7.35
C PRO B 101 54.25 12.25 -6.12
N ASN B 102 53.67 12.58 -4.97
CA ASN B 102 53.97 11.87 -3.74
C ASN B 102 53.05 10.67 -3.60
N ALA B 103 53.41 9.57 -4.25
CA ALA B 103 52.67 8.32 -4.13
C ALA B 103 53.63 7.17 -3.84
N GLU B 104 53.24 6.32 -2.90
CA GLU B 104 53.99 5.11 -2.58
C GLU B 104 53.60 3.99 -3.52
N ILE B 105 54.53 3.56 -4.37
CA ILE B 105 54.20 2.58 -5.38
C ILE B 105 54.50 1.19 -4.83
N GLU B 106 53.43 0.41 -4.69
CA GLU B 106 53.54 -0.96 -4.23
C GLU B 106 53.79 -1.84 -5.44
N GLY B 107 53.28 -1.41 -6.59
CA GLY B 107 53.41 -2.16 -7.82
C GLY B 107 52.29 -1.82 -8.78
N ILE B 108 52.22 -2.56 -9.88
CA ILE B 108 51.11 -2.45 -10.82
C ILE B 108 50.40 -3.81 -10.88
N LEU B 109 49.11 -3.82 -10.55
CA LEU B 109 48.38 -5.08 -10.51
C LEU B 109 48.04 -5.55 -11.91
N VAL B 110 48.41 -6.78 -12.23
CA VAL B 110 48.08 -7.39 -13.52
C VAL B 110 46.90 -8.31 -13.27
N GLN B 111 45.86 -8.21 -14.09
CA GLN B 111 44.69 -9.06 -13.90
C GLN B 111 43.95 -9.38 -15.18
N GLU B 112 43.20 -10.47 -15.14
CA GLU B 112 42.45 -10.92 -16.31
C GLU B 112 41.32 -9.94 -16.65
N PHE B 113 41.10 -9.76 -17.95
CA PHE B 113 39.99 -8.92 -18.42
C PHE B 113 38.67 -9.71 -18.41
N ALA B 114 37.74 -9.28 -17.56
CA ALA B 114 36.45 -9.96 -17.45
C ALA B 114 35.54 -9.60 -18.63
N PRO B 115 35.04 -10.61 -19.37
CA PRO B 115 34.11 -10.28 -20.47
C PRO B 115 32.79 -9.74 -19.93
N PRO B 116 31.98 -9.09 -20.77
CA PRO B 116 30.75 -8.50 -20.25
C PRO B 116 29.73 -9.55 -19.83
N GLY B 117 28.98 -9.22 -18.79
CA GLY B 117 27.87 -10.03 -18.34
C GLY B 117 26.91 -9.13 -17.61
N VAL B 118 26.14 -9.70 -16.69
CA VAL B 118 25.21 -8.91 -15.87
C VAL B 118 25.94 -8.49 -14.60
N GLU B 119 26.00 -7.19 -14.34
CA GLU B 119 26.75 -6.68 -13.19
C GLU B 119 25.91 -6.70 -11.92
N LEU B 120 26.57 -6.99 -10.80
CA LEU B 120 25.92 -7.08 -9.49
C LEU B 120 26.71 -6.29 -8.46
N ILE B 121 26.04 -6.00 -7.35
CA ILE B 121 26.71 -5.48 -6.16
C ILE B 121 26.38 -6.38 -4.98
N ILE B 122 27.44 -6.79 -4.28
CA ILE B 122 27.32 -7.51 -3.01
C ILE B 122 28.00 -6.68 -1.95
N GLY B 123 27.24 -6.27 -0.93
CA GLY B 123 27.75 -5.39 0.09
C GLY B 123 27.67 -5.99 1.49
N LEU B 124 28.47 -5.42 2.38
CA LEU B 124 28.45 -5.77 3.79
C LEU B 124 28.63 -4.50 4.62
N LEU B 125 27.68 -4.28 5.53
CA LEU B 125 27.76 -3.15 6.43
C LEU B 125 27.42 -3.62 7.84
N ARG B 126 27.62 -2.74 8.81
CA ARG B 126 27.28 -3.04 10.19
C ARG B 126 26.19 -2.09 10.67
N ASP B 127 25.03 -2.67 10.96
CA ASP B 127 23.89 -1.92 11.46
C ASP B 127 24.00 -1.82 12.98
N PRO B 128 23.71 -0.65 13.56
CA PRO B 128 23.83 -0.50 15.01
C PRO B 128 23.02 -1.53 15.80
N GLN B 129 21.82 -1.82 15.31
CA GLN B 129 20.94 -2.79 15.96
C GLN B 129 21.32 -4.23 15.64
N PHE B 130 21.47 -4.54 14.35
CA PHE B 130 21.48 -5.93 13.91
C PHE B 130 22.87 -6.45 13.50
N GLY B 131 23.89 -5.60 13.58
CA GLY B 131 25.25 -6.03 13.30
C GLY B 131 25.47 -6.31 11.83
N PRO B 132 26.36 -7.26 11.49
CA PRO B 132 26.71 -7.47 10.08
C PRO B 132 25.49 -7.80 9.21
N THR B 133 25.33 -7.04 8.14
CA THR B 133 24.18 -7.12 7.26
C THR B 133 24.64 -7.15 5.81
N VAL B 134 24.14 -8.12 5.05
CA VAL B 134 24.52 -8.25 3.64
C VAL B 134 23.54 -7.49 2.75
N MET B 135 24.07 -6.83 1.73
CA MET B 135 23.28 -6.07 0.77
C MET B 135 23.44 -6.66 -0.62
N PHE B 136 22.35 -6.68 -1.39
CA PHE B 136 22.39 -7.13 -2.78
C PHE B 136 21.65 -6.19 -3.70
N GLY B 137 22.15 -6.05 -4.93
CA GLY B 137 21.45 -5.30 -5.95
C GLY B 137 22.06 -5.52 -7.32
N LEU B 138 21.33 -5.12 -8.36
CA LEU B 138 21.88 -5.14 -9.71
C LEU B 138 22.79 -3.93 -9.88
N GLY B 139 23.82 -4.08 -10.71
CA GLY B 139 24.85 -3.07 -10.83
C GLY B 139 24.39 -1.84 -11.59
N GLY B 140 25.30 -0.89 -11.74
CA GLY B 140 25.05 0.31 -12.52
C GLY B 140 23.99 1.20 -11.88
N VAL B 141 23.07 1.68 -12.70
CA VAL B 141 22.08 2.65 -12.24
C VAL B 141 21.13 2.06 -11.22
N PHE B 142 20.98 0.75 -11.22
CA PHE B 142 19.94 0.10 -10.44
C PHE B 142 20.18 0.26 -8.94
N VAL B 143 21.43 0.21 -8.49
CA VAL B 143 21.75 0.56 -7.11
C VAL B 143 22.12 2.05 -7.02
N GLU B 144 22.98 2.52 -7.93
CA GLU B 144 23.51 3.88 -7.83
C GLU B 144 22.43 4.95 -7.89
N LEU B 145 21.48 4.77 -8.79
CA LEU B 145 20.47 5.80 -9.07
C LEU B 145 19.11 5.46 -8.47
N PHE B 146 18.66 4.22 -8.64
CA PHE B 146 17.32 3.82 -8.19
C PHE B 146 17.33 3.23 -6.78
N ARG B 147 18.51 2.98 -6.23
CA ARG B 147 18.64 2.42 -4.88
C ARG B 147 17.84 1.13 -4.70
N ASP B 148 17.80 0.31 -5.74
CA ASP B 148 17.04 -0.94 -5.69
C ASP B 148 17.89 -2.04 -5.04
N VAL B 149 17.79 -2.16 -3.72
CA VAL B 149 18.63 -3.08 -2.96
C VAL B 149 17.84 -3.90 -1.95
N SER B 150 18.31 -5.10 -1.65
CA SER B 150 17.76 -5.91 -0.56
C SER B 150 18.79 -6.12 0.54
N PHE B 151 18.31 -6.43 1.74
CA PHE B 151 19.15 -6.64 2.91
C PHE B 151 18.77 -7.92 3.64
N ARG B 152 19.78 -8.62 4.15
CA ARG B 152 19.57 -9.70 5.12
C ARG B 152 20.62 -9.62 6.22
N VAL B 153 20.20 -9.83 7.45
CA VAL B 153 21.10 -9.81 8.60
C VAL B 153 21.84 -11.14 8.66
N ALA B 154 23.15 -11.08 8.88
CA ALA B 154 23.98 -12.28 8.85
C ALA B 154 23.97 -12.99 10.19
N PRO B 155 24.22 -14.32 10.19
CA PRO B 155 24.53 -15.15 9.03
C PRO B 155 23.33 -15.43 8.13
N LEU B 156 23.58 -15.62 6.84
CA LEU B 156 22.54 -15.89 5.85
C LEU B 156 22.34 -17.37 5.63
N SER B 157 21.09 -17.81 5.72
CA SER B 157 20.70 -19.15 5.27
C SER B 157 20.54 -19.13 3.75
N GLU B 158 20.42 -20.29 3.13
CA GLU B 158 20.14 -20.35 1.71
C GLU B 158 18.80 -19.67 1.41
N GLN B 159 17.86 -19.84 2.33
CA GLN B 159 16.56 -19.19 2.23
C GLN B 159 16.68 -17.67 2.23
N ASP B 160 17.55 -17.14 3.07
CA ASP B 160 17.81 -15.69 3.09
C ASP B 160 18.40 -15.23 1.76
N ALA B 161 19.42 -15.96 1.30
CA ALA B 161 20.14 -15.58 0.08
C ALA B 161 19.22 -15.60 -1.14
N GLU B 162 18.45 -16.67 -1.28
CA GLU B 162 17.59 -16.83 -2.45
C GLU B 162 16.46 -15.81 -2.47
N SER B 163 15.82 -15.60 -1.33
CA SER B 163 14.68 -14.68 -1.26
C SER B 163 15.13 -13.24 -1.48
N MET B 164 16.31 -12.87 -0.98
CA MET B 164 16.74 -11.48 -1.11
C MET B 164 17.08 -11.20 -2.58
N ILE B 165 17.57 -12.21 -3.31
CA ILE B 165 17.81 -12.01 -4.75
C ILE B 165 16.49 -11.79 -5.48
N LYS B 166 15.50 -12.62 -5.22
CA LYS B 166 14.20 -12.50 -5.89
C LYS B 166 13.46 -11.24 -5.49
N GLU B 167 13.92 -10.59 -4.42
CA GLU B 167 13.20 -9.46 -3.83
C GLU B 167 13.40 -8.15 -4.61
N VAL B 168 14.58 -7.97 -5.20
CA VAL B 168 14.89 -6.70 -5.84
C VAL B 168 14.07 -6.50 -7.12
N LYS B 169 13.72 -5.24 -7.38
CA LYS B 169 12.88 -4.89 -8.52
C LYS B 169 13.49 -5.24 -9.87
N ALA B 170 14.82 -5.31 -9.94
CA ALA B 170 15.52 -5.57 -11.20
C ALA B 170 15.89 -7.06 -11.32
N TYR B 171 15.16 -7.90 -10.59
CA TYR B 171 15.45 -9.33 -10.53
C TYR B 171 15.44 -9.98 -11.91
N LYS B 172 14.51 -9.57 -12.76
CA LYS B 172 14.35 -10.20 -14.07
C LYS B 172 15.60 -10.06 -14.94
N LEU B 173 16.54 -9.20 -14.55
CA LEU B 173 17.78 -9.08 -15.31
C LEU B 173 18.67 -10.30 -15.12
N LEU B 174 18.28 -11.22 -14.23
CA LEU B 174 19.06 -12.41 -13.93
C LEU B 174 18.48 -13.67 -14.56
N THR B 175 17.26 -13.56 -15.10
CA THR B 175 16.54 -14.75 -15.57
C THR B 175 16.30 -14.72 -17.08
N GLY B 176 17.11 -13.96 -17.79
CA GLY B 176 17.09 -13.97 -19.24
C GLY B 176 16.18 -12.92 -19.83
N PHE B 177 16.77 -12.03 -20.63
CA PHE B 177 16.03 -10.97 -21.30
C PHE B 177 16.68 -10.72 -22.65
N ARG B 178 16.14 -9.77 -23.42
CA ARG B 178 16.62 -9.50 -24.77
C ARG B 178 18.13 -9.33 -24.84
N GLY B 179 18.80 -10.31 -25.46
CA GLY B 179 20.22 -10.24 -25.70
C GLY B 179 21.08 -10.79 -24.57
N MET B 180 20.45 -11.51 -23.64
CA MET B 180 21.14 -11.97 -22.44
C MET B 180 20.53 -13.25 -21.90
N GLU B 181 21.36 -14.29 -21.77
CA GLU B 181 20.91 -15.55 -21.18
C GLU B 181 20.72 -15.39 -19.68
N PRO B 182 19.99 -16.34 -19.05
CA PRO B 182 19.95 -16.38 -17.58
C PRO B 182 21.35 -16.55 -16.98
N VAL B 183 21.57 -16.07 -15.75
CA VAL B 183 22.88 -16.21 -15.11
C VAL B 183 22.83 -17.16 -13.91
N ASP B 184 24.01 -17.46 -13.36
CA ASP B 184 24.15 -18.48 -12.33
C ASP B 184 23.69 -17.99 -10.96
N ILE B 185 22.41 -18.19 -10.66
CA ILE B 185 21.84 -17.69 -9.40
C ILE B 185 22.37 -18.45 -8.19
N GLU B 186 22.69 -19.72 -8.35
CA GLU B 186 23.25 -20.50 -7.25
C GLU B 186 24.61 -19.93 -6.83
N ALA B 187 25.39 -19.49 -7.80
CA ALA B 187 26.69 -18.87 -7.52
C ALA B 187 26.49 -17.56 -6.76
N ILE B 188 25.46 -16.80 -7.15
CA ILE B 188 25.16 -15.55 -6.47
C ILE B 188 24.76 -15.81 -5.02
N LYS B 189 23.89 -16.78 -4.81
CA LYS B 189 23.46 -17.18 -3.47
C LYS B 189 24.65 -17.53 -2.61
N ASP B 190 25.54 -18.34 -3.17
CA ASP B 190 26.71 -18.82 -2.45
C ASP B 190 27.62 -17.67 -2.05
N ALA B 191 27.84 -16.73 -2.97
CA ALA B 191 28.67 -15.56 -2.70
C ALA B 191 28.05 -14.69 -1.62
N LEU B 192 26.73 -14.54 -1.64
CA LEU B 192 26.04 -13.75 -0.63
C LEU B 192 26.24 -14.36 0.76
N ILE B 193 26.08 -15.68 0.83
CA ILE B 193 26.25 -16.37 2.10
C ILE B 193 27.66 -16.22 2.64
N ARG B 194 28.65 -16.38 1.76
CA ARG B 194 30.05 -16.28 2.16
C ARG B 194 30.38 -14.85 2.57
N ALA B 195 29.78 -13.87 1.89
CA ALA B 195 29.92 -12.47 2.25
C ALA B 195 29.43 -12.26 3.69
N GLY B 196 28.31 -12.89 4.02
CA GLY B 196 27.77 -12.83 5.37
C GLY B 196 28.73 -13.40 6.38
N ARG B 197 29.34 -14.54 6.04
CA ARG B 197 30.29 -15.20 6.93
C ARG B 197 31.50 -14.32 7.20
N ILE B 198 31.96 -13.63 6.15
CA ILE B 198 33.09 -12.71 6.28
C ILE B 198 32.78 -11.64 7.32
N GLY B 199 31.57 -11.10 7.26
CA GLY B 199 31.16 -10.08 8.20
C GLY B 199 31.01 -10.58 9.62
N VAL B 200 30.48 -11.79 9.77
CA VAL B 200 30.28 -12.34 11.11
C VAL B 200 31.63 -12.60 11.78
N GLU B 201 32.55 -13.20 11.03
CA GLU B 201 33.81 -13.69 11.60
C GLU B 201 34.87 -12.60 11.79
N ASN B 202 34.95 -11.64 10.89
CA ASN B 202 36.03 -10.65 10.93
C ASN B 202 35.56 -9.32 11.49
N GLU B 203 35.68 -9.18 12.80
CA GLU B 203 35.15 -8.04 13.52
C GLU B 203 35.83 -6.73 13.16
N GLU B 204 37.05 -6.80 12.62
CA GLU B 204 37.78 -5.60 12.23
C GLU B 204 37.39 -5.11 10.85
N ILE B 205 36.58 -5.89 10.13
CA ILE B 205 36.06 -5.44 8.85
C ILE B 205 34.78 -4.63 9.07
N ALA B 206 34.86 -3.32 8.83
CA ALA B 206 33.75 -2.40 9.06
C ALA B 206 32.78 -2.37 7.89
N GLU B 207 33.33 -2.56 6.69
CA GLU B 207 32.58 -2.37 5.47
C GLU B 207 33.20 -3.20 4.37
N MET B 208 32.37 -3.76 3.49
CA MET B 208 32.88 -4.44 2.30
C MET B 208 31.96 -4.15 1.12
N ASP B 209 32.59 -3.88 -0.02
CA ASP B 209 31.88 -3.52 -1.24
C ASP B 209 32.45 -4.32 -2.40
N LEU B 210 31.67 -5.27 -2.91
CA LEU B 210 32.07 -6.06 -4.06
C LEU B 210 31.34 -5.49 -5.26
N ASN B 211 32.07 -4.73 -6.07
CA ASN B 211 31.44 -3.86 -7.05
C ASN B 211 32.39 -3.34 -8.14
N PRO B 212 32.20 -3.77 -9.40
CA PRO B 212 31.15 -4.68 -9.86
C PRO B 212 31.49 -6.14 -9.67
N VAL B 213 30.44 -6.94 -9.59
CA VAL B 213 30.51 -8.40 -9.64
C VAL B 213 29.81 -8.78 -10.94
N ILE B 214 30.47 -9.58 -11.77
CA ILE B 214 29.91 -9.93 -13.07
C ILE B 214 29.41 -11.37 -13.05
N ALA B 215 28.14 -11.53 -13.41
CA ALA B 215 27.47 -12.82 -13.38
C ALA B 215 27.34 -13.41 -14.79
N TYR B 216 27.66 -14.68 -14.91
CA TYR B 216 27.61 -15.37 -16.20
C TYR B 216 26.63 -16.54 -16.10
N PRO B 217 26.28 -17.14 -17.26
CA PRO B 217 25.45 -18.35 -17.24
C PRO B 217 26.06 -19.40 -16.32
N LYS B 218 27.39 -19.38 -16.21
CA LYS B 218 28.11 -20.23 -15.27
C LYS B 218 29.08 -19.40 -14.43
N GLY B 219 28.86 -19.40 -13.12
CA GLY B 219 29.75 -18.73 -12.18
C GLY B 219 29.67 -17.21 -12.22
N ILE B 220 30.39 -16.59 -11.29
CA ILE B 220 30.47 -15.14 -11.20
C ILE B 220 31.92 -14.74 -10.96
N LYS B 221 32.23 -13.46 -11.12
CA LYS B 221 33.58 -12.96 -10.85
C LYS B 221 33.59 -11.55 -10.25
N VAL B 222 34.11 -11.43 -9.04
CA VAL B 222 34.32 -10.12 -8.44
C VAL B 222 35.42 -9.40 -9.21
N VAL B 223 35.10 -8.23 -9.75
CA VAL B 223 36.06 -7.49 -10.57
C VAL B 223 36.79 -6.45 -9.72
N ASP B 224 36.05 -5.76 -8.85
CA ASP B 224 36.64 -4.83 -7.90
C ASP B 224 36.05 -5.08 -6.52
N ALA B 225 36.88 -4.94 -5.50
CA ALA B 225 36.48 -5.22 -4.13
C ALA B 225 37.14 -4.24 -3.18
N ARG B 226 36.34 -3.63 -2.31
CA ARG B 226 36.84 -2.72 -1.28
C ARG B 226 36.54 -3.28 0.10
N ILE B 227 37.52 -3.16 0.99
CA ILE B 227 37.38 -3.60 2.37
C ILE B 227 37.93 -2.54 3.32
N ILE B 228 37.03 -1.96 4.11
CA ILE B 228 37.39 -0.94 5.09
C ILE B 228 37.54 -1.54 6.48
N LEU B 229 38.59 -1.14 7.17
CA LEU B 229 38.91 -1.67 8.49
C LEU B 229 38.56 -0.67 9.59
N ARG B 230 38.40 -1.18 10.80
CA ARG B 230 38.16 -0.35 11.98
C ARG B 230 39.01 -0.85 13.14
N MET C 1 -34.57 14.40 -22.76
CA MET C 1 -34.05 13.04 -22.43
C MET C 1 -32.73 13.10 -21.67
N ASN C 2 -32.13 14.29 -21.57
CA ASN C 2 -30.84 14.42 -20.89
C ASN C 2 -30.93 15.18 -19.56
N ASP C 3 -32.09 15.76 -19.29
CA ASP C 3 -32.36 16.47 -18.04
C ASP C 3 -33.05 15.52 -17.06
N LEU C 4 -32.47 15.34 -15.87
CA LEU C 4 -32.99 14.38 -14.89
C LEU C 4 -33.75 15.04 -13.73
N GLU C 5 -34.09 16.31 -13.89
CA GLU C 5 -34.79 17.05 -12.84
C GLU C 5 -36.07 16.34 -12.39
N ARG C 6 -36.80 15.78 -13.34
CA ARG C 6 -38.10 15.19 -13.01
C ARG C 6 -38.00 13.71 -12.68
N LEU C 7 -36.79 13.16 -12.75
CA LEU C 7 -36.52 11.85 -12.17
C LEU C 7 -36.38 12.01 -10.66
N PHE C 8 -35.57 12.97 -10.24
CA PHE C 8 -35.28 13.15 -8.82
C PHE C 8 -36.36 13.98 -8.13
N ASN C 9 -37.07 14.80 -8.90
CA ASN C 9 -38.11 15.67 -8.37
C ASN C 9 -39.40 15.56 -9.18
N PRO C 10 -40.02 14.36 -9.19
CA PRO C 10 -41.25 14.10 -9.96
C PRO C 10 -42.51 14.62 -9.28
N SER C 11 -43.55 14.88 -10.05
CA SER C 11 -44.86 15.22 -9.51
C SER C 11 -45.68 13.97 -9.27
N ALA C 12 -45.45 12.95 -10.09
CA ALA C 12 -46.22 11.72 -10.03
C ALA C 12 -45.34 10.51 -10.35
N ILE C 13 -45.48 9.47 -9.51
CA ILE C 13 -44.72 8.25 -9.68
C ILE C 13 -45.63 7.03 -9.60
N ALA C 14 -45.46 6.10 -10.52
CA ALA C 14 -46.22 4.85 -10.53
C ALA C 14 -45.34 3.72 -10.03
N VAL C 15 -45.93 2.81 -9.27
CA VAL C 15 -45.24 1.61 -8.80
C VAL C 15 -45.94 0.40 -9.41
N VAL C 16 -45.26 -0.22 -10.36
CA VAL C 16 -45.80 -1.38 -11.06
C VAL C 16 -45.22 -2.63 -10.44
N GLY C 17 -46.09 -3.48 -9.88
CA GLY C 17 -45.66 -4.72 -9.26
C GLY C 17 -46.02 -4.77 -7.79
N ALA C 18 -46.69 -3.72 -7.29
CA ALA C 18 -47.14 -3.71 -5.91
C ALA C 18 -48.41 -4.56 -5.80
N SER C 19 -48.61 -5.17 -4.64
CA SER C 19 -49.79 -6.00 -4.43
C SER C 19 -50.16 -6.04 -2.97
N LYS C 20 -51.21 -6.80 -2.67
CA LYS C 20 -51.68 -6.96 -1.31
C LYS C 20 -50.68 -7.79 -0.51
N ASP C 21 -49.80 -8.49 -1.21
CA ASP C 21 -48.73 -9.25 -0.54
C ASP C 21 -47.61 -8.30 -0.14
N PRO C 22 -47.41 -8.08 1.17
CA PRO C 22 -46.35 -7.14 1.56
C PRO C 22 -44.92 -7.61 1.28
N SER C 23 -44.73 -8.88 1.00
CA SER C 23 -43.37 -9.41 0.86
C SER C 23 -42.83 -9.15 -0.54
N LYS C 24 -43.71 -8.76 -1.45
CA LYS C 24 -43.31 -8.45 -2.81
C LYS C 24 -42.46 -7.18 -2.85
N ILE C 25 -41.49 -7.19 -3.76
CA ILE C 25 -40.58 -6.06 -3.91
C ILE C 25 -41.33 -4.76 -4.21
N GLY C 26 -42.27 -4.83 -5.14
CA GLY C 26 -43.07 -3.67 -5.50
C GLY C 26 -43.80 -3.11 -4.30
N SER C 27 -44.27 -4.01 -3.45
CA SER C 27 -44.99 -3.62 -2.24
C SER C 27 -44.05 -2.96 -1.24
N GLN C 28 -42.83 -3.45 -1.16
CA GLN C 28 -41.84 -2.86 -0.26
C GLN C 28 -41.50 -1.43 -0.70
N ILE C 29 -41.37 -1.25 -2.01
CA ILE C 29 -41.07 0.07 -2.56
C ILE C 29 -42.19 1.06 -2.26
N LEU C 30 -43.43 0.62 -2.52
CA LEU C 30 -44.59 1.46 -2.23
C LEU C 30 -44.59 1.84 -0.75
N ARG C 31 -44.25 0.88 0.11
CA ARG C 31 -44.19 1.12 1.54
C ARG C 31 -43.14 2.17 1.90
N ASN C 32 -41.94 2.04 1.35
CA ASN C 32 -40.90 3.03 1.59
C ASN C 32 -41.27 4.42 1.09
N LEU C 33 -41.89 4.48 -0.07
CA LEU C 33 -42.30 5.75 -0.64
C LEU C 33 -43.23 6.50 0.30
N LEU C 34 -44.16 5.77 0.90
CA LEU C 34 -45.13 6.40 1.77
C LEU C 34 -44.51 6.78 3.12
N SER C 35 -43.75 5.87 3.71
CA SER C 35 -43.17 6.12 5.05
C SER C 35 -42.17 7.28 5.02
N TYR C 36 -41.38 7.38 3.96
CA TYR C 36 -40.34 8.38 3.88
C TYR C 36 -40.94 9.78 3.60
N GLY C 37 -42.17 9.81 3.10
CA GLY C 37 -42.95 11.05 3.08
C GLY C 37 -43.05 11.78 1.76
N PHE C 38 -43.12 11.05 0.65
CA PHE C 38 -43.23 11.68 -0.66
C PHE C 38 -44.52 12.50 -0.77
N LYS C 39 -44.40 13.73 -1.28
CA LYS C 39 -45.52 14.67 -1.26
C LYS C 39 -46.30 14.74 -2.58
N GLY C 40 -45.74 14.19 -3.64
CA GLY C 40 -46.43 14.13 -4.92
C GLY C 40 -47.44 13.00 -4.94
N LYS C 41 -47.92 12.67 -6.14
CA LYS C 41 -48.90 11.60 -6.29
C LYS C 41 -48.21 10.26 -6.47
N VAL C 42 -48.74 9.24 -5.80
CA VAL C 42 -48.26 7.87 -5.92
C VAL C 42 -49.38 7.01 -6.50
N TYR C 43 -49.08 6.27 -7.56
CA TYR C 43 -50.08 5.46 -8.24
C TYR C 43 -49.71 3.98 -8.25
N PRO C 44 -50.20 3.23 -7.24
CA PRO C 44 -49.99 1.79 -7.31
C PRO C 44 -50.64 1.20 -8.56
N ILE C 45 -49.89 0.39 -9.30
CA ILE C 45 -50.40 -0.25 -10.50
C ILE C 45 -50.48 -1.75 -10.27
N ASN C 46 -51.68 -2.30 -10.44
CA ASN C 46 -51.93 -3.71 -10.19
C ASN C 46 -53.20 -4.14 -10.94
N PRO C 47 -53.15 -5.32 -11.58
CA PRO C 47 -54.27 -5.73 -12.45
C PRO C 47 -55.63 -5.85 -11.75
N THR C 48 -55.66 -6.32 -10.50
CA THR C 48 -56.93 -6.61 -9.83
C THR C 48 -57.25 -5.64 -8.69
N ALA C 49 -56.24 -5.26 -7.92
CA ALA C 49 -56.48 -4.38 -6.78
C ALA C 49 -57.06 -3.03 -7.22
N ASP C 50 -58.12 -2.61 -6.55
CA ASP C 50 -58.67 -1.27 -6.74
C ASP C 50 -58.02 -0.28 -5.77
N GLU C 51 -57.40 -0.81 -4.71
CA GLU C 51 -56.79 0.04 -3.68
C GLU C 51 -55.60 -0.68 -3.03
N LEU C 52 -54.50 0.06 -2.88
CA LEU C 52 -53.33 -0.42 -2.15
C LEU C 52 -52.78 0.67 -1.24
N MET C 53 -52.58 0.33 0.03
CA MET C 53 -52.10 1.28 1.04
C MET C 53 -52.99 2.52 1.11
N GLY C 54 -54.27 2.34 0.85
CA GLY C 54 -55.21 3.43 0.96
C GLY C 54 -55.18 4.36 -0.24
N LEU C 55 -54.46 3.94 -1.28
CA LEU C 55 -54.33 4.73 -2.51
C LEU C 55 -55.06 4.07 -3.67
N LYS C 56 -55.77 4.86 -4.47
CA LYS C 56 -56.45 4.29 -5.62
C LYS C 56 -55.47 3.61 -6.55
N CYS C 57 -55.79 2.37 -6.92
CA CYS C 57 -54.94 1.56 -7.76
C CYS C 57 -55.47 1.50 -9.19
N TYR C 58 -54.59 1.32 -10.17
CA TYR C 58 -54.99 1.19 -11.56
C TYR C 58 -54.38 -0.06 -12.20
N PRO C 59 -55.05 -0.62 -13.24
CA PRO C 59 -54.49 -1.80 -13.89
C PRO C 59 -53.28 -1.49 -14.76
N LYS C 60 -53.27 -0.30 -15.36
CA LYS C 60 -52.17 0.12 -16.23
C LYS C 60 -51.82 1.59 -15.98
N VAL C 61 -50.55 1.93 -16.19
CA VAL C 61 -50.08 3.31 -16.08
C VAL C 61 -50.88 4.23 -17.01
N SER C 62 -51.23 3.73 -18.19
CA SER C 62 -51.96 4.54 -19.17
C SER C 62 -53.38 4.89 -18.71
N ASP C 63 -53.90 4.15 -17.73
CA ASP C 63 -55.23 4.45 -17.17
C ASP C 63 -55.20 5.60 -16.17
N VAL C 64 -54.02 5.92 -15.65
CA VAL C 64 -53.92 6.95 -14.63
C VAL C 64 -54.33 8.31 -15.19
N PRO C 65 -55.30 8.98 -14.54
CA PRO C 65 -55.68 10.31 -15.06
C PRO C 65 -54.71 11.39 -14.58
N ASP C 66 -53.47 11.30 -15.06
CA ASP C 66 -52.41 12.21 -14.65
C ASP C 66 -51.21 11.97 -15.55
N LYS C 67 -50.25 12.89 -15.54
CA LYS C 67 -48.99 12.68 -16.25
C LYS C 67 -48.00 12.04 -15.29
N VAL C 68 -47.65 10.78 -15.54
CA VAL C 68 -46.72 10.05 -14.68
C VAL C 68 -45.29 10.29 -15.15
N ASP C 69 -44.47 10.88 -14.28
CA ASP C 69 -43.08 11.16 -14.62
C ASP C 69 -42.21 9.91 -14.55
N VAL C 70 -42.41 9.12 -13.49
CA VAL C 70 -41.55 7.98 -13.19
C VAL C 70 -42.37 6.73 -12.93
N ALA C 71 -42.00 5.63 -13.59
CA ALA C 71 -42.60 4.32 -13.34
C ALA C 71 -41.55 3.36 -12.79
N VAL C 72 -41.75 2.93 -11.57
CA VAL C 72 -40.89 1.95 -10.92
C VAL C 72 -41.44 0.57 -11.21
N ILE C 73 -40.71 -0.20 -12.01
CA ILE C 73 -41.23 -1.45 -12.58
C ILE C 73 -40.60 -2.68 -11.94
N SER C 74 -41.45 -3.49 -11.32
CA SER C 74 -41.02 -4.61 -10.49
C SER C 74 -41.67 -5.93 -10.88
N VAL C 75 -42.07 -6.03 -12.15
CA VAL C 75 -42.77 -7.22 -12.66
C VAL C 75 -41.76 -8.20 -13.24
N PRO C 76 -42.15 -9.46 -13.46
CA PRO C 76 -41.20 -10.43 -14.04
C PRO C 76 -40.60 -9.94 -15.35
N SER C 77 -39.38 -10.39 -15.64
CA SER C 77 -38.64 -9.91 -16.80
C SER C 77 -39.42 -10.10 -18.10
N ASP C 78 -40.20 -11.17 -18.17
CA ASP C 78 -40.94 -11.50 -19.38
C ASP C 78 -42.17 -10.60 -19.57
N LYS C 79 -42.46 -9.77 -18.56
CA LYS C 79 -43.57 -8.83 -18.63
C LYS C 79 -43.11 -7.39 -18.77
N VAL C 80 -41.81 -7.15 -18.63
CA VAL C 80 -41.31 -5.78 -18.57
C VAL C 80 -41.57 -5.00 -19.86
N LEU C 81 -41.30 -5.61 -21.02
CA LEU C 81 -41.46 -4.92 -22.29
C LEU C 81 -42.89 -4.43 -22.49
N GLY C 82 -43.85 -5.24 -22.09
CA GLY C 82 -45.25 -4.85 -22.16
C GLY C 82 -45.51 -3.59 -21.36
N VAL C 83 -45.01 -3.57 -20.13
CA VAL C 83 -45.17 -2.43 -19.24
C VAL C 83 -44.48 -1.22 -19.84
N ILE C 84 -43.33 -1.42 -20.48
CA ILE C 84 -42.61 -0.33 -21.12
C ILE C 84 -43.45 0.32 -22.19
N ASP C 85 -44.07 -0.49 -23.03
CA ASP C 85 -44.92 0.04 -24.10
C ASP C 85 -46.06 0.86 -23.51
N ASP C 86 -46.73 0.34 -22.49
CA ASP C 86 -47.83 1.08 -21.85
C ASP C 86 -47.35 2.39 -21.25
N CYS C 87 -46.19 2.35 -20.60
CA CYS C 87 -45.63 3.55 -19.98
C CYS C 87 -45.26 4.57 -21.04
N GLY C 88 -44.77 4.09 -22.17
CA GLY C 88 -44.43 4.95 -23.29
C GLY C 88 -45.64 5.67 -23.85
N LYS C 89 -46.70 4.91 -24.12
CA LYS C 89 -47.94 5.48 -24.62
C LYS C 89 -48.51 6.49 -23.62
N ALA C 90 -48.22 6.27 -22.34
CA ALA C 90 -48.71 7.16 -21.28
C ALA C 90 -47.82 8.39 -21.13
N GLY C 91 -46.71 8.43 -21.87
CA GLY C 91 -45.82 9.58 -21.86
C GLY C 91 -44.85 9.60 -20.70
N VAL C 92 -44.59 8.43 -20.11
CA VAL C 92 -43.66 8.34 -18.98
C VAL C 92 -42.26 8.73 -19.42
N LYS C 93 -41.62 9.61 -18.65
CA LYS C 93 -40.28 10.09 -18.97
C LYS C 93 -39.18 9.15 -18.47
N PHE C 94 -39.41 8.48 -17.34
CA PHE C 94 -38.38 7.63 -16.75
C PHE C 94 -38.93 6.28 -16.30
N ALA C 95 -38.28 5.23 -16.80
CA ALA C 95 -38.58 3.85 -16.40
C ALA C 95 -37.49 3.34 -15.48
N VAL C 96 -37.84 3.17 -14.20
CA VAL C 96 -36.92 2.65 -13.21
C VAL C 96 -37.12 1.14 -13.09
N VAL C 97 -36.35 0.38 -13.86
CA VAL C 97 -36.59 -1.05 -13.99
C VAL C 97 -35.85 -1.83 -12.91
N ILE C 98 -36.56 -2.13 -11.83
CA ILE C 98 -36.01 -2.89 -10.70
C ILE C 98 -35.58 -4.27 -11.15
N THR C 99 -36.42 -4.87 -11.99
CA THR C 99 -36.38 -6.28 -12.32
C THR C 99 -35.04 -6.79 -12.83
N SER C 100 -34.64 -7.94 -12.29
CA SER C 100 -33.40 -8.61 -12.66
C SER C 100 -33.64 -9.57 -13.82
N GLY C 101 -32.57 -10.21 -14.29
CA GLY C 101 -32.68 -11.23 -15.31
C GLY C 101 -32.51 -10.72 -16.73
N PHE C 102 -31.56 -9.80 -16.92
CA PHE C 102 -31.26 -9.25 -18.24
C PHE C 102 -29.82 -9.60 -18.65
N LYS C 103 -29.04 -8.61 -19.08
CA LYS C 103 -27.71 -8.90 -19.60
C LYS C 103 -26.82 -9.56 -18.55
N GLU C 104 -27.05 -9.29 -17.28
CA GLU C 104 -26.18 -9.81 -16.22
C GLU C 104 -26.28 -11.33 -16.12
N VAL C 105 -27.35 -11.90 -16.67
CA VAL C 105 -27.51 -13.36 -16.70
C VAL C 105 -27.40 -13.93 -18.11
N GLY C 106 -27.02 -13.09 -19.07
CA GLY C 106 -26.74 -13.55 -20.42
C GLY C 106 -27.74 -13.09 -21.47
N ASN C 107 -28.86 -12.52 -21.03
CA ASN C 107 -29.89 -12.08 -21.97
C ASN C 107 -29.65 -10.65 -22.45
N GLU C 108 -28.66 -10.49 -23.30
CA GLU C 108 -28.29 -9.16 -23.78
C GLU C 108 -29.34 -8.57 -24.70
N GLU C 109 -29.93 -9.42 -25.56
CA GLU C 109 -30.89 -8.96 -26.56
C GLU C 109 -32.12 -8.34 -25.91
N LEU C 110 -32.59 -8.96 -24.84
CA LEU C 110 -33.77 -8.46 -24.14
C LEU C 110 -33.52 -7.05 -23.61
N GLU C 111 -32.35 -6.87 -23.01
CA GLU C 111 -31.96 -5.58 -22.44
C GLU C 111 -31.89 -4.50 -23.51
N GLU C 112 -31.27 -4.82 -24.63
CA GLU C 112 -31.12 -3.84 -25.71
C GLU C 112 -32.48 -3.46 -26.30
N GLU C 113 -33.38 -4.44 -26.38
CA GLU C 113 -34.72 -4.18 -26.88
C GLU C 113 -35.49 -3.28 -25.93
N LEU C 114 -35.31 -3.53 -24.62
CA LEU C 114 -35.94 -2.72 -23.58
C LEU C 114 -35.58 -1.24 -23.76
N VAL C 115 -34.29 -0.96 -23.98
CA VAL C 115 -33.84 0.41 -24.15
C VAL C 115 -34.34 1.00 -25.47
N ARG C 116 -34.30 0.19 -26.52
CA ARG C 116 -34.79 0.59 -27.84
C ARG C 116 -36.24 1.06 -27.77
N ARG C 117 -37.08 0.28 -27.10
CA ARG C 117 -38.50 0.58 -27.00
C ARG C 117 -38.73 1.83 -26.15
N ALA C 118 -38.01 1.94 -25.04
CA ALA C 118 -38.15 3.12 -24.19
C ALA C 118 -37.76 4.38 -24.95
N HIS C 119 -36.69 4.30 -25.72
CA HIS C 119 -36.21 5.47 -26.48
C HIS C 119 -37.17 5.88 -27.58
N SER C 120 -37.85 4.91 -28.19
CA SER C 120 -38.82 5.23 -29.25
C SER C 120 -39.98 6.08 -28.72
N TYR C 121 -40.15 6.11 -27.39
CA TYR C 121 -41.17 6.95 -26.75
C TYR C 121 -40.57 8.19 -26.08
N GLY C 122 -39.27 8.41 -26.27
CA GLY C 122 -38.58 9.51 -25.60
C GLY C 122 -38.45 9.28 -24.11
N MET C 123 -38.44 8.01 -23.72
CA MET C 123 -38.35 7.61 -22.32
C MET C 123 -36.96 7.03 -22.01
N ARG C 124 -36.39 7.43 -20.87
CA ARG C 124 -35.10 6.91 -20.42
C ARG C 124 -35.26 5.75 -19.45
N VAL C 125 -34.22 4.92 -19.37
CA VAL C 125 -34.22 3.74 -18.50
C VAL C 125 -33.13 3.86 -17.44
N LEU C 126 -33.49 3.56 -16.20
CA LEU C 126 -32.51 3.40 -15.12
C LEU C 126 -32.43 1.91 -14.80
N GLY C 127 -31.23 1.34 -14.88
CA GLY C 127 -31.04 -0.09 -14.69
C GLY C 127 -30.93 -0.81 -16.02
N PRO C 128 -31.57 -2.00 -16.14
CA PRO C 128 -32.39 -2.67 -15.13
C PRO C 128 -31.53 -3.32 -14.04
N ASN C 129 -32.13 -4.23 -13.27
CA ASN C 129 -31.40 -4.96 -12.25
C ASN C 129 -30.88 -3.99 -11.18
N ILE C 130 -31.80 -3.26 -10.55
CA ILE C 130 -31.43 -2.29 -9.53
C ILE C 130 -32.37 -2.38 -8.33
N PHE C 131 -32.02 -1.72 -7.23
CA PHE C 131 -32.88 -1.70 -6.04
C PHE C 131 -33.59 -0.37 -5.85
N GLY C 132 -33.50 0.50 -6.85
CA GLY C 132 -34.25 1.75 -6.85
C GLY C 132 -33.37 2.96 -6.67
N TYR C 133 -33.95 4.02 -6.11
CA TYR C 133 -33.21 5.24 -5.83
C TYR C 133 -33.91 6.09 -4.78
N LEU C 134 -33.11 6.92 -4.11
CA LEU C 134 -33.61 7.81 -3.08
C LEU C 134 -33.12 9.23 -3.34
N TYR C 135 -34.00 10.20 -3.11
CA TYR C 135 -33.62 11.60 -3.16
C TYR C 135 -34.24 12.30 -1.96
N ALA C 136 -33.41 12.65 -1.00
CA ALA C 136 -33.87 13.21 0.27
C ALA C 136 -34.54 14.58 0.14
N PRO C 137 -34.04 15.45 -0.77
CA PRO C 137 -34.68 16.76 -0.91
C PRO C 137 -36.10 16.69 -1.44
N ALA C 138 -36.47 15.57 -2.06
CA ALA C 138 -37.83 15.34 -2.54
C ALA C 138 -38.59 14.37 -1.64
N ARG C 139 -38.01 14.07 -0.48
CA ARG C 139 -38.57 13.07 0.44
C ARG C 139 -39.03 11.85 -0.33
N LEU C 140 -38.13 11.36 -1.19
CA LEU C 140 -38.44 10.31 -2.14
C LEU C 140 -37.56 9.09 -1.88
N ASN C 141 -38.17 8.03 -1.37
CA ASN C 141 -37.48 6.76 -1.16
C ASN C 141 -38.12 5.68 -2.01
N ALA C 142 -37.64 5.57 -3.24
CA ALA C 142 -38.15 4.58 -4.19
C ALA C 142 -37.21 3.39 -4.27
N THR C 143 -36.85 2.84 -3.10
CA THR C 143 -36.05 1.63 -3.01
C THR C 143 -36.77 0.58 -2.18
N PHE C 144 -36.30 -0.66 -2.23
CA PHE C 144 -36.74 -1.67 -1.25
C PHE C 144 -35.62 -1.92 -0.24
N GLY C 145 -34.81 -0.88 0.01
CA GLY C 145 -33.78 -0.94 1.02
C GLY C 145 -34.31 -0.37 2.34
N PRO C 146 -33.40 0.06 3.23
CA PRO C 146 -33.80 0.71 4.48
C PRO C 146 -34.78 1.85 4.24
N LYS C 147 -35.66 2.12 5.21
CA LYS C 147 -36.71 3.10 5.02
C LYS C 147 -36.23 4.53 5.21
N ASP C 148 -35.06 4.69 5.83
CA ASP C 148 -34.55 6.01 6.20
C ASP C 148 -33.04 6.11 6.01
N VAL C 149 -32.56 7.32 5.79
CA VAL C 149 -31.13 7.63 5.84
C VAL C 149 -30.97 8.95 6.58
N LEU C 150 -29.78 9.21 7.10
CA LEU C 150 -29.50 10.51 7.69
C LEU C 150 -29.46 11.53 6.57
N SER C 151 -30.06 12.71 6.79
CA SER C 151 -30.07 13.74 5.75
C SER C 151 -28.72 14.47 5.67
N GLY C 152 -28.27 14.74 4.46
CA GLY C 152 -27.00 15.42 4.25
C GLY C 152 -26.72 15.74 2.81
N ASN C 153 -25.44 15.87 2.46
CA ASN C 153 -25.03 16.37 1.15
C ASN C 153 -24.26 15.36 0.30
N VAL C 154 -24.28 14.09 0.69
CA VAL C 154 -23.56 13.05 -0.05
C VAL C 154 -24.49 12.26 -0.96
N ALA C 155 -24.12 12.20 -2.24
CA ALA C 155 -24.82 11.36 -3.22
C ALA C 155 -24.01 10.08 -3.45
N PHE C 156 -24.66 8.94 -3.24
CA PHE C 156 -24.00 7.65 -3.38
C PHE C 156 -24.61 6.85 -4.54
N ILE C 157 -23.75 6.49 -5.49
CA ILE C 157 -24.14 5.76 -6.69
C ILE C 157 -23.51 4.38 -6.62
N SER C 158 -24.27 3.33 -6.90
CA SER C 158 -23.74 1.96 -6.84
C SER C 158 -24.13 1.14 -8.06
N GLN C 159 -23.10 0.58 -8.70
CA GLN C 159 -23.28 -0.39 -9.77
C GLN C 159 -23.67 -1.75 -9.19
N SER C 160 -23.30 -1.98 -7.94
CA SER C 160 -23.62 -3.25 -7.27
C SER C 160 -24.93 -3.16 -6.49
N GLY C 161 -25.76 -4.20 -6.62
CA GLY C 161 -27.05 -4.23 -5.96
C GLY C 161 -27.01 -4.56 -4.49
N ALA C 162 -26.50 -5.74 -4.15
CA ALA C 162 -26.45 -6.20 -2.76
C ALA C 162 -25.53 -5.32 -1.91
N LEU C 163 -24.33 -5.06 -2.41
CA LEU C 163 -23.39 -4.22 -1.65
C LEU C 163 -23.92 -2.79 -1.55
N GLY C 164 -24.55 -2.31 -2.63
CA GLY C 164 -25.12 -0.98 -2.64
C GLY C 164 -26.20 -0.81 -1.59
N ILE C 165 -27.12 -1.76 -1.53
CA ILE C 165 -28.26 -1.66 -0.61
C ILE C 165 -27.76 -1.84 0.83
N ALA C 166 -26.71 -2.65 1.01
CA ALA C 166 -26.09 -2.81 2.32
C ALA C 166 -25.39 -1.52 2.76
N LEU C 167 -24.66 -0.91 1.84
CA LEU C 167 -23.93 0.32 2.15
C LEU C 167 -24.89 1.46 2.46
N MET C 168 -26.07 1.44 1.83
CA MET C 168 -27.12 2.39 2.14
C MET C 168 -27.43 2.37 3.63
N GLY C 169 -27.49 1.16 4.19
CA GLY C 169 -27.71 1.00 5.61
C GLY C 169 -26.52 1.43 6.43
N TYR C 170 -25.32 1.13 5.93
CA TYR C 170 -24.08 1.42 6.63
C TYR C 170 -23.82 2.92 6.78
N THR C 171 -24.37 3.73 5.88
CA THR C 171 -24.20 5.19 6.00
C THR C 171 -24.74 5.70 7.32
N VAL C 172 -25.80 5.07 7.83
CA VAL C 172 -26.40 5.48 9.09
C VAL C 172 -25.44 5.20 10.24
N VAL C 173 -24.92 3.98 10.30
CA VAL C 173 -23.97 3.58 11.33
C VAL C 173 -22.76 4.51 11.34
N GLU C 174 -22.33 4.94 10.15
CA GLU C 174 -21.14 5.80 10.02
C GLU C 174 -21.49 7.30 10.02
N ASN C 175 -22.75 7.63 10.31
CA ASN C 175 -23.17 9.02 10.47
C ASN C 175 -22.98 9.88 9.22
N ILE C 176 -23.02 9.24 8.06
CA ILE C 176 -22.89 9.95 6.80
C ILE C 176 -24.25 10.45 6.32
N GLY C 177 -24.37 11.77 6.22
CA GLY C 177 -25.57 12.41 5.70
C GLY C 177 -25.69 12.27 4.20
N ILE C 178 -26.86 11.81 3.74
CA ILE C 178 -27.11 11.46 2.35
C ILE C 178 -28.10 12.41 1.69
N SER C 179 -27.79 12.79 0.45
CA SER C 179 -28.72 13.56 -0.36
C SER C 179 -29.41 12.64 -1.34
N SER C 180 -28.71 11.59 -1.75
CA SER C 180 -29.26 10.65 -2.72
C SER C 180 -28.59 9.28 -2.67
N ILE C 181 -29.39 8.25 -2.90
CA ILE C 181 -28.90 6.91 -3.21
C ILE C 181 -29.39 6.57 -4.61
N VAL C 182 -28.50 6.14 -5.49
CA VAL C 182 -28.92 5.67 -6.81
C VAL C 182 -28.29 4.33 -7.18
N SER C 183 -29.17 3.32 -7.32
CA SER C 183 -28.76 2.03 -7.85
C SER C 183 -28.81 2.06 -9.37
N VAL C 184 -27.65 1.89 -10.03
CA VAL C 184 -27.60 1.98 -11.49
C VAL C 184 -27.44 0.62 -12.17
N GLY C 185 -27.02 -0.39 -11.41
CA GLY C 185 -27.01 -1.77 -11.90
C GLY C 185 -26.41 -1.99 -13.27
N ASN C 186 -27.19 -2.61 -14.15
CA ASN C 186 -26.72 -2.97 -15.49
C ASN C 186 -26.31 -1.78 -16.36
N LYS C 187 -26.76 -0.57 -16.00
CA LYS C 187 -26.39 0.64 -16.73
C LYS C 187 -26.67 0.55 -18.24
N ALA C 188 -27.82 -0.02 -18.60
CA ALA C 188 -28.18 -0.19 -20.00
C ALA C 188 -28.37 1.15 -20.71
N ASP C 189 -28.85 2.15 -19.99
CA ASP C 189 -29.14 3.47 -20.56
C ASP C 189 -28.49 4.57 -19.71
N LEU C 190 -29.21 5.10 -18.73
CA LEU C 190 -28.65 6.10 -17.83
C LEU C 190 -27.46 5.55 -17.06
N ASP C 191 -26.37 6.31 -17.01
CA ASP C 191 -25.15 5.87 -16.35
C ASP C 191 -24.52 6.97 -15.49
N ASP C 192 -23.28 6.74 -15.07
CA ASP C 192 -22.58 7.62 -14.15
C ASP C 192 -22.45 9.04 -14.68
N VAL C 193 -22.19 9.16 -15.98
CA VAL C 193 -22.02 10.46 -16.60
C VAL C 193 -23.31 11.27 -16.52
N ASP C 194 -24.43 10.62 -16.81
CA ASP C 194 -25.73 11.28 -16.74
C ASP C 194 -26.00 11.76 -15.31
N LEU C 195 -25.70 10.90 -14.34
CA LEU C 195 -25.94 11.25 -12.96
C LEU C 195 -25.02 12.37 -12.48
N LEU C 196 -23.77 12.34 -12.91
CA LEU C 196 -22.81 13.36 -12.51
C LEU C 196 -23.24 14.73 -13.03
N ASP C 197 -23.85 14.75 -14.22
CA ASP C 197 -24.37 16.00 -14.76
C ASP C 197 -25.46 16.57 -13.85
N PHE C 198 -26.37 15.71 -13.37
CA PHE C 198 -27.41 16.19 -12.47
C PHE C 198 -26.86 16.68 -11.14
N PHE C 199 -25.95 15.92 -10.55
CA PHE C 199 -25.45 16.24 -9.22
C PHE C 199 -24.51 17.46 -9.25
N ASP C 200 -23.88 17.69 -10.40
CA ASP C 200 -23.14 18.92 -10.64
C ASP C 200 -24.01 20.14 -10.31
N LYS C 201 -25.22 20.15 -10.85
CA LYS C 201 -26.12 21.29 -10.71
C LYS C 201 -26.97 21.26 -9.44
N ASP C 202 -26.88 20.17 -8.69
CA ASP C 202 -27.72 20.01 -7.51
C ASP C 202 -27.15 20.74 -6.28
N PRO C 203 -27.81 21.84 -5.85
CA PRO C 203 -27.26 22.54 -4.68
C PRO C 203 -27.32 21.72 -3.39
N ASN C 204 -28.07 20.62 -3.38
CA ASN C 204 -28.18 19.77 -2.20
C ASN C 204 -27.01 18.80 -2.04
N THR C 205 -26.28 18.58 -3.12
CA THR C 205 -25.20 17.59 -3.16
C THR C 205 -23.83 18.27 -3.19
N GLY C 206 -22.99 17.93 -2.21
CA GLY C 206 -21.65 18.51 -2.10
C GLY C 206 -20.55 17.48 -2.31
N VAL C 207 -20.90 16.21 -2.20
CA VAL C 207 -19.92 15.13 -2.34
C VAL C 207 -20.57 13.97 -3.06
N ILE C 208 -19.81 13.31 -3.94
CA ILE C 208 -20.31 12.17 -4.69
C ILE C 208 -19.40 10.97 -4.49
N MET C 209 -19.99 9.87 -4.03
CA MET C 209 -19.29 8.61 -3.84
C MET C 209 -19.89 7.57 -4.79
N ILE C 210 -19.02 6.91 -5.56
CA ILE C 210 -19.46 5.96 -6.57
C ILE C 210 -18.81 4.59 -6.39
N TYR C 211 -19.61 3.55 -6.21
CA TYR C 211 -19.12 2.19 -6.39
C TYR C 211 -19.23 1.84 -7.86
N LEU C 212 -18.07 1.66 -8.49
CA LEU C 212 -17.98 1.50 -9.93
C LEU C 212 -17.17 0.27 -10.30
N GLU C 213 -17.74 -0.57 -11.15
CA GLU C 213 -17.03 -1.73 -11.68
C GLU C 213 -16.44 -1.39 -13.03
N GLY C 214 -17.25 -0.78 -13.89
CA GLY C 214 -16.81 -0.39 -15.22
C GLY C 214 -17.78 0.57 -15.88
N ILE C 215 -17.35 1.17 -16.98
CA ILE C 215 -18.24 1.99 -17.80
C ILE C 215 -18.25 1.48 -19.24
N ALA C 216 -19.25 1.92 -20.00
CA ALA C 216 -19.49 1.42 -21.35
C ALA C 216 -18.36 1.83 -22.31
N PRO C 217 -18.11 1.00 -23.33
CA PRO C 217 -17.20 1.39 -24.40
C PRO C 217 -17.61 2.71 -25.05
N GLY C 218 -16.64 3.58 -25.32
CA GLY C 218 -16.90 4.84 -25.97
C GLY C 218 -17.51 5.90 -25.05
N ARG C 219 -17.60 5.59 -23.77
CA ARG C 219 -18.20 6.50 -22.80
C ARG C 219 -17.15 7.21 -21.94
N GLY C 220 -15.93 6.72 -21.99
CA GLY C 220 -14.86 7.19 -21.12
C GLY C 220 -14.41 8.63 -21.28
N ARG C 221 -14.27 9.09 -22.52
CA ARG C 221 -13.80 10.44 -22.77
C ARG C 221 -14.79 11.43 -22.15
N MET C 222 -16.07 11.18 -22.40
CA MET C 222 -17.14 12.00 -21.87
C MET C 222 -17.13 11.93 -20.33
N PHE C 223 -16.85 10.73 -19.80
CA PHE C 223 -16.74 10.55 -18.35
C PHE C 223 -15.68 11.47 -17.76
N ILE C 224 -14.52 11.54 -18.39
CA ILE C 224 -13.46 12.43 -17.93
C ILE C 224 -13.86 13.90 -18.07
N ASP C 225 -14.46 14.25 -19.21
CA ASP C 225 -14.86 15.64 -19.44
C ASP C 225 -15.79 16.14 -18.34
N VAL C 226 -16.76 15.29 -17.99
CA VAL C 226 -17.79 15.68 -17.04
C VAL C 226 -17.27 15.60 -15.60
N ALA C 227 -16.57 14.53 -15.28
CA ALA C 227 -16.06 14.32 -13.92
C ALA C 227 -15.02 15.36 -13.53
N SER C 228 -14.18 15.77 -14.47
CA SER C 228 -13.13 16.73 -14.16
C SER C 228 -13.75 18.08 -13.81
N ARG C 229 -14.78 18.46 -14.57
CA ARG C 229 -15.45 19.73 -14.32
C ARG C 229 -16.19 19.69 -12.99
N VAL C 230 -16.87 18.58 -12.69
CA VAL C 230 -17.50 18.42 -11.39
C VAL C 230 -16.48 18.56 -10.27
N SER C 231 -15.34 17.93 -10.46
CA SER C 231 -14.29 17.91 -9.46
C SER C 231 -13.80 19.31 -9.09
N LEU C 232 -13.99 20.29 -9.96
CA LEU C 232 -13.58 21.65 -9.64
C LEU C 232 -14.32 22.20 -8.40
N ARG C 233 -15.53 21.70 -8.14
CA ARG C 233 -16.35 22.20 -7.04
C ARG C 233 -16.81 21.14 -6.05
N LYS C 234 -16.84 19.87 -6.48
CA LYS C 234 -17.35 18.80 -5.64
C LYS C 234 -16.46 17.56 -5.73
N PRO C 235 -15.96 17.06 -4.59
CA PRO C 235 -15.10 15.87 -4.68
C PRO C 235 -15.86 14.61 -5.10
N ILE C 236 -15.17 13.78 -5.88
CA ILE C 236 -15.69 12.51 -6.33
C ILE C 236 -14.80 11.38 -5.82
N ILE C 237 -15.40 10.45 -5.09
CA ILE C 237 -14.71 9.27 -4.59
C ILE C 237 -15.23 8.04 -5.32
N VAL C 238 -14.32 7.29 -5.92
CA VAL C 238 -14.69 6.06 -6.59
C VAL C 238 -14.12 4.85 -5.86
N ILE C 239 -15.02 3.97 -5.44
CA ILE C 239 -14.64 2.62 -5.01
C ILE C 239 -14.59 1.77 -6.26
N LYS C 240 -13.38 1.55 -6.77
CA LYS C 240 -13.22 0.82 -8.02
C LYS C 240 -13.18 -0.67 -7.77
N ALA C 241 -14.14 -1.39 -8.34
CA ALA C 241 -14.13 -2.85 -8.31
C ALA C 241 -13.29 -3.35 -9.48
N GLY C 242 -12.51 -4.40 -9.26
CA GLY C 242 -11.59 -4.88 -10.27
C GLY C 242 -10.33 -4.04 -10.29
N ARG C 243 -9.83 -3.66 -9.11
CA ARG C 243 -8.66 -2.79 -9.00
C ARG C 243 -7.39 -3.48 -9.40
N THR C 244 -7.40 -4.80 -9.30
CA THR C 244 -6.23 -5.61 -9.57
C THR C 244 -6.43 -6.37 -10.87
N GLU C 245 -5.35 -6.86 -11.44
CA GLU C 245 -5.44 -7.66 -12.64
C GLU C 245 -6.32 -8.87 -12.37
N VAL C 246 -6.10 -9.51 -11.22
CA VAL C 246 -6.90 -10.66 -10.82
C VAL C 246 -8.38 -10.30 -10.69
N GLY C 247 -8.68 -9.21 -10.01
CA GLY C 247 -10.06 -8.80 -9.80
C GLY C 247 -10.76 -8.35 -11.07
N ALA C 248 -10.03 -7.63 -11.92
CA ALA C 248 -10.58 -7.20 -13.20
C ALA C 248 -10.87 -8.41 -14.07
N ARG C 249 -9.95 -9.37 -14.06
CA ARG C 249 -10.12 -10.61 -14.80
C ARG C 249 -11.29 -11.42 -14.26
N ALA C 250 -11.46 -11.37 -12.94
CA ALA C 250 -12.59 -12.03 -12.29
C ALA C 250 -13.90 -11.44 -12.81
N ALA C 251 -13.97 -10.11 -12.82
CA ALA C 251 -15.15 -9.40 -13.28
C ALA C 251 -15.39 -9.56 -14.78
N ALA C 252 -14.31 -9.73 -15.52
CA ALA C 252 -14.40 -9.93 -16.96
C ALA C 252 -14.94 -11.31 -17.28
N SER C 253 -14.44 -12.30 -16.55
CA SER C 253 -14.89 -13.68 -16.72
C SER C 253 -16.37 -13.80 -16.40
N HIS C 254 -16.79 -13.20 -15.29
CA HIS C 254 -18.17 -13.34 -14.84
C HIS C 254 -19.19 -12.87 -15.90
N THR C 255 -18.88 -11.77 -16.58
CA THR C 255 -19.75 -11.26 -17.64
C THR C 255 -19.32 -11.74 -19.03
N GLY C 256 -18.17 -12.38 -19.11
CA GLY C 256 -17.60 -12.76 -20.40
C GLY C 256 -17.05 -11.57 -21.15
N SER C 257 -17.07 -10.39 -20.52
CA SER C 257 -16.57 -9.17 -21.16
C SER C 257 -15.05 -9.20 -21.30
N ILE C 258 -14.49 -8.27 -22.05
CA ILE C 258 -13.03 -8.10 -22.06
C ILE C 258 -12.68 -7.26 -20.82
N ALA C 259 -11.61 -7.64 -20.13
CA ALA C 259 -11.27 -6.99 -18.87
C ALA C 259 -10.80 -5.55 -19.08
N GLY C 260 -11.44 -4.62 -18.38
CA GLY C 260 -11.03 -3.22 -18.41
C GLY C 260 -9.59 -3.01 -17.96
N SER C 261 -8.90 -2.05 -18.57
CA SER C 261 -7.50 -1.80 -18.24
C SER C 261 -7.35 -1.11 -16.89
N VAL C 262 -6.69 -1.80 -15.97
CA VAL C 262 -6.44 -1.25 -14.63
C VAL C 262 -5.67 0.07 -14.73
N ALA C 263 -4.57 0.06 -15.48
CA ALA C 263 -3.70 1.23 -15.56
C ALA C 263 -4.40 2.43 -16.18
N ILE C 264 -5.21 2.19 -17.21
CA ILE C 264 -5.82 3.31 -17.93
C ILE C 264 -7.00 3.88 -17.15
N TYR C 265 -7.75 3.03 -16.45
CA TYR C 265 -8.77 3.53 -15.53
C TYR C 265 -8.14 4.45 -14.49
N GLU C 266 -6.99 4.04 -13.95
CA GLU C 266 -6.30 4.84 -12.93
C GLU C 266 -5.92 6.21 -13.47
N SER C 267 -5.44 6.25 -14.72
CA SER C 267 -5.06 7.51 -15.35
C SER C 267 -6.28 8.38 -15.59
N ALA C 268 -7.36 7.76 -16.04
CA ALA C 268 -8.62 8.45 -16.28
C ALA C 268 -9.12 9.11 -15.01
N PHE C 269 -9.00 8.42 -13.88
CA PHE C 269 -9.45 8.97 -12.61
C PHE C 269 -8.57 10.15 -12.20
N LYS C 270 -7.27 10.05 -12.44
CA LYS C 270 -6.35 11.14 -12.17
C LYS C 270 -6.70 12.37 -13.00
N GLN C 271 -6.98 12.17 -14.28
CA GLN C 271 -7.33 13.28 -15.16
C GLN C 271 -8.71 13.84 -14.81
N SER C 272 -9.50 13.04 -14.10
CA SER C 272 -10.83 13.46 -13.66
C SER C 272 -10.80 14.14 -12.28
N GLY C 273 -9.65 14.09 -11.62
CA GLY C 273 -9.52 14.63 -10.28
C GLY C 273 -10.19 13.75 -9.24
N ILE C 274 -10.45 12.50 -9.60
CA ILE C 274 -11.17 11.57 -8.74
C ILE C 274 -10.24 10.90 -7.73
N LEU C 275 -10.73 10.72 -6.51
CA LEU C 275 -10.00 9.97 -5.49
C LEU C 275 -10.43 8.51 -5.53
N MET C 276 -9.49 7.62 -5.79
CA MET C 276 -9.79 6.19 -5.86
C MET C 276 -9.56 5.52 -4.50
N ALA C 277 -10.63 4.94 -3.96
CA ALA C 277 -10.58 4.23 -2.69
C ALA C 277 -10.45 2.73 -2.93
N LYS C 278 -9.56 2.08 -2.18
CA LYS C 278 -9.33 0.65 -2.30
C LYS C 278 -10.24 -0.16 -1.37
N SER C 279 -11.10 0.53 -0.61
CA SER C 279 -11.98 -0.17 0.31
C SER C 279 -13.15 0.70 0.77
N VAL C 280 -14.20 0.02 1.23
CA VAL C 280 -15.35 0.68 1.82
C VAL C 280 -14.97 1.62 2.96
N GLU C 281 -14.12 1.15 3.88
CA GLU C 281 -13.79 1.97 5.04
C GLU C 281 -13.06 3.24 4.65
N ASP C 282 -12.10 3.15 3.74
CA ASP C 282 -11.39 4.33 3.27
C ASP C 282 -12.37 5.29 2.61
N ALA C 283 -13.21 4.76 1.73
CA ALA C 283 -14.19 5.58 1.02
C ALA C 283 -15.10 6.32 1.99
N PHE C 284 -15.60 5.62 3.01
CA PHE C 284 -16.52 6.22 3.97
C PHE C 284 -15.79 7.20 4.88
N ASP C 285 -14.59 6.82 5.32
CA ASP C 285 -13.78 7.69 6.16
C ASP C 285 -13.48 9.01 5.45
N TRP C 286 -13.14 8.93 4.17
CA TRP C 286 -12.83 10.11 3.37
C TRP C 286 -14.07 10.96 3.11
N THR C 287 -15.19 10.30 2.85
CA THR C 287 -16.44 10.97 2.52
C THR C 287 -16.89 11.83 3.69
N LYS C 288 -16.74 11.31 4.90
CA LYS C 288 -17.06 12.09 6.09
C LYS C 288 -16.29 13.40 6.15
N ALA C 289 -14.97 13.29 6.02
CA ALA C 289 -14.08 14.44 6.11
C ALA C 289 -14.40 15.46 5.02
N LEU C 290 -14.61 14.98 3.80
CA LEU C 290 -14.88 15.87 2.67
C LEU C 290 -16.27 16.49 2.76
N SER C 291 -17.19 15.79 3.42
CA SER C 291 -18.54 16.29 3.56
C SER C 291 -18.60 17.42 4.58
N TRP C 292 -17.78 17.32 5.63
CA TRP C 292 -17.88 18.20 6.79
C TRP C 292 -16.76 19.23 6.91
N ASN C 293 -15.92 19.37 5.89
CA ASN C 293 -14.78 20.29 5.97
C ASN C 293 -14.54 20.97 4.64
N PRO C 294 -14.02 22.20 4.68
CA PRO C 294 -13.51 22.83 3.45
C PRO C 294 -12.13 22.28 3.13
N ILE C 295 -11.67 22.44 1.90
CA ILE C 295 -10.32 22.03 1.55
C ILE C 295 -9.32 22.99 2.21
N PRO C 296 -8.19 22.46 2.67
CA PRO C 296 -7.16 23.33 3.25
C PRO C 296 -6.65 24.34 2.24
N GLU C 297 -6.33 25.55 2.68
CA GLU C 297 -5.88 26.60 1.77
C GLU C 297 -4.36 26.65 1.67
N GLY C 298 -3.68 25.81 2.45
CA GLY C 298 -2.23 25.70 2.36
C GLY C 298 -1.74 24.45 3.07
N GLU C 299 -0.43 24.31 3.17
CA GLU C 299 0.15 23.07 3.67
C GLU C 299 0.54 23.12 5.15
N ARG C 300 0.20 24.20 5.85
CA ARG C 300 0.52 24.29 7.28
C ARG C 300 -0.45 23.46 8.14
N LEU C 301 -0.28 22.14 8.04
CA LEU C 301 -1.02 21.18 8.84
C LEU C 301 -0.35 20.96 10.20
N ILE C 302 -1.13 21.13 11.26
CA ILE C 302 -0.66 20.89 12.61
C ILE C 302 -1.27 19.60 13.13
N VAL C 303 -0.44 18.80 13.81
CA VAL C 303 -0.93 17.64 14.56
C VAL C 303 -0.75 17.94 16.03
N LEU C 304 -1.80 17.68 16.82
CA LEU C 304 -1.79 17.93 18.25
C LEU C 304 -2.01 16.59 18.94
N THR C 305 -1.16 16.26 19.92
CA THR C 305 -1.25 14.95 20.56
C THR C 305 -0.81 14.98 22.02
N ASN C 306 -1.48 14.17 22.85
CA ASN C 306 -1.05 13.98 24.23
C ASN C 306 -0.22 12.70 24.36
N GLY C 307 0.35 12.24 23.24
CA GLY C 307 1.16 11.04 23.24
C GLY C 307 2.07 10.93 22.03
N GLY C 308 3.36 10.70 22.30
CA GLY C 308 4.34 10.56 21.25
C GLY C 308 4.03 9.44 20.28
N GLY C 309 3.65 8.28 20.82
CA GLY C 309 3.38 7.11 20.01
C GLY C 309 2.32 7.36 18.94
N ALA C 310 1.19 7.92 19.36
CA ALA C 310 0.11 8.24 18.45
C ALA C 310 0.59 9.24 17.39
N GLY C 311 1.43 10.18 17.82
CA GLY C 311 1.97 11.17 16.91
C GLY C 311 2.87 10.57 15.85
N VAL C 312 3.64 9.55 16.21
CA VAL C 312 4.52 8.88 15.26
C VAL C 312 3.70 8.06 14.27
N GLN C 313 2.65 7.39 14.77
CA GLN C 313 1.74 6.65 13.90
C GLN C 313 1.14 7.60 12.87
N SER C 314 0.77 8.80 13.33
CA SER C 314 0.20 9.82 12.46
C SER C 314 1.20 10.30 11.41
N THR C 315 2.42 10.58 11.85
CA THR C 315 3.48 11.04 10.96
C THR C 315 3.76 10.02 9.85
N ASP C 316 3.90 8.75 10.24
CA ASP C 316 4.11 7.68 9.28
C ASP C 316 2.95 7.59 8.28
N THR C 317 1.73 7.67 8.79
CA THR C 317 0.55 7.57 7.94
C THR C 317 0.46 8.75 6.96
N PHE C 318 0.72 9.96 7.44
CA PHE C 318 0.73 11.12 6.55
C PHE C 318 1.79 10.95 5.47
N ALA C 319 2.97 10.48 5.87
CA ALA C 319 4.07 10.26 4.93
C ALA C 319 3.67 9.29 3.83
N ASP C 320 2.98 8.21 4.20
CA ASP C 320 2.48 7.24 3.22
C ASP C 320 1.59 7.91 2.18
N ASN C 321 1.03 9.06 2.53
CA ASN C 321 0.12 9.77 1.64
C ASN C 321 0.74 11.03 1.06
N GLY C 322 2.05 11.16 1.19
CA GLY C 322 2.78 12.28 0.61
C GLY C 322 2.54 13.59 1.33
N ILE C 323 2.29 13.50 2.64
CA ILE C 323 2.03 14.68 3.45
C ILE C 323 3.10 14.78 4.52
N TYR C 324 3.79 15.92 4.51
CA TYR C 324 4.94 16.13 5.39
C TYR C 324 4.74 17.36 6.27
N LEU C 325 5.04 17.18 7.56
CA LEU C 325 4.79 18.21 8.55
C LEU C 325 5.96 19.17 8.64
N SER C 326 5.65 20.44 8.88
CA SER C 326 6.67 21.49 9.04
C SER C 326 6.62 22.00 10.47
N LYS C 327 7.69 22.68 10.90
CA LYS C 327 7.74 23.24 12.24
C LYS C 327 6.53 24.19 12.42
N PRO C 328 5.90 24.17 13.60
CA PRO C 328 4.79 25.10 13.80
C PRO C 328 5.25 26.54 13.80
N PRO C 329 4.32 27.50 13.61
CA PRO C 329 4.70 28.90 13.73
C PRO C 329 5.16 29.24 15.15
N GLU C 330 6.16 30.12 15.25
CA GLU C 330 6.71 30.50 16.54
C GLU C 330 5.64 31.03 17.48
N SER C 331 4.70 31.79 16.93
CA SER C 331 3.60 32.34 17.71
C SER C 331 2.78 31.25 18.40
N LEU C 332 2.46 30.19 17.67
CA LEU C 332 1.68 29.09 18.22
C LEU C 332 2.48 28.40 19.32
N ILE C 333 3.76 28.19 19.08
CA ILE C 333 4.62 27.53 20.07
C ILE C 333 4.61 28.32 21.36
N GLN C 334 4.80 29.64 21.26
CA GLN C 334 4.88 30.48 22.45
C GLN C 334 3.52 30.48 23.16
N GLU C 335 2.45 30.58 22.38
CA GLU C 335 1.10 30.53 22.92
C GLU C 335 0.92 29.30 23.81
N ILE C 336 1.34 28.15 23.31
CA ILE C 336 1.12 26.89 24.00
C ILE C 336 2.08 26.72 25.18
N LYS C 337 3.25 27.33 25.10
CA LYS C 337 4.24 27.27 26.18
C LYS C 337 3.70 27.91 27.46
N LYS C 338 2.64 28.69 27.33
CA LYS C 338 2.04 29.37 28.46
C LYS C 338 1.47 28.41 29.52
N PHE C 339 1.03 27.22 29.10
CA PHE C 339 0.44 26.26 30.03
C PHE C 339 1.11 24.89 30.01
N VAL C 340 1.93 24.66 28.99
CA VAL C 340 2.56 23.37 28.79
C VAL C 340 3.86 23.18 29.59
N PRO C 341 4.19 21.94 30.01
CA PRO C 341 5.43 21.70 30.74
C PRO C 341 6.67 21.80 29.86
N PRO C 342 7.86 21.92 30.47
CA PRO C 342 9.09 22.17 29.73
C PRO C 342 9.46 21.05 28.75
N PHE C 343 9.06 19.82 29.06
CA PHE C 343 9.44 18.67 28.24
C PHE C 343 8.40 18.33 27.17
N ALA C 344 7.48 19.24 26.90
CA ALA C 344 6.64 19.11 25.73
C ALA C 344 7.48 19.29 24.47
N SER C 345 6.96 18.84 23.34
CA SER C 345 7.69 18.88 22.07
C SER C 345 6.93 19.68 21.02
N PHE C 346 7.65 20.49 20.25
CA PHE C 346 7.03 21.40 19.28
C PHE C 346 7.57 21.20 17.87
N ALA C 347 8.03 19.99 17.57
CA ALA C 347 8.54 19.68 16.24
C ALA C 347 7.41 19.64 15.21
N ASN C 348 6.19 19.46 15.70
CA ASN C 348 5.04 19.04 14.90
C ASN C 348 5.23 17.56 14.55
N PRO C 349 4.44 16.66 15.17
CA PRO C 349 3.30 16.93 16.05
C PRO C 349 3.65 17.71 17.32
N ILE C 350 2.73 18.59 17.73
CA ILE C 350 2.88 19.28 19.00
C ILE C 350 2.42 18.32 20.08
N ASP C 351 3.37 17.93 20.93
CA ASP C 351 3.11 16.95 21.97
C ASP C 351 2.94 17.65 23.31
N ILE C 352 1.69 17.72 23.77
CA ILE C 352 1.37 18.37 25.05
C ILE C 352 1.51 17.41 26.22
N THR C 353 2.08 16.23 25.97
CA THR C 353 2.42 15.20 26.97
C THR C 353 1.21 14.48 27.55
N GLY C 354 1.46 13.30 28.09
CA GLY C 354 0.42 12.44 28.64
C GLY C 354 -0.27 12.94 29.89
N MET C 355 0.33 13.90 30.58
CA MET C 355 -0.29 14.44 31.80
C MET C 355 -1.29 15.55 31.49
N ALA C 356 -1.51 15.82 30.20
CA ALA C 356 -2.41 16.91 29.80
C ALA C 356 -3.85 16.66 30.27
N PRO C 357 -4.42 17.59 31.06
CA PRO C 357 -5.85 17.45 31.36
C PRO C 357 -6.74 17.89 30.20
N ASP C 358 -8.05 17.64 30.34
CA ASP C 358 -9.04 17.97 29.32
C ASP C 358 -8.87 19.38 28.76
N ASP C 359 -8.58 20.30 29.67
CA ASP C 359 -8.62 21.73 29.38
C ASP C 359 -7.54 22.15 28.37
N TRP C 360 -6.43 21.43 28.35
CA TRP C 360 -5.36 21.74 27.40
C TRP C 360 -5.78 21.44 25.98
N TYR C 361 -6.70 20.51 25.80
CA TYR C 361 -7.19 20.21 24.46
C TYR C 361 -8.02 21.36 23.93
N TYR C 362 -8.82 21.98 24.79
CA TYR C 362 -9.54 23.18 24.41
C TYR C 362 -8.58 24.30 24.02
N MET C 363 -7.62 24.58 24.89
CA MET C 363 -6.70 25.70 24.67
C MET C 363 -5.79 25.47 23.47
N GLY C 364 -5.24 24.26 23.33
CA GLY C 364 -4.38 23.93 22.22
C GLY C 364 -5.09 23.97 20.88
N THR C 365 -6.30 23.42 20.83
CA THR C 365 -7.07 23.41 19.59
C THR C 365 -7.43 24.83 19.19
N LEU C 366 -7.89 25.63 20.15
CA LEU C 366 -8.26 27.01 19.88
C LEU C 366 -7.07 27.83 19.37
N ALA C 367 -5.94 27.70 20.06
CA ALA C 367 -4.73 28.42 19.67
C ALA C 367 -4.31 28.03 18.26
N ALA C 368 -4.33 26.73 17.98
CA ALA C 368 -3.93 26.22 16.66
C ALA C 368 -4.83 26.81 15.58
N LEU C 369 -6.14 26.67 15.77
CA LEU C 369 -7.10 27.07 14.75
C LEU C 369 -7.10 28.57 14.47
N LYS C 370 -6.94 29.37 15.52
CA LYS C 370 -6.96 30.82 15.34
C LYS C 370 -5.69 31.35 14.67
N ASN C 371 -4.61 30.58 14.75
CA ASN C 371 -3.33 31.05 14.23
C ASN C 371 -3.39 31.22 12.70
N PRO C 372 -3.05 32.42 12.19
CA PRO C 372 -3.16 32.70 10.75
C PRO C 372 -2.17 31.92 9.89
N ASP C 373 -1.17 31.30 10.52
CA ASP C 373 -0.18 30.50 9.80
C ASP C 373 -0.46 29.01 9.99
N VAL C 374 -1.70 28.68 10.37
CA VAL C 374 -2.18 27.29 10.44
C VAL C 374 -3.32 27.07 9.44
N ASP C 375 -3.20 26.05 8.60
CA ASP C 375 -4.21 25.77 7.57
C ASP C 375 -5.11 24.59 7.93
N ALA C 376 -4.65 23.70 8.80
CA ALA C 376 -5.42 22.51 9.13
C ALA C 376 -4.94 21.87 10.42
N LEU C 377 -5.82 21.07 11.05
CA LEU C 377 -5.54 20.50 12.36
C LEU C 377 -6.02 19.06 12.50
N THR C 378 -5.12 18.15 12.85
CA THR C 378 -5.50 16.80 13.26
C THR C 378 -5.21 16.64 14.74
N VAL C 379 -6.26 16.35 15.52
CA VAL C 379 -6.14 16.24 16.97
C VAL C 379 -6.16 14.77 17.38
N LEU C 380 -5.13 14.37 18.11
CA LEU C 380 -4.95 13.00 18.56
C LEU C 380 -5.06 12.90 20.07
N TYR C 381 -5.82 11.93 20.53
CA TYR C 381 -6.06 11.72 21.94
C TYR C 381 -5.91 10.25 22.32
N CYS C 382 -5.12 10.01 23.37
CA CYS C 382 -5.00 8.70 23.98
C CYS C 382 -5.67 8.73 25.34
N GLN C 383 -6.60 7.81 25.61
CA GLN C 383 -7.30 7.86 26.88
C GLN C 383 -6.31 7.60 28.01
N THR C 384 -6.17 8.61 28.86
CA THR C 384 -5.29 8.54 30.02
C THR C 384 -6.10 8.63 31.31
N ALA C 385 -5.44 8.32 32.41
CA ALA C 385 -6.06 8.39 33.73
C ALA C 385 -6.48 9.83 34.07
N VAL C 386 -5.71 10.78 33.56
CA VAL C 386 -5.85 12.19 33.93
C VAL C 386 -6.96 12.90 33.16
N THR C 387 -7.55 12.25 32.18
CA THR C 387 -8.56 12.87 31.31
C THR C 387 -9.89 12.15 31.30
N THR C 388 -10.88 12.80 30.68
CA THR C 388 -12.13 12.14 30.31
C THR C 388 -12.30 12.33 28.80
N PRO C 389 -12.62 11.24 28.08
CA PRO C 389 -12.80 11.37 26.63
C PRO C 389 -13.86 12.39 26.22
N ILE C 390 -15.01 12.41 26.89
CA ILE C 390 -16.08 13.32 26.52
C ILE C 390 -15.68 14.76 26.80
N GLY C 391 -14.90 14.96 27.86
CA GLY C 391 -14.42 16.29 28.20
C GLY C 391 -13.51 16.81 27.11
N VAL C 392 -12.62 15.94 26.63
CA VAL C 392 -11.72 16.31 25.55
C VAL C 392 -12.51 16.66 24.29
N ALA C 393 -13.51 15.84 23.99
CA ALA C 393 -14.35 16.07 22.83
C ALA C 393 -15.07 17.41 22.90
N LYS C 394 -15.65 17.71 24.06
CA LYS C 394 -16.37 18.97 24.26
C LYS C 394 -15.44 20.18 24.20
N GLY C 395 -14.21 20.00 24.67
CA GLY C 395 -13.20 21.04 24.54
C GLY C 395 -12.89 21.33 23.07
N ILE C 396 -12.79 20.27 22.29
CA ILE C 396 -12.54 20.40 20.85
C ILE C 396 -13.71 21.11 20.16
N VAL C 397 -14.93 20.74 20.51
CA VAL C 397 -16.12 21.37 19.94
C VAL C 397 -16.16 22.87 20.26
N ASP C 398 -15.95 23.20 21.52
CA ASP C 398 -15.96 24.59 21.96
C ASP C 398 -14.87 25.40 21.26
N ALA C 399 -13.70 24.81 21.12
CA ALA C 399 -12.58 25.47 20.45
C ALA C 399 -12.91 25.77 19.00
N ILE C 400 -13.54 24.82 18.32
CA ILE C 400 -13.91 25.01 16.92
C ILE C 400 -14.92 26.15 16.83
N LYS C 401 -15.87 26.16 17.75
CA LYS C 401 -16.86 27.24 17.81
C LYS C 401 -16.19 28.59 17.98
N GLU C 402 -15.37 28.73 19.01
CA GLU C 402 -14.74 30.00 19.35
C GLU C 402 -13.75 30.46 18.29
N ALA C 403 -13.02 29.52 17.70
CA ALA C 403 -12.10 29.85 16.61
C ALA C 403 -12.91 30.52 15.50
N GLY C 404 -14.14 30.06 15.33
CA GLY C 404 -15.09 30.75 14.48
C GLY C 404 -14.79 30.70 12.99
N ASN C 405 -13.63 30.16 12.61
CA ASN C 405 -13.30 30.02 11.20
C ASN C 405 -13.70 28.63 10.73
N SER C 406 -13.35 28.32 9.48
CA SER C 406 -13.66 27.01 8.90
C SER C 406 -12.38 26.34 8.38
N LYS C 407 -11.47 26.03 9.29
CA LYS C 407 -10.30 25.23 8.90
C LYS C 407 -10.62 23.75 9.07
N PRO C 408 -10.15 22.90 8.14
CA PRO C 408 -10.41 21.45 8.25
C PRO C 408 -9.85 20.86 9.53
N VAL C 409 -10.62 20.00 10.17
CA VAL C 409 -10.19 19.32 11.39
C VAL C 409 -10.56 17.85 11.32
N THR C 410 -9.64 16.98 11.74
CA THR C 410 -9.99 15.58 11.99
C THR C 410 -9.50 15.18 13.37
N VAL C 411 -10.15 14.18 13.94
CA VAL C 411 -9.86 13.75 15.31
C VAL C 411 -9.67 12.24 15.39
N GLY C 412 -8.60 11.82 16.08
CA GLY C 412 -8.37 10.43 16.38
C GLY C 412 -8.33 10.21 17.88
N MET C 413 -9.20 9.33 18.38
CA MET C 413 -9.27 9.03 19.82
C MET C 413 -9.11 7.53 20.05
N VAL C 414 -8.17 7.17 20.92
CA VAL C 414 -7.93 5.77 21.26
C VAL C 414 -8.27 5.51 22.72
N GLY C 415 -9.05 4.46 22.96
CA GLY C 415 -9.40 4.08 24.31
C GLY C 415 -10.52 3.06 24.36
N GLY C 416 -11.10 2.93 25.55
CA GLY C 416 -12.18 1.99 25.79
C GLY C 416 -13.55 2.54 25.39
N PRO C 417 -14.61 1.99 26.00
CA PRO C 417 -16.00 2.35 25.67
C PRO C 417 -16.29 3.84 25.77
N GLU C 418 -15.61 4.53 26.70
CA GLU C 418 -15.82 5.96 26.87
C GLU C 418 -15.30 6.73 25.65
N VAL C 419 -14.26 6.21 25.02
CA VAL C 419 -13.77 6.81 23.78
C VAL C 419 -14.73 6.53 22.64
N ALA C 420 -15.29 5.33 22.58
CA ALA C 420 -16.25 5.01 21.53
C ALA C 420 -17.41 6.01 21.59
N GLU C 421 -17.89 6.29 22.79
CA GLU C 421 -19.00 7.22 22.95
C GLU C 421 -18.61 8.65 22.56
N ALA C 422 -17.40 9.08 22.93
CA ALA C 422 -16.94 10.43 22.61
C ALA C 422 -16.78 10.60 21.10
N VAL C 423 -16.28 9.56 20.43
CA VAL C 423 -16.11 9.60 18.98
C VAL C 423 -17.47 9.71 18.31
N SER C 424 -18.45 8.97 18.82
CA SER C 424 -19.81 9.01 18.29
C SER C 424 -20.40 10.41 18.46
N PHE C 425 -20.20 10.97 19.65
CA PHE C 425 -20.59 12.34 19.98
C PHE C 425 -20.04 13.34 18.96
N LEU C 426 -18.74 13.24 18.67
CA LEU C 426 -18.14 14.13 17.68
C LEU C 426 -18.72 13.96 16.29
N ASN C 427 -18.91 12.73 15.86
CA ASN C 427 -19.42 12.47 14.51
C ASN C 427 -20.86 12.94 14.33
N LYS C 428 -21.65 12.87 15.40
CA LYS C 428 -23.05 13.27 15.31
C LYS C 428 -23.19 14.78 15.19
N GLN C 429 -22.11 15.51 15.50
CA GLN C 429 -22.05 16.96 15.27
C GLN C 429 -21.25 17.33 14.04
N ARG C 430 -21.01 16.36 13.17
CA ARG C 430 -20.31 16.59 11.92
C ARG C 430 -18.89 17.10 12.15
N ILE C 431 -18.24 16.54 13.16
CA ILE C 431 -16.80 16.67 13.32
C ILE C 431 -16.17 15.30 13.08
N ALA C 432 -15.32 15.20 12.07
CA ALA C 432 -14.84 13.90 11.60
C ALA C 432 -13.91 13.23 12.61
N ALA C 433 -14.44 12.21 13.30
CA ALA C 433 -13.72 11.54 14.38
C ALA C 433 -13.58 10.04 14.11
N TYR C 434 -12.44 9.47 14.55
CA TYR C 434 -12.11 8.06 14.28
C TYR C 434 -11.45 7.42 15.51
N PRO C 435 -11.58 6.09 15.64
CA PRO C 435 -11.03 5.41 16.83
C PRO C 435 -9.54 5.07 16.75
N THR C 436 -8.83 5.54 15.72
CA THR C 436 -7.38 5.37 15.67
C THR C 436 -6.70 6.59 15.06
N PRO C 437 -5.42 6.81 15.42
CA PRO C 437 -4.70 7.96 14.87
C PRO C 437 -4.47 7.84 13.37
N GLU C 438 -4.28 6.62 12.86
CA GLU C 438 -4.00 6.44 11.44
C GLU C 438 -5.21 6.79 10.57
N ARG C 439 -6.40 6.40 11.00
CA ARG C 439 -7.61 6.72 10.25
C ARG C 439 -7.89 8.22 10.22
N ALA C 440 -7.72 8.88 11.37
CA ALA C 440 -7.88 10.32 11.43
C ALA C 440 -6.90 11.00 10.48
N SER C 441 -5.70 10.46 10.39
CA SER C 441 -4.66 11.02 9.53
C SER C 441 -4.94 10.72 8.07
N SER C 442 -5.48 9.55 7.78
CA SER C 442 -5.85 9.21 6.40
C SER C 442 -7.02 10.07 5.93
N ALA C 443 -7.92 10.40 6.86
CA ALA C 443 -9.06 11.25 6.54
C ALA C 443 -8.60 12.66 6.19
N MET C 444 -7.70 13.21 7.00
CA MET C 444 -7.14 14.53 6.70
C MET C 444 -6.37 14.50 5.38
N SER C 445 -5.68 13.38 5.14
CA SER C 445 -4.93 13.21 3.89
C SER C 445 -5.84 13.29 2.68
N ALA C 446 -7.08 12.83 2.85
CA ALA C 446 -8.05 12.83 1.76
C ALA C 446 -8.41 14.26 1.39
N LEU C 447 -8.48 15.14 2.39
CA LEU C 447 -8.76 16.54 2.12
C LEU C 447 -7.64 17.15 1.29
N TYR C 448 -6.40 16.84 1.64
CA TYR C 448 -5.27 17.33 0.86
C TYR C 448 -5.19 16.66 -0.51
N ALA C 449 -5.55 15.38 -0.57
CA ALA C 449 -5.53 14.66 -1.83
C ALA C 449 -6.52 15.29 -2.81
N TYR C 450 -7.68 15.67 -2.31
CA TYR C 450 -8.67 16.34 -3.15
C TYR C 450 -8.18 17.72 -3.61
N ALA C 451 -7.56 18.48 -2.71
CA ALA C 451 -7.00 19.78 -3.09
C ALA C 451 -6.01 19.61 -4.24
N ARG C 452 -5.16 18.60 -4.14
CA ARG C 452 -4.16 18.34 -5.17
C ARG C 452 -4.79 17.82 -6.46
N ALA C 453 -5.85 17.04 -6.35
CA ALA C 453 -6.54 16.53 -7.52
C ALA C 453 -7.22 17.67 -8.28
N ARG C 454 -7.87 18.55 -7.53
CA ARG C 454 -8.52 19.73 -8.09
C ARG C 454 -7.48 20.58 -8.82
N SER C 455 -6.31 20.71 -8.22
CA SER C 455 -5.21 21.47 -8.81
C SER C 455 -4.72 20.82 -10.10
N TYR C 456 -4.67 19.49 -10.12
CA TYR C 456 -4.29 18.77 -11.34
C TYR C 456 -5.23 19.15 -12.48
N VAL C 457 -6.52 19.11 -12.18
CA VAL C 457 -7.54 19.40 -13.19
C VAL C 457 -7.46 20.85 -13.68
N MET C 458 -7.32 21.78 -12.75
CA MET C 458 -7.25 23.20 -13.11
C MET C 458 -6.09 23.44 -14.07
N LYS C 459 -4.93 22.89 -13.74
CA LYS C 459 -3.77 23.00 -14.61
C LYS C 459 -4.04 22.42 -16.01
N SER C 460 -4.65 21.25 -16.06
CA SER C 460 -4.93 20.60 -17.34
C SER C 460 -5.94 21.37 -18.19
N LEU C 461 -6.69 22.27 -17.56
CA LEU C 461 -7.68 23.09 -18.27
C LEU C 461 -7.14 24.47 -18.64
N ALA C 462 -5.91 24.75 -18.24
CA ALA C 462 -5.30 26.05 -18.54
C ALA C 462 -5.41 26.36 -20.03
N VAL C 463 -5.73 27.62 -20.35
CA VAL C 463 -5.80 28.07 -21.73
C VAL C 463 -4.42 28.32 -22.31
N ARG C 464 -4.22 27.85 -23.54
CA ARG C 464 -2.95 28.05 -24.25
C ARG C 464 -2.83 29.48 -24.76
N SER D 2 -1.79 16.36 -48.90
CA SER D 2 -1.97 16.12 -47.48
C SER D 2 -1.26 14.83 -47.05
N SER D 3 -0.77 14.82 -45.81
CA SER D 3 -0.15 13.62 -45.25
C SER D 3 -1.15 12.47 -45.17
N ARG D 4 -2.43 12.81 -45.15
CA ARG D 4 -3.48 11.80 -45.09
C ARG D 4 -3.45 10.92 -46.34
N ASP D 5 -2.92 11.46 -47.43
CA ASP D 5 -2.76 10.69 -48.66
C ASP D 5 -2.01 9.40 -48.40
N LEU D 6 -1.06 9.44 -47.47
CA LEU D 6 -0.32 8.23 -47.10
C LEU D 6 -1.26 7.17 -46.53
N LEU D 7 -2.19 7.60 -45.69
CA LEU D 7 -3.15 6.68 -45.08
C LEU D 7 -4.11 6.15 -46.15
N LEU D 8 -4.56 7.03 -47.03
CA LEU D 8 -5.51 6.65 -48.07
C LEU D 8 -4.87 5.67 -49.05
N LYS D 9 -3.62 5.92 -49.41
CA LYS D 9 -2.89 5.02 -50.30
C LYS D 9 -2.77 3.63 -49.71
N ALA D 10 -2.32 3.55 -48.46
CA ALA D 10 -2.18 2.28 -47.76
C ALA D 10 -3.52 1.54 -47.74
N LYS D 11 -4.59 2.26 -47.43
CA LYS D 11 -5.93 1.68 -47.46
C LYS D 11 -6.27 1.13 -48.85
N GLU D 12 -5.92 1.90 -49.88
CA GLU D 12 -6.23 1.53 -51.25
C GLU D 12 -5.48 0.25 -51.66
N ASN D 13 -4.31 0.04 -51.07
CA ASN D 13 -3.48 -1.13 -51.37
C ASN D 13 -3.71 -2.29 -50.42
N GLY D 14 -4.78 -2.23 -49.63
CA GLY D 14 -5.08 -3.29 -48.67
C GLY D 14 -4.02 -3.49 -47.60
N ARG D 15 -3.17 -2.48 -47.37
CA ARG D 15 -2.16 -2.56 -46.31
C ARG D 15 -2.69 -2.03 -44.97
N LYS D 16 -2.39 -2.77 -43.91
CA LYS D 16 -2.85 -2.45 -42.56
C LYS D 16 -1.78 -1.78 -41.69
N SER D 17 -0.73 -1.27 -42.32
CA SER D 17 0.27 -0.50 -41.60
C SER D 17 1.10 0.33 -42.57
N LEU D 18 1.74 1.38 -42.06
CA LEU D 18 2.60 2.22 -42.88
C LEU D 18 4.02 1.69 -42.86
N LEU D 19 4.69 1.81 -43.99
CA LEU D 19 6.11 1.48 -44.10
C LEU D 19 6.88 2.52 -43.30
N GLU D 20 8.10 2.17 -42.89
CA GLU D 20 8.91 3.03 -42.02
C GLU D 20 8.98 4.48 -42.49
N HIS D 21 9.28 4.67 -43.77
CA HIS D 21 9.47 6.01 -44.30
C HIS D 21 8.14 6.74 -44.35
N GLU D 22 7.05 6.02 -44.64
CA GLU D 22 5.71 6.62 -44.63
C GLU D 22 5.33 7.06 -43.23
N ALA D 23 5.60 6.20 -42.24
CA ALA D 23 5.28 6.50 -40.85
C ALA D 23 6.03 7.73 -40.37
N LYS D 24 7.31 7.80 -40.69
CA LYS D 24 8.15 8.91 -40.26
C LYS D 24 7.74 10.20 -40.94
N TYR D 25 7.45 10.14 -42.24
CA TYR D 25 6.94 11.29 -42.95
C TYR D 25 5.66 11.80 -42.27
N PHE D 26 4.80 10.86 -41.90
CA PHE D 26 3.49 11.22 -41.35
C PHE D 26 3.62 11.94 -40.01
N ILE D 27 4.38 11.36 -39.08
CA ILE D 27 4.52 11.97 -37.76
C ILE D 27 5.36 13.25 -37.85
N SER D 28 6.21 13.34 -38.86
CA SER D 28 6.98 14.56 -39.08
C SER D 28 6.06 15.72 -39.44
N SER D 29 5.01 15.41 -40.19
CA SER D 29 4.06 16.45 -40.62
C SER D 29 3.25 16.98 -39.44
N TYR D 30 3.37 16.33 -38.29
CA TYR D 30 2.70 16.78 -37.06
C TYR D 30 3.69 17.46 -36.12
N GLY D 31 4.94 17.59 -36.56
CA GLY D 31 5.95 18.28 -35.78
C GLY D 31 6.77 17.39 -34.87
N ILE D 32 6.68 16.08 -35.06
CA ILE D 32 7.52 15.15 -34.29
C ILE D 32 8.81 14.86 -35.07
N PRO D 33 9.98 15.12 -34.46
CA PRO D 33 11.24 14.99 -35.22
C PRO D 33 11.61 13.56 -35.63
N VAL D 34 11.96 13.39 -36.90
CA VAL D 34 12.41 12.11 -37.42
C VAL D 34 13.75 12.22 -38.16
N THR D 35 14.33 11.06 -38.44
CA THR D 35 15.53 10.92 -39.28
C THR D 35 15.27 11.17 -40.77
N ASN D 36 16.31 11.58 -41.49
CA ASN D 36 16.27 11.64 -42.95
C ASN D 36 15.88 10.29 -43.53
N ILE D 37 15.06 10.29 -44.59
CA ILE D 37 14.60 9.05 -45.19
C ILE D 37 14.61 9.01 -46.72
N ARG D 38 15.78 8.97 -47.33
CA ARG D 38 15.83 8.79 -48.77
C ARG D 38 15.58 7.32 -49.11
N LEU D 39 14.60 7.10 -50.00
CA LEU D 39 14.27 5.75 -50.43
C LEU D 39 15.06 5.37 -51.68
N ALA D 40 15.94 4.38 -51.55
CA ALA D 40 16.83 3.96 -52.64
C ALA D 40 16.30 2.73 -53.36
N LYS D 41 16.43 2.71 -54.67
CA LYS D 41 15.93 1.59 -55.48
C LYS D 41 17.08 0.68 -55.94
N SER D 42 18.31 1.23 -55.95
CA SER D 42 19.50 0.44 -56.29
C SER D 42 20.74 0.88 -55.48
N GLU D 43 21.76 0.01 -55.48
CA GLU D 43 23.04 0.27 -54.79
C GLU D 43 23.58 1.65 -55.10
N GLU D 44 23.36 2.11 -56.33
CA GLU D 44 23.95 3.34 -56.80
C GLU D 44 23.39 4.56 -56.05
N GLU D 45 22.07 4.73 -56.07
CA GLU D 45 21.46 5.81 -55.31
C GLU D 45 21.65 5.61 -53.82
N ALA D 46 21.74 4.36 -53.35
CA ALA D 46 21.97 4.12 -51.93
C ALA D 46 23.26 4.81 -51.48
N VAL D 47 24.27 4.79 -52.34
CA VAL D 47 25.54 5.44 -52.04
C VAL D 47 25.44 6.95 -52.22
N ASN D 48 24.76 7.38 -53.28
CA ASN D 48 24.57 8.81 -53.48
C ASN D 48 23.82 9.41 -52.31
N PHE D 49 22.78 8.71 -51.87
CA PHE D 49 21.99 9.13 -50.73
C PHE D 49 22.83 9.17 -49.47
N SER D 50 23.67 8.16 -49.28
CA SER D 50 24.53 8.10 -48.10
C SER D 50 25.48 9.29 -48.05
N ARG D 51 26.10 9.61 -49.19
CA ARG D 51 27.00 10.76 -49.24
C ARG D 51 26.22 12.06 -49.04
N GLU D 52 25.08 12.16 -49.71
CA GLU D 52 24.23 13.35 -49.64
C GLU D 52 23.83 13.61 -48.20
N ILE D 53 23.41 12.55 -47.52
CA ILE D 53 23.01 12.59 -46.13
C ILE D 53 24.18 12.84 -45.17
N GLY D 54 25.34 12.28 -45.49
CA GLY D 54 26.51 12.40 -44.63
C GLY D 54 26.65 11.21 -43.70
N PHE D 55 27.87 10.73 -43.53
CA PHE D 55 28.14 9.57 -42.69
C PHE D 55 28.19 9.93 -41.20
N PRO D 56 27.96 8.95 -40.32
CA PRO D 56 27.58 7.57 -40.65
C PRO D 56 26.10 7.47 -41.00
N VAL D 57 25.73 6.37 -41.66
CA VAL D 57 24.34 6.13 -42.07
C VAL D 57 23.86 4.76 -41.60
N VAL D 58 22.58 4.51 -41.84
CA VAL D 58 21.98 3.21 -41.58
C VAL D 58 21.17 2.77 -42.79
N LEU D 59 21.24 1.47 -43.10
CA LEU D 59 20.43 0.89 -44.16
C LEU D 59 19.40 -0.08 -43.58
N LYS D 60 18.19 0.03 -44.10
CA LYS D 60 17.08 -0.84 -43.70
C LYS D 60 16.31 -1.34 -44.90
N ILE D 61 15.76 -2.53 -44.77
CA ILE D 61 14.90 -3.08 -45.81
C ILE D 61 13.52 -2.40 -45.77
N VAL D 62 13.01 -2.04 -46.95
CA VAL D 62 11.65 -1.54 -47.06
C VAL D 62 10.80 -2.60 -47.75
N SER D 63 9.99 -3.29 -46.96
CA SER D 63 9.11 -4.33 -47.46
C SER D 63 7.87 -4.49 -46.60
N PRO D 64 6.67 -4.52 -47.23
CA PRO D 64 5.46 -4.83 -46.47
C PRO D 64 5.56 -6.15 -45.71
N GLN D 65 6.44 -7.04 -46.15
CA GLN D 65 6.57 -8.35 -45.55
C GLN D 65 7.49 -8.38 -44.33
N VAL D 66 8.43 -7.44 -44.24
CA VAL D 66 9.29 -7.37 -43.06
C VAL D 66 8.79 -6.35 -42.03
N VAL D 67 8.35 -6.86 -40.88
CA VAL D 67 7.86 -6.01 -39.79
C VAL D 67 8.85 -5.99 -38.62
N HIS D 68 9.67 -7.04 -38.53
CA HIS D 68 10.75 -7.10 -37.55
C HIS D 68 12.09 -7.21 -38.27
N LYS D 69 12.63 -6.05 -38.60
CA LYS D 69 13.74 -5.91 -39.56
C LYS D 69 15.06 -6.51 -39.11
N SER D 70 15.41 -6.38 -37.85
CA SER D 70 16.67 -6.92 -37.37
C SER D 70 16.64 -8.45 -37.41
N ASP D 71 15.49 -9.03 -37.08
CA ASP D 71 15.37 -10.49 -36.98
C ASP D 71 15.43 -11.22 -38.33
N VAL D 72 15.62 -10.49 -39.41
CA VAL D 72 15.77 -11.08 -40.74
C VAL D 72 17.12 -10.70 -41.31
N GLY D 73 17.93 -10.01 -40.50
CA GLY D 73 19.22 -9.53 -40.95
C GLY D 73 19.04 -8.37 -41.92
N GLY D 74 18.04 -7.55 -41.63
CA GLY D 74 17.68 -6.45 -42.50
C GLY D 74 18.14 -5.06 -42.10
N VAL D 75 18.84 -4.94 -40.97
CA VAL D 75 19.30 -3.62 -40.51
C VAL D 75 20.81 -3.59 -40.36
N LYS D 76 21.44 -2.63 -41.02
CA LYS D 76 22.87 -2.41 -40.91
C LYS D 76 23.14 -0.97 -40.50
N VAL D 77 23.73 -0.82 -39.31
CA VAL D 77 23.91 0.50 -38.71
C VAL D 77 25.37 0.94 -38.70
N ASN D 78 25.57 2.22 -38.37
CA ASN D 78 26.90 2.82 -38.32
C ASN D 78 27.74 2.46 -39.54
N LEU D 79 27.31 2.91 -40.72
CA LEU D 79 28.08 2.73 -41.95
C LEU D 79 28.73 4.06 -42.33
N ARG D 80 30.05 4.09 -42.34
CA ARG D 80 30.80 5.35 -42.43
C ARG D 80 31.62 5.49 -43.72
N SER D 81 31.48 4.53 -44.64
CA SER D 81 32.21 4.60 -45.90
C SER D 81 31.34 4.12 -47.05
N GLU D 82 31.67 4.55 -48.27
CA GLU D 82 30.97 4.09 -49.47
C GLU D 82 31.11 2.58 -49.61
N GLU D 83 32.29 2.05 -49.29
CA GLU D 83 32.55 0.63 -49.33
C GLU D 83 31.62 -0.12 -48.38
N GLU D 84 31.51 0.38 -47.15
CA GLU D 84 30.66 -0.23 -46.14
C GLU D 84 29.18 -0.15 -46.53
N VAL D 85 28.80 0.88 -47.29
CA VAL D 85 27.41 1.00 -47.72
C VAL D 85 27.06 -0.08 -48.75
N ARG D 86 27.91 -0.25 -49.76
CA ARG D 86 27.69 -1.30 -50.77
C ARG D 86 27.76 -2.66 -50.09
N LYS D 87 28.64 -2.73 -49.09
CA LYS D 87 28.85 -3.94 -48.30
C LYS D 87 27.58 -4.37 -47.59
N ALA D 88 26.90 -3.41 -46.96
CA ALA D 88 25.67 -3.68 -46.24
C ALA D 88 24.48 -3.83 -47.18
N TYR D 89 24.48 -3.09 -48.29
CA TYR D 89 23.37 -3.12 -49.24
C TYR D 89 23.09 -4.54 -49.72
N ARG D 90 24.10 -5.15 -50.32
CA ARG D 90 23.97 -6.49 -50.86
C ARG D 90 23.73 -7.47 -49.71
N GLU D 91 24.32 -7.16 -48.57
CA GLU D 91 24.24 -8.03 -47.40
C GLU D 91 22.81 -8.12 -46.86
N ILE D 92 22.09 -7.00 -46.91
CA ILE D 92 20.71 -6.96 -46.49
C ILE D 92 19.80 -7.70 -47.46
N ILE D 93 19.96 -7.40 -48.75
CA ILE D 93 19.12 -7.98 -49.78
C ILE D 93 19.24 -9.50 -49.72
N GLU D 94 20.46 -9.96 -49.50
CA GLU D 94 20.73 -11.40 -49.43
C GLU D 94 20.06 -11.98 -48.19
N ASN D 95 20.14 -11.26 -47.07
CA ASN D 95 19.55 -11.74 -45.83
C ASN D 95 18.03 -11.87 -45.91
N VAL D 96 17.38 -10.94 -46.60
CA VAL D 96 15.92 -10.97 -46.68
C VAL D 96 15.49 -11.96 -47.76
N LYS D 97 16.22 -11.99 -48.86
CA LYS D 97 16.01 -12.98 -49.91
C LYS D 97 16.23 -14.38 -49.34
N ARG D 98 17.07 -14.47 -48.32
CA ARG D 98 17.36 -15.72 -47.64
C ARG D 98 16.24 -16.16 -46.70
N ASN D 99 15.72 -15.22 -45.90
CA ASN D 99 14.79 -15.58 -44.84
C ASN D 99 13.30 -15.46 -45.22
N VAL D 100 12.97 -14.51 -46.09
CA VAL D 100 11.64 -14.41 -46.70
C VAL D 100 11.86 -14.22 -48.20
N PRO D 101 11.99 -15.32 -48.96
CA PRO D 101 12.43 -15.24 -50.36
C PRO D 101 11.49 -14.41 -51.24
N ASN D 102 10.19 -14.63 -51.09
CA ASN D 102 9.18 -13.82 -51.76
C ASN D 102 8.83 -12.61 -50.90
N ALA D 103 9.52 -11.50 -51.11
CA ALA D 103 9.24 -10.27 -50.39
C ALA D 103 8.97 -9.12 -51.35
N GLU D 104 7.97 -8.31 -51.02
CA GLU D 104 7.67 -7.15 -51.81
C GLU D 104 8.64 -6.03 -51.43
N ILE D 105 9.60 -5.74 -52.30
CA ILE D 105 10.64 -4.75 -52.01
C ILE D 105 10.38 -3.41 -52.68
N GLU D 106 10.22 -2.37 -51.86
CA GLU D 106 10.03 -1.00 -52.35
C GLU D 106 11.38 -0.34 -52.57
N GLY D 107 12.38 -0.78 -51.82
CA GLY D 107 13.71 -0.19 -51.86
C GLY D 107 14.47 -0.46 -50.56
N ILE D 108 15.62 0.20 -50.42
CA ILE D 108 16.39 0.18 -49.18
C ILE D 108 16.43 1.58 -48.61
N LEU D 109 15.95 1.72 -47.38
CA LEU D 109 15.85 3.03 -46.76
C LEU D 109 17.21 3.49 -46.23
N VAL D 110 17.60 4.69 -46.66
CA VAL D 110 18.82 5.33 -46.20
C VAL D 110 18.51 6.41 -45.18
N GLN D 111 19.20 6.38 -44.04
CA GLN D 111 18.98 7.35 -42.99
C GLN D 111 20.24 7.58 -42.16
N GLU D 112 20.34 8.74 -41.52
CA GLU D 112 21.53 9.06 -40.74
C GLU D 112 21.63 8.20 -39.49
N PHE D 113 22.84 7.82 -39.11
CA PHE D 113 23.01 7.09 -37.87
C PHE D 113 22.92 8.07 -36.71
N ALA D 114 21.85 7.94 -35.92
CA ALA D 114 21.63 8.87 -34.82
C ALA D 114 22.63 8.59 -33.70
N PRO D 115 23.32 9.64 -33.22
CA PRO D 115 24.28 9.43 -32.12
C PRO D 115 23.60 8.95 -30.85
N PRO D 116 24.37 8.40 -29.89
CA PRO D 116 23.76 7.80 -28.71
C PRO D 116 23.12 8.81 -27.76
N GLY D 117 22.03 8.39 -27.14
CA GLY D 117 21.39 9.19 -26.11
C GLY D 117 20.58 8.31 -25.18
N VAL D 118 19.57 8.89 -24.53
CA VAL D 118 18.65 8.13 -23.70
C VAL D 118 17.47 7.72 -24.55
N GLU D 119 17.19 6.43 -24.62
CA GLU D 119 16.13 5.95 -25.49
C GLU D 119 14.78 6.02 -24.77
N LEU D 120 13.74 6.36 -25.53
CA LEU D 120 12.38 6.49 -25.00
C LEU D 120 11.43 5.71 -25.87
N ILE D 121 10.25 5.43 -25.32
CA ILE D 121 9.14 4.88 -26.09
C ILE D 121 7.93 5.78 -25.91
N ILE D 122 7.34 6.18 -27.03
CA ILE D 122 6.08 6.90 -27.05
C ILE D 122 5.07 6.07 -27.84
N GLY D 123 3.95 5.73 -27.19
CA GLY D 123 2.96 4.86 -27.79
C GLY D 123 1.60 5.52 -27.90
N LEU D 124 0.77 4.96 -28.77
CA LEU D 124 -0.60 5.42 -28.95
C LEU D 124 -1.45 4.18 -29.19
N LEU D 125 -2.48 3.99 -28.36
CA LEU D 125 -3.38 2.86 -28.51
C LEU D 125 -4.81 3.35 -28.37
N ARG D 126 -5.78 2.49 -28.64
CA ARG D 126 -7.18 2.83 -28.45
C ARG D 126 -7.80 1.91 -27.41
N ASP D 127 -8.18 2.52 -26.29
CA ASP D 127 -8.82 1.79 -25.20
C ASP D 127 -10.33 1.77 -25.45
N PRO D 128 -10.98 0.62 -25.25
CA PRO D 128 -12.42 0.50 -25.52
C PRO D 128 -13.26 1.55 -24.78
N GLN D 129 -12.88 1.84 -23.55
CA GLN D 129 -13.60 2.84 -22.75
C GLN D 129 -13.21 4.26 -23.11
N PHE D 130 -11.91 4.53 -23.15
CA PHE D 130 -11.42 5.91 -23.15
C PHE D 130 -10.84 6.40 -24.47
N GLY D 131 -10.84 5.54 -25.50
CA GLY D 131 -10.40 5.95 -26.82
C GLY D 131 -8.89 6.17 -26.90
N PRO D 132 -8.44 7.08 -27.76
CA PRO D 132 -7.00 7.25 -27.97
C PRO D 132 -6.26 7.59 -26.67
N THR D 133 -5.23 6.79 -26.37
CA THR D 133 -4.48 6.89 -25.12
C THR D 133 -2.98 6.87 -25.42
N VAL D 134 -2.26 7.84 -24.87
CA VAL D 134 -0.82 7.93 -25.08
C VAL D 134 -0.08 7.19 -23.97
N MET D 135 0.98 6.49 -24.36
CA MET D 135 1.82 5.74 -23.44
C MET D 135 3.24 6.30 -23.47
N PHE D 136 3.89 6.36 -22.31
CA PHE D 136 5.28 6.80 -22.20
C PHE D 136 6.10 5.84 -21.36
N GLY D 137 7.36 5.66 -21.73
CA GLY D 137 8.29 4.90 -20.92
C GLY D 137 9.72 5.04 -21.39
N LEU D 138 10.66 4.60 -20.56
CA LEU D 138 12.07 4.54 -20.95
C LEU D 138 12.32 3.32 -21.83
N GLY D 139 13.28 3.43 -22.74
CA GLY D 139 13.50 2.39 -23.72
C GLY D 139 14.14 1.14 -23.13
N GLY D 140 14.37 0.16 -24.00
CA GLY D 140 15.07 -1.05 -23.61
C GLY D 140 14.30 -1.91 -22.63
N VAL D 141 15.01 -2.39 -21.62
CA VAL D 141 14.44 -3.32 -20.65
C VAL D 141 13.32 -2.69 -19.84
N PHE D 142 13.32 -1.36 -19.74
CA PHE D 142 12.43 -0.66 -18.81
C PHE D 142 10.97 -0.77 -19.19
N VAL D 143 10.67 -0.73 -20.49
CA VAL D 143 9.31 -1.05 -20.95
C VAL D 143 9.22 -2.52 -21.31
N GLU D 144 10.20 -3.02 -22.06
CA GLU D 144 10.14 -4.37 -22.58
C GLU D 144 10.07 -5.43 -21.48
N LEU D 145 10.87 -5.24 -20.42
CA LEU D 145 11.01 -6.25 -19.37
C LEU D 145 10.27 -5.87 -18.08
N PHE D 146 10.43 -4.63 -17.62
CA PHE D 146 9.86 -4.18 -16.35
C PHE D 146 8.47 -3.57 -16.47
N ARG D 147 8.01 -3.38 -17.70
CA ARG D 147 6.68 -2.83 -18.00
C ARG D 147 6.47 -1.48 -17.30
N ASP D 148 7.53 -0.68 -17.21
CA ASP D 148 7.45 0.60 -16.50
C ASP D 148 6.90 1.69 -17.43
N VAL D 149 5.58 1.85 -17.45
CA VAL D 149 4.92 2.76 -18.38
C VAL D 149 3.85 3.63 -17.71
N SER D 150 3.63 4.82 -18.25
CA SER D 150 2.52 5.67 -17.83
C SER D 150 1.54 5.88 -18.99
N PHE D 151 0.30 6.22 -18.64
CA PHE D 151 -0.76 6.44 -19.63
C PHE D 151 -1.52 7.73 -19.37
N ARG D 152 -1.86 8.44 -20.44
CA ARG D 152 -2.82 9.54 -20.36
C ARG D 152 -3.78 9.46 -21.53
N VAL D 153 -5.06 9.71 -21.24
CA VAL D 153 -6.10 9.68 -22.26
C VAL D 153 -6.03 10.98 -23.05
N ALA D 154 -6.10 10.86 -24.37
CA ALA D 154 -5.93 12.02 -25.25
C ALA D 154 -7.26 12.75 -25.44
N PRO D 155 -7.21 14.06 -25.74
CA PRO D 155 -6.00 14.88 -25.93
C PRO D 155 -5.26 15.18 -24.62
N LEU D 156 -3.95 15.36 -24.73
CA LEU D 156 -3.11 15.63 -23.57
C LEU D 156 -2.91 17.12 -23.35
N SER D 157 -3.12 17.56 -22.12
CA SER D 157 -2.71 18.89 -21.71
C SER D 157 -1.21 18.83 -21.42
N GLU D 158 -0.58 19.99 -21.29
CA GLU D 158 0.82 20.06 -20.89
C GLU D 158 0.99 19.42 -19.51
N GLN D 159 -0.01 19.61 -18.65
CA GLN D 159 -0.01 19.00 -17.32
C GLN D 159 0.00 17.48 -17.40
N ASP D 160 -0.76 16.93 -18.34
CA ASP D 160 -0.77 15.49 -18.55
C ASP D 160 0.60 14.98 -19.00
N ALA D 161 1.17 15.65 -19.99
CA ALA D 161 2.45 15.24 -20.55
C ALA D 161 3.57 15.29 -19.51
N GLU D 162 3.64 16.38 -18.76
CA GLU D 162 4.72 16.55 -17.79
C GLU D 162 4.60 15.56 -16.64
N SER D 163 3.39 15.38 -16.12
CA SER D 163 3.20 14.50 -14.98
C SER D 163 3.42 13.04 -15.37
N MET D 164 3.02 12.66 -16.58
CA MET D 164 3.16 11.26 -16.96
C MET D 164 4.63 10.91 -17.13
N ILE D 165 5.45 11.88 -17.56
CA ILE D 165 6.89 11.66 -17.65
C ILE D 165 7.49 11.43 -16.26
N LYS D 166 7.15 12.30 -15.32
CA LYS D 166 7.69 12.20 -13.96
C LYS D 166 7.18 10.97 -13.24
N GLU D 167 6.15 10.34 -13.79
CA GLU D 167 5.46 9.25 -13.10
C GLU D 167 6.21 7.92 -13.16
N VAL D 168 6.91 7.65 -14.28
CA VAL D 168 7.52 6.33 -14.45
C VAL D 168 8.68 6.16 -13.50
N LYS D 169 8.87 4.92 -13.07
CA LYS D 169 9.86 4.57 -12.05
C LYS D 169 11.28 4.91 -12.49
N ALA D 170 11.52 4.92 -13.80
CA ALA D 170 12.84 5.16 -14.36
C ALA D 170 13.05 6.62 -14.79
N TYR D 171 12.28 7.51 -14.19
CA TYR D 171 12.29 8.93 -14.54
C TYR D 171 13.67 9.59 -14.43
N LYS D 172 14.43 9.20 -13.41
CA LYS D 172 15.73 9.81 -13.15
C LYS D 172 16.74 9.57 -14.27
N LEU D 173 16.43 8.67 -15.19
CA LEU D 173 17.31 8.47 -16.34
C LEU D 173 17.25 9.67 -17.29
N LEU D 174 16.33 10.59 -17.02
CA LEU D 174 16.13 11.75 -17.88
C LEU D 174 16.73 13.03 -17.28
N THR D 175 17.11 12.97 -16.01
CA THR D 175 17.53 14.16 -15.27
C THR D 175 19.00 14.07 -14.84
N GLY D 176 19.77 13.26 -15.55
CA GLY D 176 21.21 13.22 -15.38
C GLY D 176 21.73 12.19 -14.39
N PHE D 177 22.57 11.29 -14.88
CA PHE D 177 23.18 10.26 -14.05
C PHE D 177 24.59 9.97 -14.56
N ARG D 178 25.27 9.03 -13.91
CA ARG D 178 26.66 8.72 -14.26
C ARG D 178 26.86 8.52 -15.76
N GLY D 179 27.56 9.47 -16.38
CA GLY D 179 27.93 9.34 -17.78
C GLY D 179 26.89 9.88 -18.75
N MET D 180 25.91 10.62 -18.22
CA MET D 180 24.79 11.08 -19.04
C MET D 180 24.21 12.37 -18.48
N GLU D 181 24.19 13.43 -19.30
CA GLU D 181 23.57 14.69 -18.92
C GLU D 181 22.05 14.57 -18.93
N PRO D 182 21.36 15.53 -18.28
CA PRO D 182 19.90 15.64 -18.40
C PRO D 182 19.48 15.79 -19.85
N VAL D 183 18.26 15.37 -20.20
CA VAL D 183 17.77 15.50 -21.56
C VAL D 183 16.61 16.49 -21.67
N ASP D 184 16.21 16.79 -22.90
CA ASP D 184 15.25 17.85 -23.19
C ASP D 184 13.81 17.41 -22.88
N ILE D 185 13.36 17.67 -21.65
CA ILE D 185 12.05 17.21 -21.21
C ILE D 185 10.92 17.92 -21.96
N GLU D 186 11.13 19.19 -22.32
CA GLU D 186 10.13 19.94 -23.06
C GLU D 186 9.87 19.32 -24.42
N ALA D 187 10.94 18.86 -25.06
CA ALA D 187 10.81 18.21 -26.37
C ALA D 187 10.00 16.92 -26.24
N ILE D 188 10.23 16.19 -25.16
CA ILE D 188 9.48 14.97 -24.90
C ILE D 188 7.99 15.27 -24.65
N LYS D 189 7.72 16.28 -23.82
CA LYS D 189 6.34 16.72 -23.57
C LYS D 189 5.64 17.06 -24.87
N ASP D 190 6.33 17.81 -25.71
CA ASP D 190 5.79 18.29 -26.97
C ASP D 190 5.43 17.11 -27.88
N ALA D 191 6.31 16.13 -27.96
CA ALA D 191 6.06 14.94 -28.77
C ALA D 191 4.88 14.13 -28.23
N LEU D 192 4.76 14.03 -26.91
CA LEU D 192 3.66 13.29 -26.31
C LEU D 192 2.32 13.90 -26.67
N ILE D 193 2.22 15.22 -26.57
CA ILE D 193 0.98 15.93 -26.90
C ILE D 193 0.64 15.72 -28.38
N ARG D 194 1.66 15.81 -29.22
CA ARG D 194 1.43 15.66 -30.66
C ARG D 194 1.00 14.23 -31.01
N ALA D 195 1.56 13.24 -30.31
CA ALA D 195 1.12 11.86 -30.47
C ALA D 195 -0.35 11.73 -30.13
N GLY D 196 -0.76 12.41 -29.07
CA GLY D 196 -2.15 12.42 -28.65
C GLY D 196 -3.04 13.00 -29.73
N ARG D 197 -2.59 14.09 -30.34
CA ARG D 197 -3.34 14.75 -31.40
C ARG D 197 -3.49 13.85 -32.62
N ILE D 198 -2.43 13.12 -32.95
CA ILE D 198 -2.47 12.18 -34.06
C ILE D 198 -3.57 11.16 -33.84
N GLY D 199 -3.65 10.65 -32.61
CA GLY D 199 -4.66 9.67 -32.25
C GLY D 199 -6.07 10.21 -32.27
N VAL D 200 -6.25 11.45 -31.79
CA VAL D 200 -7.60 12.04 -31.78
C VAL D 200 -8.11 12.27 -33.19
N GLU D 201 -7.27 12.84 -34.04
CA GLU D 201 -7.70 13.30 -35.36
C GLU D 201 -7.81 12.19 -36.40
N ASN D 202 -6.92 11.20 -36.34
CA ASN D 202 -6.86 10.18 -37.38
C ASN D 202 -7.49 8.87 -36.93
N GLU D 203 -8.79 8.75 -37.19
CA GLU D 203 -9.56 7.62 -36.71
C GLU D 203 -9.15 6.29 -37.33
N GLU D 204 -8.48 6.33 -38.48
CA GLU D 204 -8.06 5.10 -39.14
C GLU D 204 -6.73 4.58 -38.58
N ILE D 205 -6.07 5.36 -37.73
CA ILE D 205 -4.86 4.90 -37.04
C ILE D 205 -5.25 4.15 -35.76
N ALA D 206 -5.02 2.83 -35.77
CA ALA D 206 -5.39 1.98 -34.64
C ALA D 206 -4.33 2.00 -33.55
N GLU D 207 -3.07 2.12 -33.96
CA GLU D 207 -1.94 2.00 -33.04
C GLU D 207 -0.73 2.73 -33.61
N MET D 208 0.07 3.30 -32.73
CA MET D 208 1.34 3.90 -33.11
C MET D 208 2.40 3.56 -32.07
N ASP D 209 3.58 3.20 -32.56
CA ASP D 209 4.69 2.83 -31.71
C ASP D 209 5.94 3.55 -32.19
N LEU D 210 6.38 4.51 -31.39
CA LEU D 210 7.62 5.24 -31.67
C LEU D 210 8.69 4.67 -30.77
N ASN D 211 9.55 3.84 -31.34
CA ASN D 211 10.45 3.03 -30.53
C ASN D 211 11.62 2.45 -31.34
N PRO D 212 12.85 2.90 -31.07
CA PRO D 212 13.24 3.88 -30.05
C PRO D 212 13.10 5.34 -30.49
N VAL D 213 12.94 6.19 -29.49
CA VAL D 213 13.06 7.63 -29.63
C VAL D 213 14.27 8.00 -28.80
N ILE D 214 15.21 8.74 -29.39
CA ILE D 214 16.44 9.08 -28.69
C ILE D 214 16.39 10.52 -28.22
N ALA D 215 16.60 10.70 -26.93
CA ALA D 215 16.54 12.00 -26.29
C ALA D 215 17.93 12.53 -26.01
N TYR D 216 18.14 13.81 -26.35
CA TYR D 216 19.43 14.44 -26.15
C TYR D 216 19.26 15.62 -25.22
N PRO D 217 20.38 16.20 -24.74
CA PRO D 217 20.30 17.43 -23.95
C PRO D 217 19.49 18.50 -24.68
N LYS D 218 19.53 18.47 -26.01
CA LYS D 218 18.64 19.32 -26.79
C LYS D 218 17.94 18.52 -27.88
N GLY D 219 16.61 18.50 -27.83
CA GLY D 219 15.79 17.85 -28.83
C GLY D 219 15.76 16.33 -28.74
N ILE D 220 14.91 15.73 -29.56
CA ILE D 220 14.77 14.27 -29.62
C ILE D 220 14.70 13.85 -31.08
N LYS D 221 14.87 12.55 -31.34
CA LYS D 221 14.78 12.04 -32.70
C LYS D 221 14.15 10.64 -32.74
N VAL D 222 13.00 10.54 -33.38
CA VAL D 222 12.39 9.23 -33.59
C VAL D 222 13.20 8.44 -34.59
N VAL D 223 13.67 7.27 -34.17
CA VAL D 223 14.50 6.42 -35.01
C VAL D 223 13.72 5.34 -35.75
N ASP D 224 12.73 4.74 -35.09
CA ASP D 224 11.84 3.79 -35.74
C ASP D 224 10.39 4.12 -35.40
N ALA D 225 9.51 3.95 -36.38
CA ALA D 225 8.10 4.31 -36.21
C ALA D 225 7.19 3.32 -36.94
N ARG D 226 6.21 2.80 -36.21
CA ARG D 226 5.20 1.92 -36.79
C ARG D 226 3.83 2.55 -36.60
N ILE D 227 2.98 2.44 -37.61
CA ILE D 227 1.61 2.93 -37.54
C ILE D 227 0.71 1.85 -38.10
N ILE D 228 -0.17 1.33 -37.24
CA ILE D 228 -1.10 0.28 -37.62
C ILE D 228 -2.44 0.91 -37.97
N LEU D 229 -3.02 0.46 -39.08
CA LEU D 229 -4.28 1.00 -39.57
C LEU D 229 -5.44 0.06 -39.30
N ARG D 230 -6.65 0.61 -39.33
CA ARG D 230 -7.87 -0.17 -39.22
C ARG D 230 -8.86 0.32 -40.26
PB ADP E . 4.46 8.50 25.03
O1B ADP E . 4.47 9.98 24.76
O2B ADP E . 4.05 7.68 23.80
O3B ADP E . 3.58 8.14 26.23
PA ADP E . 6.59 7.67 26.84
O1A ADP E . 6.52 8.85 27.73
O2A ADP E . 5.81 6.51 27.45
O3A ADP E . 5.92 8.00 25.43
O5' ADP E . 8.09 7.18 26.59
C5' ADP E . 8.41 5.91 26.00
C4' ADP E . 9.54 6.12 25.03
O4' ADP E . 9.04 6.82 23.86
C3' ADP E . 10.71 6.95 25.57
O3' ADP E . 11.94 6.31 25.31
C2' ADP E . 10.57 8.29 24.84
O2' ADP E . 11.83 8.90 24.63
C1' ADP E . 9.95 7.85 23.52
N9 ADP E . 9.24 8.89 22.80
C8 ADP E . 8.34 9.80 23.30
N7 ADP E . 7.85 10.61 22.39
C5 ADP E . 8.46 10.22 21.22
C6 ADP E . 8.37 10.70 19.90
N6 ADP E . 7.57 11.70 19.53
N1 ADP E . 9.13 10.09 18.96
C2 ADP E . 9.92 9.07 19.34
N3 ADP E . 10.08 8.54 20.54
C4 ADP E . 9.33 9.16 21.45
H5'1 ADP E . 7.53 5.46 25.52
H5'2 ADP E . 8.71 5.30 26.85
H4' ADP E . 9.88 5.17 24.62
H3' ADP E . 10.61 7.06 26.65
H2' ADP E . 9.91 8.96 25.39
HO2' ADP E . 11.84 9.71 25.19
H1' ADP E . 10.69 7.42 22.84
H8 ADP E . 8.06 9.83 24.35
HN61 ADP E . 6.99 12.18 20.20
HN62 ADP E . 7.57 11.99 18.55
H2 ADP E . 10.49 8.63 18.52
MG MG F . -25.15 -11.24 -7.79
PB ADP G . 38.26 2.41 -9.27
O1B ADP G . 38.44 3.64 -10.08
O2B ADP G . 36.79 2.14 -8.90
O3B ADP G . 39.08 2.45 -7.98
PA ADP G . 37.99 -0.06 -10.81
O1A ADP G . 36.53 -0.03 -10.33
O2A ADP G . 38.58 -1.36 -10.41
O3A ADP G . 38.75 1.14 -10.10
O5' ADP G . 38.02 0.17 -12.40
C5' ADP G . 37.04 0.94 -13.13
C4' ADP G . 36.09 0.01 -13.85
O4' ADP G . 36.80 -0.75 -14.85
C3' ADP G . 35.40 -1.04 -13.00
O3' ADP G . 34.27 -0.49 -12.31
C2' ADP G . 35.00 -2.09 -14.02
O2' ADP G . 33.79 -1.75 -14.68
C1' ADP G . 36.19 -2.03 -15.00
N9 ADP G . 37.20 -3.05 -14.75
C8 ADP G . 38.23 -2.99 -13.84
N7 ADP G . 38.95 -4.08 -13.78
C5 ADP G . 38.36 -4.92 -14.71
C6 ADP G . 38.64 -6.24 -15.12
N6 ADP G . 39.60 -6.99 -14.57
N1 ADP G . 37.86 -6.78 -16.07
C2 ADP G . 36.87 -6.05 -16.59
N3 ADP G . 36.50 -4.80 -16.28
C4 ADP G . 37.29 -4.29 -15.33
H5'1 ADP G . 36.50 1.63 -12.47
H5'2 ADP G . 37.65 1.52 -13.83
H4' ADP G . 35.36 0.58 -14.43
H3' ADP G . 36.08 -1.43 -12.24
H2' ADP G . 34.93 -3.07 -13.56
HO2' ADP G . 33.07 -1.97 -14.02
H1' ADP G . 35.88 -2.13 -16.04
H8 ADP G . 38.43 -2.11 -13.23
HN61 ADP G . 40.19 -6.63 -13.83
HN62 ADP G . 39.75 -7.94 -14.91
H2 ADP G . 36.28 -6.55 -17.36
MG MG H . 35.00 1.26 -9.37
MG MG I . 5.14 11.99 25.71
PB ADP J . -24.83 -7.63 -6.91
O1B ADP J . -26.21 -7.74 -6.24
O2B ADP J . -23.72 -7.10 -5.98
O3B ADP J . -24.49 -9.02 -7.48
PA ADP J . -26.01 -6.61 -9.42
O1A ADP J . -27.21 -5.78 -8.96
O2A ADP J . -26.47 -7.98 -9.72
O3A ADP J . -25.02 -6.65 -8.15
O5' ADP J . -25.38 -5.84 -10.74
C5' ADP J . -24.31 -6.30 -11.62
C4' ADP J . -23.22 -6.83 -10.72
O4' ADP J . -22.80 -8.16 -11.07
C3' ADP J . -21.90 -6.06 -10.59
O3' ADP J . -22.05 -5.00 -9.65
C2' ADP J . -20.94 -7.14 -10.08
O2' ADP J . -20.51 -6.89 -8.74
C1' ADP J . -21.85 -8.39 -10.06
N9 ADP J . -21.21 -9.70 -10.20
C8 ADP J . -21.79 -10.88 -9.81
N7 ADP J . -20.95 -11.88 -9.70
C5 ADP J . -19.73 -11.32 -10.07
C6 ADP J . -18.43 -11.85 -10.13
N6 ADP J . -18.11 -13.09 -9.71
N1 ADP J . -17.44 -11.05 -10.56
C2 ADP J . -17.75 -9.78 -10.89
N3 ADP J . -18.93 -9.17 -10.84
C4 ADP J . -19.89 -10.00 -10.41
H5'1 ADP J . -23.96 -5.49 -12.26
H5'2 ADP J . -24.77 -7.07 -12.22
H4' ADP J . -23.64 -6.98 -9.73
H3' ADP J . -21.59 -5.64 -11.55
H2' ADP J . -20.09 -7.26 -10.74
HO2' ADP J . -19.82 -6.19 -8.82
H1' ADP J . -22.39 -8.45 -9.13
H8 ADP J . -22.86 -10.97 -9.62
HN61 ADP J . -18.83 -13.69 -9.32
HN62 ADP J . -17.15 -13.40 -9.78
H2 ADP J . -16.91 -9.20 -11.25
PB ADP K . 13.48 -3.47 -35.85
O1B ADP K . 12.38 -3.75 -36.86
O2B ADP K . 12.90 -2.87 -34.56
O3B ADP K . 14.31 -4.67 -35.60
PA ADP K . 14.91 -0.93 -35.96
O1A ADP K . 14.48 0.18 -36.83
O2A ADP K . 14.33 -0.75 -34.55
O3A ADP K . 14.36 -2.31 -36.52
O5' ADP K . 16.50 -1.08 -35.84
C5' ADP K . 17.15 -1.90 -34.84
C4' ADP K . 17.86 -1.01 -33.85
O4' ADP K . 18.94 -0.30 -34.50
C3' ADP K . 17.01 0.08 -33.21
O3' ADP K . 16.28 -0.43 -32.10
C2' ADP K . 18.07 1.10 -32.80
O2' ADP K . 18.70 0.75 -31.57
C1' ADP K . 19.06 1.01 -33.97
N9 ADP K . 18.81 1.97 -35.04
C8 ADP K . 17.93 1.82 -36.09
N7 ADP K . 17.91 2.85 -36.91
C5 ADP K . 18.83 3.73 -36.35
C6 ADP K . 19.25 5.02 -36.73
N6 ADP K . 18.78 5.68 -37.80
N1 ADP K . 20.17 5.64 -35.95
C2 ADP K . 20.62 4.99 -34.87
N3 ADP K . 20.30 3.78 -34.41
C4 ADP K . 19.39 3.20 -35.20
H5'1 ADP K . 16.45 -2.56 -34.36
H5'2 ADP K . 17.86 -2.48 -35.43
H4' ADP K . 18.37 -1.61 -33.10
H3' ADP K . 16.29 0.48 -33.92
H2' ADP K . 17.62 2.10 -32.73
HO2' ADP K . 17.97 0.75 -30.89
H1' ADP K . 20.08 1.15 -33.64
H8 ADP K . 17.32 0.94 -36.23
HN61 ADP K . 18.07 5.25 -38.39
HN62 ADP K . 19.12 6.61 -38.01
H2 ADP K . 21.36 5.54 -34.29
MG MG L . 12.64 -1.26 -32.88
#